data_9E4W
#
_entry.id   9E4W
#
_cell.length_a   54.284
_cell.length_b   56.496
_cell.length_c   167.581
_cell.angle_alpha   87.529
_cell.angle_beta   89.020
_cell.angle_gamma   81.580
#
_symmetry.space_group_name_H-M   'P 1'
#
loop_
_entity.id
_entity.type
_entity.pdbx_description
1 polymer 'anti-CBASS 4 (Acb4)'
2 non-polymer "2-amino-9-[(2R,3R,3aS,5R,7aR,9R,10R,10aS,12R,14aR)-9-(6-amino-9H-purin-9-yl)-3,5,10,12-tetrahydroxy-5,12-dioxidooctahydro-2H,7H-difuro[3,2-d:3',2'-j][1,3,7,9,2,8]tetraoxadiphosphacyclododecin-2-yl]-1,9-dihydro-6H-purin-6-one"
3 water water
#
_entity_poly.entity_id   1
_entity_poly.type   'polypeptide(L)'
_entity_poly.pdbx_seq_one_letter_code
;SMKINAENFECLRESKLKRKVYEDLVKEATFVRVSPKSTVCVVTDHNSFEVIGTSSVYKVENFNDEIGRDTALSQALDSF
IKFLAYSGELSDVLENI
;
_entity_poly.pdbx_strand_id   A,B,C,D,E,F,G,H,I,J,K,L,M,N,O,P,Q,R,S,T
#
# COMPACT_ATOMS: atom_id res chain seq x y z
N LYS A 3 -45.07 3.16 6.73
CA LYS A 3 -43.64 2.90 6.70
C LYS A 3 -43.26 2.13 5.43
N ILE A 4 -42.11 2.49 4.86
CA ILE A 4 -41.65 1.85 3.63
C ILE A 4 -40.80 0.63 3.98
N ASN A 5 -40.30 -0.06 2.95
CA ASN A 5 -39.56 -1.29 3.17
C ASN A 5 -38.23 -1.01 3.87
N ALA A 6 -37.82 -1.96 4.71
CA ALA A 6 -36.60 -1.79 5.50
C ALA A 6 -35.35 -1.73 4.63
N GLU A 7 -35.43 -2.18 3.38
CA GLU A 7 -34.27 -2.12 2.49
C GLU A 7 -33.88 -0.69 2.13
N ASN A 8 -34.76 0.27 2.34
CA ASN A 8 -34.45 1.66 2.00
C ASN A 8 -33.50 2.32 2.98
N PHE A 9 -33.44 1.84 4.22
CA PHE A 9 -32.72 2.52 5.29
C PHE A 9 -31.41 1.80 5.57
N GLU A 10 -30.30 2.54 5.47
CA GLU A 10 -28.99 1.93 5.68
C GLU A 10 -28.79 1.52 7.13
N CYS A 11 -29.44 2.20 8.07
CA CYS A 11 -29.31 1.83 9.48
C CYS A 11 -29.99 0.49 9.76
N LEU A 12 -31.02 0.15 8.99
CA LEU A 12 -31.71 -1.13 9.16
C LEU A 12 -30.94 -2.27 8.51
N ARG A 13 -30.15 -1.98 7.47
CA ARG A 13 -29.38 -3.03 6.82
C ARG A 13 -28.18 -3.46 7.65
N GLU A 14 -27.63 -2.55 8.45
CA GLU A 14 -26.44 -2.84 9.25
C GLU A 14 -26.78 -3.25 10.68
N SER A 15 -28.05 -3.21 11.07
CA SER A 15 -28.46 -3.55 12.44
C SER A 15 -29.59 -4.56 12.37
N LYS A 16 -29.32 -5.79 12.81
CA LYS A 16 -30.37 -6.79 12.88
C LYS A 16 -31.44 -6.39 13.91
N LEU A 17 -31.01 -5.82 15.04
CA LEU A 17 -31.95 -5.44 16.08
C LEU A 17 -32.88 -4.34 15.58
N LYS A 18 -32.32 -3.29 14.98
CA LYS A 18 -33.15 -2.17 14.51
C LYS A 18 -34.10 -2.64 13.41
N ARG A 19 -33.63 -3.50 12.51
CA ARG A 19 -34.49 -3.98 11.43
C ARG A 19 -35.66 -4.79 11.98
N LYS A 20 -35.40 -5.64 12.97
CA LYS A 20 -36.48 -6.44 13.56
C LYS A 20 -37.49 -5.57 14.28
N VAL A 21 -37.02 -4.58 15.04
CA VAL A 21 -37.92 -3.64 15.70
C VAL A 21 -38.75 -2.89 14.68
N TYR A 22 -38.13 -2.49 13.57
CA TYR A 22 -38.81 -1.69 12.55
C TYR A 22 -39.95 -2.46 11.92
N GLU A 23 -39.72 -3.73 11.57
CA GLU A 23 -40.72 -4.48 10.82
C GLU A 23 -41.81 -5.06 11.71
N ASP A 24 -41.50 -5.37 12.97
CA ASP A 24 -42.45 -6.03 13.85
C ASP A 24 -43.18 -5.09 14.80
N LEU A 25 -42.50 -4.05 15.30
CA LEU A 25 -43.05 -3.24 16.37
C LEU A 25 -43.35 -1.80 15.98
N VAL A 26 -43.03 -1.39 14.75
CA VAL A 26 -43.32 -0.05 14.26
C VAL A 26 -44.62 -0.09 13.48
N LYS A 27 -45.62 0.67 13.92
CA LYS A 27 -46.89 0.72 13.21
C LYS A 27 -46.84 1.72 12.05
N GLU A 28 -46.35 2.93 12.32
CA GLU A 28 -46.21 3.95 11.30
C GLU A 28 -44.91 4.73 11.54
N ALA A 29 -44.37 5.27 10.45
CA ALA A 29 -43.14 6.06 10.51
C ALA A 29 -43.27 7.21 9.54
N THR A 30 -43.20 8.44 10.07
CA THR A 30 -43.33 9.63 9.26
C THR A 30 -42.03 10.44 9.31
N PHE A 31 -41.71 11.09 8.20
CA PHE A 31 -40.51 11.91 8.08
C PHE A 31 -40.90 13.30 7.59
N VAL A 32 -40.37 14.32 8.26
CA VAL A 32 -40.65 15.71 7.90
C VAL A 32 -39.34 16.48 7.92
N ARG A 33 -39.11 17.29 6.88
CA ARG A 33 -38.02 18.25 6.86
C ARG A 33 -38.53 19.54 7.47
N VAL A 34 -38.14 19.80 8.72
CA VAL A 34 -38.67 20.93 9.46
C VAL A 34 -37.85 22.21 9.30
N SER A 35 -36.72 22.14 8.61
CA SER A 35 -35.80 23.27 8.55
C SER A 35 -34.83 23.02 7.40
N PRO A 36 -34.01 24.01 7.03
CA PRO A 36 -33.02 23.79 5.96
C PRO A 36 -32.06 22.65 6.25
N LYS A 37 -31.75 22.35 7.51
CA LYS A 37 -30.72 21.37 7.83
C LYS A 37 -31.24 20.12 8.53
N SER A 38 -32.44 20.15 9.10
CA SER A 38 -32.87 19.09 10.00
C SER A 38 -34.04 18.28 9.44
N THR A 39 -34.01 16.98 9.69
CA THR A 39 -35.09 16.06 9.39
C THR A 39 -35.60 15.47 10.69
N VAL A 40 -36.92 15.33 10.81
CA VAL A 40 -37.55 14.77 12.00
C VAL A 40 -38.26 13.48 11.61
N CYS A 41 -37.98 12.40 12.33
CA CYS A 41 -38.65 11.13 12.15
C CYS A 41 -39.45 10.81 13.40
N VAL A 42 -40.72 10.44 13.21
CA VAL A 42 -41.59 10.03 14.30
C VAL A 42 -42.03 8.59 14.02
N VAL A 43 -41.76 7.70 14.96
CA VAL A 43 -42.13 6.29 14.88
C VAL A 43 -43.19 6.01 15.94
N THR A 44 -44.23 5.25 15.55
CA THR A 44 -45.29 4.86 16.46
C THR A 44 -45.36 3.34 16.58
N ASP A 45 -45.74 2.87 17.78
CA ASP A 45 -45.96 1.45 18.03
C ASP A 45 -47.44 1.14 17.85
N HIS A 46 -47.87 -0.08 18.19
CA HIS A 46 -49.29 -0.43 18.01
C HIS A 46 -50.21 0.39 18.92
N ASN A 47 -49.69 0.96 20.00
CA ASN A 47 -50.47 1.81 20.88
C ASN A 47 -50.39 3.28 20.49
N SER A 48 -49.82 3.57 19.32
CA SER A 48 -49.66 4.92 18.80
C SER A 48 -48.83 5.80 19.72
N PHE A 49 -47.93 5.19 20.48
CA PHE A 49 -46.95 5.94 21.25
C PHE A 49 -45.84 6.40 20.31
N GLU A 50 -45.48 7.68 20.40
CA GLU A 50 -44.59 8.31 19.44
C GLU A 50 -43.16 8.34 19.95
N VAL A 51 -42.22 7.93 19.10
CA VAL A 51 -40.80 7.98 19.40
C VAL A 51 -40.12 8.82 18.33
N ILE A 52 -39.40 9.85 18.76
CA ILE A 52 -38.90 10.90 17.88
C ILE A 52 -37.38 10.77 17.72
N GLY A 53 -36.92 10.95 16.49
CA GLY A 53 -35.50 11.07 16.22
C GLY A 53 -35.27 12.16 15.21
N THR A 54 -34.11 12.82 15.31
CA THR A 54 -33.78 13.94 14.44
C THR A 54 -32.38 13.77 13.88
N SER A 55 -32.12 14.50 12.80
CA SER A 55 -30.79 14.60 12.20
C SER A 55 -30.59 16.04 11.75
N SER A 56 -29.33 16.48 11.69
CA SER A 56 -29.02 17.85 11.30
C SER A 56 -27.71 17.85 10.53
N VAL A 57 -27.79 18.11 9.22
CA VAL A 57 -26.59 18.13 8.40
C VAL A 57 -25.79 19.40 8.71
N TYR A 58 -24.46 19.26 8.68
CA TYR A 58 -23.59 20.38 9.03
C TYR A 58 -23.54 21.42 7.90
N LYS A 59 -23.39 20.96 6.67
CA LYS A 59 -23.34 21.82 5.50
C LYS A 59 -24.69 21.74 4.80
N VAL A 60 -25.44 22.85 4.85
CA VAL A 60 -26.81 22.85 4.33
C VAL A 60 -26.84 22.62 2.83
N GLU A 61 -25.76 22.95 2.12
CA GLU A 61 -25.71 22.71 0.69
C GLU A 61 -25.56 21.24 0.35
N ASN A 62 -25.24 20.39 1.32
CA ASN A 62 -25.12 18.95 1.11
C ASN A 62 -26.37 18.20 1.55
N PHE A 63 -27.49 18.91 1.76
CA PHE A 63 -28.70 18.27 2.25
C PHE A 63 -29.20 17.23 1.27
N ASN A 64 -29.62 16.08 1.79
CA ASN A 64 -30.13 14.99 1.00
C ASN A 64 -31.24 14.30 1.79
N ASP A 65 -32.43 14.21 1.20
CA ASP A 65 -33.60 13.71 1.93
C ASP A 65 -33.37 12.29 2.45
N GLU A 66 -32.73 11.44 1.65
CA GLU A 66 -32.59 10.04 2.04
C GLU A 66 -31.68 9.89 3.26
N ILE A 67 -30.52 10.51 3.23
CA ILE A 67 -29.59 10.39 4.36
C ILE A 67 -30.20 11.01 5.61
N GLY A 68 -30.93 12.11 5.46
CA GLY A 68 -31.58 12.72 6.61
C GLY A 68 -32.62 11.83 7.24
N ARG A 69 -33.41 11.14 6.41
CA ARG A 69 -34.41 10.22 6.93
C ARG A 69 -33.75 9.02 7.60
N ASP A 70 -32.71 8.47 6.97
CA ASP A 70 -32.03 7.31 7.55
C ASP A 70 -31.37 7.65 8.87
N THR A 71 -30.76 8.84 8.97
CA THR A 71 -30.12 9.23 10.23
C THR A 71 -31.15 9.53 11.30
N ALA A 72 -32.27 10.16 10.93
CA ALA A 72 -33.31 10.46 11.91
C ALA A 72 -34.00 9.18 12.38
N LEU A 73 -34.25 8.24 11.48
CA LEU A 73 -34.85 6.97 11.87
C LEU A 73 -33.94 6.20 12.81
N SER A 74 -32.62 6.25 12.56
CA SER A 74 -31.68 5.52 13.40
C SER A 74 -31.71 6.01 14.84
N GLN A 75 -31.75 7.32 15.04
CA GLN A 75 -31.87 7.86 16.39
C GLN A 75 -33.22 7.51 17.01
N ALA A 76 -34.29 7.53 16.19
CA ALA A 76 -35.61 7.20 16.70
C ALA A 76 -35.66 5.76 17.21
N LEU A 77 -35.00 4.84 16.51
CA LEU A 77 -35.01 3.45 16.94
C LEU A 77 -34.11 3.23 18.16
N ASP A 78 -33.06 4.04 18.30
CA ASP A 78 -32.26 4.01 19.52
C ASP A 78 -33.13 4.28 20.74
N SER A 79 -34.00 5.30 20.66
CA SER A 79 -34.88 5.60 21.78
C SER A 79 -35.96 4.54 21.94
N PHE A 80 -36.45 4.01 20.81
CA PHE A 80 -37.45 2.94 20.88
C PHE A 80 -36.90 1.73 21.62
N ILE A 81 -35.63 1.39 21.37
CA ILE A 81 -35.02 0.25 22.06
C ILE A 81 -34.94 0.51 23.56
N LYS A 82 -34.77 1.77 23.97
CA LYS A 82 -34.83 2.09 25.40
C LYS A 82 -36.21 1.78 25.98
N PHE A 83 -37.27 2.14 25.24
CA PHE A 83 -38.62 1.83 25.72
C PHE A 83 -38.86 0.33 25.73
N LEU A 84 -38.35 -0.40 24.73
CA LEU A 84 -38.51 -1.85 24.72
C LEU A 84 -37.74 -2.51 25.85
N ALA A 85 -36.61 -1.90 26.27
CA ALA A 85 -35.90 -2.43 27.43
C ALA A 85 -36.67 -2.17 28.71
N TYR A 86 -37.40 -1.06 28.80
CA TYR A 86 -38.15 -0.74 30.00
C TYR A 86 -39.31 -1.72 30.20
N SER A 87 -40.04 -2.03 29.13
CA SER A 87 -41.18 -2.94 29.23
C SER A 87 -40.77 -4.41 29.22
N GLY A 88 -39.52 -4.72 28.86
CA GLY A 88 -39.08 -6.09 28.75
C GLY A 88 -39.35 -6.73 27.40
N GLU A 89 -40.11 -6.07 26.53
CA GLU A 89 -40.38 -6.62 25.20
C GLU A 89 -39.12 -6.68 24.33
N LEU A 90 -38.03 -6.03 24.74
CA LEU A 90 -36.76 -6.19 24.04
C LEU A 90 -36.31 -7.64 24.03
N SER A 91 -36.60 -8.37 25.11
CA SER A 91 -36.25 -9.79 25.14
C SER A 91 -36.98 -10.58 24.06
N ASP A 92 -38.22 -10.19 23.75
CA ASP A 92 -38.96 -10.85 22.68
C ASP A 92 -38.31 -10.60 21.33
N VAL A 93 -37.81 -9.38 21.11
CA VAL A 93 -37.13 -9.08 19.85
C VAL A 93 -35.84 -9.87 19.75
N LEU A 94 -35.07 -9.93 20.84
CA LEU A 94 -33.78 -10.61 20.82
C LEU A 94 -33.94 -12.09 20.50
N GLU A 95 -35.00 -12.72 21.01
CA GLU A 95 -35.19 -14.15 20.75
C GLU A 95 -35.59 -14.43 19.31
N ASN A 96 -36.08 -13.44 18.58
CA ASN A 96 -36.59 -13.63 17.22
C ASN A 96 -35.59 -13.19 16.17
N ILE A 97 -34.31 -13.15 16.48
CA ILE A 97 -33.31 -12.85 15.47
C ILE A 97 -32.51 -14.12 15.23
N ILE B 4 -41.85 35.48 16.19
CA ILE B 4 -43.00 35.63 17.06
C ILE B 4 -42.59 36.40 18.31
N ASN B 5 -43.45 37.29 18.77
CA ASN B 5 -43.13 38.11 19.93
C ASN B 5 -43.06 37.25 21.19
N ALA B 6 -42.07 37.55 22.05
CA ALA B 6 -41.77 36.71 23.20
C ALA B 6 -42.91 36.66 24.22
N GLU B 7 -43.81 37.65 24.22
CA GLU B 7 -44.89 37.68 25.20
C GLU B 7 -45.90 36.55 24.99
N ASN B 8 -45.89 35.89 23.83
CA ASN B 8 -46.83 34.81 23.56
C ASN B 8 -46.46 33.50 24.24
N PHE B 9 -45.25 33.38 24.76
CA PHE B 9 -44.76 32.14 25.34
C PHE B 9 -44.68 32.26 26.85
N GLU B 10 -45.33 31.34 27.57
CA GLU B 10 -45.31 31.37 29.02
C GLU B 10 -43.91 31.07 29.56
N CYS B 11 -43.14 30.22 28.87
CA CYS B 11 -41.81 29.89 29.35
C CYS B 11 -40.88 31.10 29.28
N LEU B 12 -41.13 32.03 28.37
CA LEU B 12 -40.35 33.26 28.32
C LEU B 12 -40.83 34.27 29.34
N ARG B 13 -42.13 34.30 29.64
CA ARG B 13 -42.63 35.22 30.67
C ARG B 13 -42.20 34.80 32.07
N GLU B 14 -41.78 33.55 32.25
CA GLU B 14 -41.39 33.04 33.55
C GLU B 14 -39.89 32.92 33.75
N SER B 15 -39.09 33.12 32.69
CA SER B 15 -37.64 32.99 32.78
C SER B 15 -36.99 34.19 32.13
N LYS B 16 -36.33 35.02 32.95
CA LYS B 16 -35.55 36.13 32.41
C LYS B 16 -34.40 35.61 31.54
N LEU B 17 -33.80 34.49 31.94
CA LEU B 17 -32.69 33.94 31.18
C LEU B 17 -33.13 33.52 29.79
N LYS B 18 -34.23 32.77 29.69
CA LYS B 18 -34.68 32.28 28.39
C LYS B 18 -35.22 33.40 27.52
N ARG B 19 -35.94 34.35 28.12
CA ARG B 19 -36.44 35.48 27.34
C ARG B 19 -35.31 36.37 26.84
N LYS B 20 -34.24 36.51 27.63
CA LYS B 20 -33.08 37.27 27.17
C LYS B 20 -32.38 36.55 26.02
N VAL B 21 -32.32 35.22 26.08
CA VAL B 21 -31.72 34.46 24.99
C VAL B 21 -32.59 34.55 23.74
N TYR B 22 -33.91 34.52 23.91
CA TYR B 22 -34.82 34.50 22.77
C TYR B 22 -34.75 35.79 21.97
N GLU B 23 -34.62 36.93 22.65
CA GLU B 23 -34.65 38.22 21.97
C GLU B 23 -33.27 38.67 21.49
N ASP B 24 -32.19 38.26 22.16
CA ASP B 24 -30.85 38.69 21.80
C ASP B 24 -30.11 37.70 20.92
N LEU B 25 -30.31 36.40 21.12
CA LEU B 25 -29.51 35.39 20.45
C LEU B 25 -30.29 34.46 19.54
N VAL B 26 -31.62 34.46 19.61
CA VAL B 26 -32.43 33.63 18.74
C VAL B 26 -32.84 34.44 17.53
N LYS B 27 -32.47 33.96 16.34
CA LYS B 27 -32.85 34.66 15.11
C LYS B 27 -34.27 34.30 14.69
N GLU B 28 -34.64 33.03 14.81
CA GLU B 28 -35.95 32.57 14.38
C GLU B 28 -36.29 31.27 15.12
N ALA B 29 -37.58 31.07 15.36
CA ALA B 29 -38.07 29.84 15.98
C ALA B 29 -39.38 29.45 15.30
N THR B 30 -39.36 28.35 14.56
CA THR B 30 -40.53 27.85 13.85
C THR B 30 -41.10 26.64 14.59
N PHE B 31 -42.37 26.35 14.30
CA PHE B 31 -43.10 25.28 14.97
C PHE B 31 -43.84 24.44 13.95
N VAL B 32 -43.70 23.12 14.07
CA VAL B 32 -44.35 22.16 13.19
C VAL B 32 -44.99 21.08 14.05
N ARG B 33 -46.28 20.81 13.82
CA ARG B 33 -46.95 19.66 14.42
C ARG B 33 -46.70 18.47 13.52
N VAL B 34 -45.72 17.63 13.92
CA VAL B 34 -45.29 16.52 13.07
C VAL B 34 -46.09 15.24 13.26
N SER B 35 -46.98 15.20 14.26
CA SER B 35 -47.70 13.98 14.59
C SER B 35 -48.92 14.37 15.42
N PRO B 36 -49.85 13.44 15.66
CA PRO B 36 -51.01 13.78 16.48
C PRO B 36 -50.66 14.31 17.87
N LYS B 37 -49.50 13.93 18.42
CA LYS B 37 -49.16 14.27 19.80
C LYS B 37 -47.95 15.17 19.95
N SER B 38 -47.07 15.26 18.95
CA SER B 38 -45.78 15.92 19.11
C SER B 38 -45.70 17.22 18.32
N THR B 39 -45.11 18.23 18.95
CA THR B 39 -44.78 19.50 18.32
C THR B 39 -43.26 19.65 18.29
N VAL B 40 -42.74 20.13 17.17
CA VAL B 40 -41.31 20.33 16.99
C VAL B 40 -41.04 21.83 16.87
N CYS B 41 -40.06 22.32 17.62
CA CYS B 41 -39.62 23.71 17.53
C CYS B 41 -38.17 23.73 17.06
N VAL B 42 -37.90 24.56 16.05
CA VAL B 42 -36.55 24.70 15.50
C VAL B 42 -36.09 26.13 15.78
N VAL B 43 -35.17 26.27 16.72
CA VAL B 43 -34.55 27.55 17.01
C VAL B 43 -33.27 27.69 16.18
N THR B 44 -33.12 28.84 15.54
CA THR B 44 -31.91 29.17 14.79
C THR B 44 -31.26 30.40 15.39
N ASP B 45 -29.94 30.36 15.52
CA ASP B 45 -29.18 31.52 15.95
C ASP B 45 -28.83 32.38 14.74
N HIS B 46 -28.06 33.44 14.96
CA HIS B 46 -27.70 34.35 13.88
C HIS B 46 -26.67 33.76 12.94
N ASN B 47 -26.09 32.60 13.26
CA ASN B 47 -25.24 31.86 12.35
C ASN B 47 -25.98 30.70 11.68
N SER B 48 -27.31 30.68 11.77
CA SER B 48 -28.17 29.66 11.17
C SER B 48 -27.96 28.27 11.77
N PHE B 49 -27.33 28.18 12.94
CA PHE B 49 -27.24 26.91 13.63
C PHE B 49 -28.59 26.57 14.26
N GLU B 50 -29.02 25.32 14.10
CA GLU B 50 -30.37 24.90 14.46
C GLU B 50 -30.35 24.14 15.79
N VAL B 51 -31.29 24.49 16.67
CA VAL B 51 -31.48 23.80 17.94
C VAL B 51 -32.93 23.34 17.99
N ILE B 52 -33.13 22.04 18.15
CA ILE B 52 -34.46 21.42 18.04
C ILE B 52 -34.98 21.10 19.44
N GLY B 53 -36.23 21.43 19.68
CA GLY B 53 -36.92 21.01 20.90
C GLY B 53 -38.27 20.43 20.56
N THR B 54 -38.67 19.42 21.32
CA THR B 54 -39.92 18.72 21.05
C THR B 54 -40.75 18.62 22.32
N SER B 55 -42.05 18.39 22.12
CA SER B 55 -42.98 18.16 23.22
C SER B 55 -44.04 17.18 22.75
N SER B 56 -44.45 16.28 23.63
CA SER B 56 -45.44 15.26 23.29
C SER B 56 -46.47 15.19 24.42
N VAL B 57 -47.73 15.50 24.09
CA VAL B 57 -48.81 15.44 25.07
C VAL B 57 -49.18 13.98 25.30
N TYR B 58 -49.51 13.65 26.56
CA TYR B 58 -49.83 12.26 26.90
C TYR B 58 -51.19 11.87 26.34
N LYS B 59 -52.22 12.69 26.57
CA LYS B 59 -53.56 12.44 26.04
C LYS B 59 -53.76 13.32 24.81
N VAL B 60 -53.91 12.68 23.64
CA VAL B 60 -53.98 13.42 22.39
C VAL B 60 -55.27 14.25 22.32
N GLU B 61 -56.32 13.83 23.02
CA GLU B 61 -57.56 14.59 23.04
C GLU B 61 -57.40 15.96 23.68
N ASN B 62 -56.36 16.14 24.50
CA ASN B 62 -56.08 17.40 25.16
C ASN B 62 -55.03 18.23 24.41
N PHE B 63 -54.78 17.93 23.14
CA PHE B 63 -53.78 18.67 22.40
C PHE B 63 -54.15 20.15 22.32
N ASN B 64 -53.16 21.00 22.55
CA ASN B 64 -53.33 22.45 22.53
C ASN B 64 -52.13 23.05 21.83
N ASP B 65 -52.38 23.85 20.79
CA ASP B 65 -51.28 24.41 19.99
C ASP B 65 -50.39 25.32 20.84
N GLU B 66 -50.98 26.14 21.70
CA GLU B 66 -50.18 27.07 22.51
C GLU B 66 -49.27 26.31 23.46
N ILE B 67 -49.82 25.37 24.22
CA ILE B 67 -49.00 24.62 25.18
C ILE B 67 -47.97 23.78 24.45
N GLY B 68 -48.35 23.19 23.31
CA GLY B 68 -47.39 22.39 22.56
C GLY B 68 -46.20 23.19 22.09
N ARG B 69 -46.44 24.40 21.57
CA ARG B 69 -45.34 25.24 21.12
C ARG B 69 -44.52 25.77 22.29
N ASP B 70 -45.20 26.21 23.36
CA ASP B 70 -44.49 26.75 24.51
C ASP B 70 -43.60 25.71 25.16
N THR B 71 -44.10 24.46 25.27
CA THR B 71 -43.29 23.40 25.85
C THR B 71 -42.14 23.03 24.94
N ALA B 72 -42.37 23.01 23.62
CA ALA B 72 -41.30 22.66 22.69
C ALA B 72 -40.24 23.76 22.63
N LEU B 73 -40.65 25.02 22.65
CA LEU B 73 -39.68 26.12 22.68
C LEU B 73 -38.88 26.09 23.97
N SER B 74 -39.54 25.86 25.10
CA SER B 74 -38.82 25.79 26.38
C SER B 74 -37.79 24.68 26.38
N GLN B 75 -38.12 23.54 25.76
CA GLN B 75 -37.16 22.46 25.63
C GLN B 75 -36.01 22.86 24.70
N ALA B 76 -36.34 23.54 23.60
CA ALA B 76 -35.31 23.95 22.64
C ALA B 76 -34.35 24.95 23.28
N LEU B 77 -34.87 25.88 24.08
CA LEU B 77 -33.99 26.87 24.72
C LEU B 77 -33.12 26.24 25.78
N ASP B 78 -33.60 25.18 26.45
CA ASP B 78 -32.75 24.47 27.40
C ASP B 78 -31.49 23.93 26.71
N SER B 79 -31.64 23.40 25.49
CA SER B 79 -30.49 22.90 24.76
C SER B 79 -29.60 24.05 24.27
N PHE B 80 -30.22 25.17 23.88
CA PHE B 80 -29.44 26.32 23.42
C PHE B 80 -28.52 26.83 24.53
N ILE B 81 -28.99 26.82 25.78
CA ILE B 81 -28.18 27.28 26.90
C ILE B 81 -26.92 26.44 27.04
N LYS B 82 -27.01 25.14 26.72
CA LYS B 82 -25.82 24.30 26.75
C LYS B 82 -24.79 24.78 25.73
N PHE B 83 -25.24 25.10 24.52
CA PHE B 83 -24.34 25.65 23.51
C PHE B 83 -23.78 27.00 23.93
N LEU B 84 -24.58 27.80 24.64
CA LEU B 84 -24.09 29.08 25.15
C LEU B 84 -23.08 28.89 26.27
N ALA B 85 -23.21 27.81 27.04
CA ALA B 85 -22.21 27.53 28.07
C ALA B 85 -20.91 27.04 27.46
N TYR B 86 -20.98 26.34 26.33
CA TYR B 86 -19.77 25.83 25.69
C TYR B 86 -18.90 26.97 25.15
N SER B 87 -19.52 27.91 24.44
CA SER B 87 -18.78 29.03 23.88
C SER B 87 -18.50 30.14 24.88
N GLY B 88 -18.96 30.00 26.12
CA GLY B 88 -18.88 31.07 27.09
C GLY B 88 -19.82 32.22 26.85
N GLU B 89 -20.64 32.15 25.81
CA GLU B 89 -21.57 33.22 25.50
C GLU B 89 -22.67 33.33 26.54
N LEU B 90 -22.87 32.30 27.36
CA LEU B 90 -23.82 32.39 28.46
C LEU B 90 -23.43 33.46 29.46
N SER B 91 -22.14 33.73 29.61
CA SER B 91 -21.70 34.79 30.52
C SER B 91 -22.17 36.15 30.05
N ASP B 92 -22.26 36.37 28.73
CA ASP B 92 -22.76 37.63 28.21
C ASP B 92 -24.25 37.79 28.47
N VAL B 93 -25.00 36.68 28.42
CA VAL B 93 -26.42 36.75 28.75
C VAL B 93 -26.61 37.10 30.22
N LEU B 94 -25.79 36.50 31.09
CA LEU B 94 -25.88 36.79 32.52
C LEU B 94 -25.52 38.24 32.84
N GLU B 95 -24.83 38.93 31.92
CA GLU B 95 -24.55 40.36 32.11
C GLU B 95 -25.81 41.19 31.98
N ASN B 96 -26.80 40.72 31.23
CA ASN B 96 -27.98 41.53 30.91
C ASN B 96 -29.21 41.12 31.70
N ILE B 97 -29.08 40.23 32.68
CA ILE B 97 -30.20 39.87 33.53
C ILE B 97 -29.82 39.98 35.00
N ILE C 4 -6.46 8.35 28.23
CA ILE C 4 -5.54 7.33 27.76
C ILE C 4 -5.41 7.42 26.24
N ASN C 5 -4.60 6.52 25.67
CA ASN C 5 -4.33 6.58 24.25
C ASN C 5 -5.57 6.21 23.43
N ALA C 6 -5.67 6.80 22.24
CA ALA C 6 -6.88 6.66 21.44
C ALA C 6 -7.07 5.23 20.93
N GLU C 7 -5.98 4.49 20.73
CA GLU C 7 -6.08 3.15 20.17
C GLU C 7 -6.76 2.16 21.10
N ASN C 8 -6.95 2.51 22.37
CA ASN C 8 -7.60 1.60 23.30
C ASN C 8 -9.10 1.47 23.06
N PHE C 9 -9.71 2.44 22.37
CA PHE C 9 -11.15 2.47 22.17
C PHE C 9 -11.50 2.01 20.77
N GLU C 10 -12.48 1.11 20.67
CA GLU C 10 -12.87 0.58 19.37
C GLU C 10 -13.55 1.64 18.52
N CYS C 11 -14.38 2.49 19.13
CA CYS C 11 -15.07 3.51 18.37
C CYS C 11 -14.11 4.52 17.77
N LEU C 12 -12.94 4.71 18.40
CA LEU C 12 -11.93 5.60 17.85
C LEU C 12 -11.15 4.95 16.71
N ARG C 13 -10.98 3.63 16.75
CA ARG C 13 -10.30 2.94 15.67
C ARG C 13 -11.19 2.83 14.43
N GLU C 14 -12.51 2.83 14.62
CA GLU C 14 -13.47 2.68 13.52
C GLU C 14 -13.99 4.02 12.99
N SER C 15 -13.58 5.13 13.59
CA SER C 15 -14.05 6.46 13.17
C SER C 15 -12.88 7.43 13.23
N LYS C 16 -12.35 7.81 12.07
CA LYS C 16 -11.24 8.75 12.05
C LYS C 16 -11.66 10.16 12.46
N LEU C 17 -12.94 10.49 12.31
CA LEU C 17 -13.42 11.78 12.79
C LEU C 17 -13.41 11.84 14.31
N LYS C 18 -13.93 10.80 14.97
CA LYS C 18 -13.94 10.77 16.42
C LYS C 18 -12.55 10.62 17.00
N ARG C 19 -11.67 9.87 16.33
CA ARG C 19 -10.29 9.78 16.78
C ARG C 19 -9.58 11.12 16.67
N LYS C 20 -9.82 11.85 15.58
CA LYS C 20 -9.19 13.15 15.40
C LYS C 20 -9.67 14.15 16.45
N VAL C 21 -10.97 14.14 16.74
CA VAL C 21 -11.51 15.02 17.78
C VAL C 21 -10.95 14.63 19.15
N TYR C 22 -10.82 13.32 19.41
CA TYR C 22 -10.31 12.86 20.70
C TYR C 22 -8.85 13.23 20.88
N GLU C 23 -8.04 13.05 19.83
CA GLU C 23 -6.60 13.29 19.96
C GLU C 23 -6.30 14.78 20.15
N ASP C 24 -7.03 15.64 19.47
CA ASP C 24 -6.70 17.06 19.41
C ASP C 24 -7.57 17.94 20.31
N LEU C 25 -8.87 17.65 20.41
CA LEU C 25 -9.79 18.55 21.08
C LEU C 25 -10.26 18.07 22.45
N VAL C 26 -9.94 16.84 22.84
CA VAL C 26 -10.33 16.31 24.14
C VAL C 26 -9.17 16.50 25.10
N LYS C 27 -9.44 17.16 26.22
CA LYS C 27 -8.42 17.30 27.26
C LYS C 27 -8.36 16.06 28.15
N GLU C 28 -9.51 15.62 28.66
CA GLU C 28 -9.59 14.45 29.51
C GLU C 28 -10.87 13.69 29.21
N ALA C 29 -10.80 12.36 29.33
CA ALA C 29 -11.94 11.48 29.16
C ALA C 29 -11.94 10.47 30.30
N THR C 30 -12.84 10.64 31.26
CA THR C 30 -12.94 9.79 32.43
C THR C 30 -14.24 9.01 32.39
N PHE C 31 -14.23 7.85 33.05
CA PHE C 31 -15.37 6.94 33.06
C PHE C 31 -15.72 6.57 34.49
N VAL C 32 -17.01 6.45 34.77
CA VAL C 32 -17.52 6.09 36.09
C VAL C 32 -18.67 5.12 35.92
N ARG C 33 -18.60 3.98 36.60
CA ARG C 33 -19.73 3.07 36.68
C ARG C 33 -20.68 3.58 37.76
N VAL C 34 -21.81 4.14 37.34
CA VAL C 34 -22.74 4.79 38.27
C VAL C 34 -23.80 3.84 38.81
N SER C 35 -23.92 2.64 38.26
CA SER C 35 -25.00 1.72 38.62
C SER C 35 -24.62 0.33 38.11
N PRO C 36 -25.38 -0.70 38.49
CA PRO C 36 -25.05 -2.06 38.01
C PRO C 36 -25.07 -2.19 36.50
N LYS C 37 -25.79 -1.34 35.77
CA LYS C 37 -25.94 -1.49 34.34
C LYS C 37 -25.36 -0.34 33.52
N SER C 38 -25.09 0.82 34.11
CA SER C 38 -24.77 2.01 33.35
C SER C 38 -23.35 2.49 33.60
N THR C 39 -22.75 3.06 32.56
CA THR C 39 -21.43 3.68 32.62
C THR C 39 -21.53 5.09 32.08
N VAL C 40 -20.91 6.04 32.77
CA VAL C 40 -20.91 7.44 32.38
C VAL C 40 -19.51 7.83 31.92
N CYS C 41 -19.44 8.48 30.76
CA CYS C 41 -18.20 9.05 30.24
C CYS C 41 -18.30 10.56 30.26
N VAL C 42 -17.29 11.22 30.81
CA VAL C 42 -17.24 12.69 30.89
C VAL C 42 -16.05 13.14 30.04
N VAL C 43 -16.36 13.76 28.90
CA VAL C 43 -15.33 14.26 27.98
C VAL C 43 -15.07 15.71 28.30
N THR C 44 -13.79 16.10 28.32
CA THR C 44 -13.42 17.46 28.69
C THR C 44 -12.60 18.11 27.57
N ASP C 45 -13.09 19.26 27.10
CA ASP C 45 -12.38 20.07 26.13
C ASP C 45 -11.34 20.93 26.86
N HIS C 46 -10.49 21.61 26.09
CA HIS C 46 -9.38 22.35 26.68
C HIS C 46 -9.83 23.58 27.47
N ASN C 47 -11.13 23.90 27.48
CA ASN C 47 -11.67 24.97 28.30
C ASN C 47 -12.48 24.43 29.48
N SER C 48 -12.34 23.13 29.77
CA SER C 48 -12.99 22.45 30.89
C SER C 48 -14.51 22.36 30.76
N PHE C 49 -15.05 22.53 29.55
CA PHE C 49 -16.49 22.32 29.33
C PHE C 49 -16.80 20.84 29.24
N GLU C 50 -17.93 20.43 29.82
CA GLU C 50 -18.17 19.00 30.06
C GLU C 50 -19.21 18.43 29.12
N VAL C 51 -18.87 17.32 28.48
CA VAL C 51 -19.76 16.57 27.59
C VAL C 51 -19.90 15.16 28.14
N ILE C 52 -21.13 14.73 28.39
CA ILE C 52 -21.43 13.48 29.08
C ILE C 52 -22.04 12.51 28.08
N GLY C 53 -21.54 11.28 28.09
CA GLY C 53 -22.16 10.19 27.36
C GLY C 53 -22.33 9.00 28.26
N THR C 54 -23.40 8.24 28.02
CA THR C 54 -23.75 7.12 28.87
C THR C 54 -23.98 5.87 28.03
N SER C 55 -23.94 4.73 28.71
CA SER C 55 -24.28 3.44 28.12
C SER C 55 -24.92 2.58 29.20
N SER C 56 -25.84 1.71 28.79
CA SER C 56 -26.57 0.86 29.73
C SER C 56 -26.78 -0.51 29.09
N VAL C 57 -26.09 -1.53 29.61
CA VAL C 57 -26.27 -2.89 29.10
C VAL C 57 -27.62 -3.41 29.54
N TYR C 58 -28.30 -4.14 28.64
CA TYR C 58 -29.64 -4.64 28.94
C TYR C 58 -29.60 -5.77 29.96
N LYS C 59 -28.69 -6.71 29.80
CA LYS C 59 -28.53 -7.84 30.71
C LYS C 59 -27.38 -7.53 31.65
N VAL C 60 -27.70 -7.30 32.93
CA VAL C 60 -26.69 -6.86 33.89
C VAL C 60 -25.60 -7.91 34.06
N GLU C 61 -25.93 -9.18 33.83
CA GLU C 61 -24.92 -10.22 33.95
C GLU C 61 -23.93 -10.20 32.79
N ASN C 62 -24.17 -9.38 31.76
CA ASN C 62 -23.27 -9.23 30.63
C ASN C 62 -22.42 -7.98 30.72
N PHE C 63 -22.34 -7.36 31.90
CA PHE C 63 -21.61 -6.11 32.05
C PHE C 63 -20.12 -6.31 31.77
N ASN C 64 -19.58 -5.50 30.87
CA ASN C 64 -18.17 -5.51 30.52
C ASN C 64 -17.63 -4.10 30.60
N ASP C 65 -16.53 -3.92 31.33
CA ASP C 65 -15.99 -2.57 31.55
C ASP C 65 -15.56 -1.93 30.25
N GLU C 66 -14.87 -2.67 29.39
CA GLU C 66 -14.35 -2.08 28.16
C GLU C 66 -15.48 -1.69 27.20
N ILE C 67 -16.48 -2.56 27.05
CA ILE C 67 -17.59 -2.25 26.16
C ILE C 67 -18.40 -1.08 26.70
N GLY C 68 -18.64 -1.06 28.01
CA GLY C 68 -19.39 0.04 28.59
C GLY C 68 -18.70 1.38 28.43
N ARG C 69 -17.37 1.39 28.58
CA ARG C 69 -16.61 2.63 28.39
C ARG C 69 -16.60 3.05 26.94
N ASP C 70 -16.41 2.09 26.02
CA ASP C 70 -16.36 2.43 24.60
C ASP C 70 -17.68 2.98 24.11
N THR C 71 -18.80 2.37 24.54
CA THR C 71 -20.12 2.83 24.10
C THR C 71 -20.43 4.21 24.67
N ALA C 72 -20.08 4.45 25.94
CA ALA C 72 -20.35 5.75 26.54
C ALA C 72 -19.49 6.83 25.92
N LEU C 73 -18.23 6.52 25.59
CA LEU C 73 -17.36 7.51 24.96
C LEU C 73 -17.87 7.88 23.56
N SER C 74 -18.30 6.89 22.79
CA SER C 74 -18.78 7.16 21.44
C SER C 74 -20.00 8.09 21.46
N GLN C 75 -20.94 7.83 22.35
CA GLN C 75 -22.08 8.73 22.49
C GLN C 75 -21.65 10.09 23.04
N ALA C 76 -20.65 10.11 23.93
CA ALA C 76 -20.14 11.38 24.41
C ALA C 76 -19.51 12.19 23.30
N LEU C 77 -18.88 11.52 22.33
CA LEU C 77 -18.28 12.23 21.20
C LEU C 77 -19.32 12.67 20.18
N ASP C 78 -20.46 11.96 20.10
CA ASP C 78 -21.55 12.43 19.25
C ASP C 78 -22.06 13.79 19.72
N SER C 79 -22.25 13.96 21.02
CA SER C 79 -22.68 15.24 21.55
C SER C 79 -21.60 16.31 21.38
N PHE C 80 -20.33 15.91 21.58
CA PHE C 80 -19.24 16.87 21.43
C PHE C 80 -19.16 17.41 20.01
N ILE C 81 -19.47 16.56 19.02
CA ILE C 81 -19.43 17.01 17.63
C ILE C 81 -20.46 18.10 17.40
N LYS C 82 -21.62 18.01 18.06
CA LYS C 82 -22.61 19.07 17.96
C LYS C 82 -22.05 20.40 18.43
N PHE C 83 -21.33 20.39 19.57
CA PHE C 83 -20.71 21.60 20.06
C PHE C 83 -19.64 22.13 19.10
N LEU C 84 -18.95 21.22 18.40
CA LEU C 84 -17.98 21.65 17.41
C LEU C 84 -18.65 22.22 16.16
N ALA C 85 -19.85 21.74 15.85
CA ALA C 85 -20.61 22.31 14.75
C ALA C 85 -21.18 23.68 15.12
N TYR C 86 -21.48 23.89 16.41
CA TYR C 86 -21.99 25.18 16.85
C TYR C 86 -20.92 26.26 16.78
N SER C 87 -19.73 25.96 17.31
CA SER C 87 -18.64 26.93 17.31
C SER C 87 -17.97 27.08 15.96
N GLY C 88 -18.16 26.10 15.06
CA GLY C 88 -17.49 26.11 13.78
C GLY C 88 -16.17 25.38 13.76
N GLU C 89 -15.68 24.91 14.91
CA GLU C 89 -14.44 24.14 14.93
C GLU C 89 -14.57 22.79 14.24
N LEU C 90 -15.80 22.32 14.00
CA LEU C 90 -15.98 21.11 13.22
C LEU C 90 -15.37 21.26 11.83
N SER C 91 -15.42 22.46 11.25
CA SER C 91 -14.80 22.69 9.96
C SER C 91 -13.29 22.51 10.02
N ASP C 92 -12.68 22.90 11.14
CA ASP C 92 -11.24 22.70 11.30
C ASP C 92 -10.88 21.22 11.39
N VAL C 93 -11.75 20.40 12.00
CA VAL C 93 -11.49 18.97 12.09
C VAL C 93 -11.65 18.32 10.73
N LEU C 94 -12.67 18.72 9.96
CA LEU C 94 -12.92 18.11 8.67
C LEU C 94 -11.80 18.40 7.67
N GLU C 95 -11.11 19.53 7.84
CA GLU C 95 -9.99 19.84 6.96
C GLU C 95 -8.77 18.99 7.29
N ASN C 96 -8.53 18.75 8.58
CA ASN C 96 -7.36 17.98 9.02
C ASN C 96 -7.76 16.58 9.49
N ASN D 5 -37.45 10.37 52.49
CA ASN D 5 -36.34 10.95 51.74
C ASN D 5 -36.84 11.98 50.74
N ALA D 6 -38.10 11.81 50.30
CA ALA D 6 -38.66 12.71 49.29
C ALA D 6 -38.71 14.15 49.77
N GLU D 7 -38.83 14.36 51.08
CA GLU D 7 -38.85 15.72 51.63
C GLU D 7 -37.54 16.45 51.42
N ASN D 8 -36.44 15.73 51.21
CA ASN D 8 -35.12 16.35 51.12
C ASN D 8 -34.83 16.97 49.76
N PHE D 9 -35.70 16.77 48.77
CA PHE D 9 -35.48 17.29 47.42
C PHE D 9 -36.49 18.38 47.12
N GLU D 10 -35.99 19.55 46.69
CA GLU D 10 -36.87 20.66 46.38
C GLU D 10 -37.73 20.38 45.16
N CYS D 11 -37.20 19.65 44.17
CA CYS D 11 -37.98 19.32 42.99
C CYS D 11 -39.18 18.45 43.34
N LEU D 12 -39.08 17.69 44.42
CA LEU D 12 -40.21 16.87 44.86
C LEU D 12 -41.18 17.68 45.72
N ARG D 13 -40.68 18.62 46.51
CA ARG D 13 -41.57 19.45 47.32
C ARG D 13 -42.39 20.39 46.47
N GLU D 14 -41.91 20.74 45.28
CA GLU D 14 -42.60 21.67 44.40
C GLU D 14 -43.42 20.98 43.31
N SER D 15 -43.25 19.67 43.13
CA SER D 15 -43.95 18.94 42.08
C SER D 15 -44.69 17.76 42.70
N LYS D 16 -46.02 17.87 42.80
CA LYS D 16 -46.83 16.75 43.27
C LYS D 16 -46.68 15.54 42.36
N LEU D 17 -46.51 15.76 41.06
CA LEU D 17 -46.38 14.65 40.12
C LEU D 17 -45.08 13.89 40.34
N LYS D 18 -43.95 14.60 40.37
CA LYS D 18 -42.66 13.92 40.56
C LYS D 18 -42.55 13.32 41.95
N ARG D 19 -43.19 13.91 42.96
CA ARG D 19 -43.19 13.32 44.28
C ARG D 19 -43.98 12.02 44.31
N LYS D 20 -45.12 11.97 43.60
CA LYS D 20 -45.90 10.74 43.54
C LYS D 20 -45.15 9.63 42.81
N VAL D 21 -44.42 10.00 41.75
CA VAL D 21 -43.60 9.01 41.04
C VAL D 21 -42.47 8.51 41.92
N TYR D 22 -41.85 9.42 42.68
CA TYR D 22 -40.72 9.04 43.54
C TYR D 22 -41.17 8.12 44.66
N GLU D 23 -42.27 8.47 45.33
CA GLU D 23 -42.69 7.72 46.52
C GLU D 23 -43.20 6.33 46.16
N ASP D 24 -43.86 6.17 45.01
CA ASP D 24 -44.53 4.93 44.68
C ASP D 24 -43.80 4.07 43.66
N LEU D 25 -43.14 4.67 42.68
CA LEU D 25 -42.59 3.91 41.56
C LEU D 25 -41.07 3.88 41.52
N VAL D 26 -40.38 4.70 42.30
CA VAL D 26 -38.92 4.72 42.32
C VAL D 26 -38.44 3.75 43.39
N LYS D 27 -37.61 2.79 42.97
CA LYS D 27 -37.02 1.85 43.92
C LYS D 27 -35.84 2.46 44.64
N GLU D 28 -34.86 2.96 43.88
CA GLU D 28 -33.69 3.60 44.44
C GLU D 28 -33.27 4.77 43.55
N ALA D 29 -32.69 5.79 44.17
CA ALA D 29 -32.18 6.96 43.45
C ALA D 29 -30.81 7.29 44.03
N THR D 30 -29.76 6.90 43.31
CA THR D 30 -28.39 7.14 43.75
C THR D 30 -27.79 8.33 43.00
N PHE D 31 -26.83 8.98 43.65
CA PHE D 31 -26.20 10.18 43.12
C PHE D 31 -24.69 10.04 43.14
N VAL D 32 -24.04 10.51 42.08
CA VAL D 32 -22.58 10.43 41.94
C VAL D 32 -22.09 11.73 41.33
N ARG D 33 -21.10 12.35 41.97
CA ARG D 33 -20.40 13.48 41.37
C ARG D 33 -19.32 12.94 40.45
N VAL D 34 -19.53 13.05 39.15
CA VAL D 34 -18.64 12.40 38.17
C VAL D 34 -17.53 13.31 37.67
N SER D 35 -17.56 14.60 38.01
CA SER D 35 -16.62 15.56 37.46
C SER D 35 -16.70 16.83 38.30
N PRO D 36 -15.79 17.79 38.08
CA PRO D 36 -15.89 19.05 38.82
C PRO D 36 -17.23 19.76 38.71
N LYS D 37 -17.94 19.60 37.60
CA LYS D 37 -19.15 20.37 37.35
C LYS D 37 -20.43 19.56 37.31
N SER D 38 -20.35 18.24 37.09
CA SER D 38 -21.51 17.46 36.75
C SER D 38 -21.86 16.44 37.84
N THR D 39 -23.16 16.27 38.06
CA THR D 39 -23.70 15.27 38.97
C THR D 39 -24.62 14.34 38.19
N VAL D 40 -24.55 13.04 38.50
CA VAL D 40 -25.36 12.04 37.84
C VAL D 40 -26.33 11.44 38.85
N CYS D 41 -27.61 11.38 38.49
CA CYS D 41 -28.63 10.71 39.28
C CYS D 41 -29.11 9.48 38.53
N VAL D 42 -29.13 8.33 39.21
CA VAL D 42 -29.58 7.07 38.64
C VAL D 42 -30.85 6.66 39.36
N VAL D 43 -31.98 6.79 38.67
CA VAL D 43 -33.28 6.36 39.19
C VAL D 43 -33.58 4.97 38.64
N THR D 44 -33.89 4.04 39.53
CA THR D 44 -34.25 2.68 39.16
C THR D 44 -35.69 2.41 39.57
N ASP D 45 -36.40 1.65 38.74
CA ASP D 45 -37.75 1.22 39.07
C ASP D 45 -37.68 -0.11 39.82
N HIS D 46 -38.84 -0.65 40.18
CA HIS D 46 -38.87 -1.90 40.93
C HIS D 46 -38.47 -3.09 40.08
N ASN D 47 -38.30 -2.92 38.77
CA ASN D 47 -37.71 -3.93 37.90
C ASN D 47 -36.25 -3.67 37.62
N SER D 48 -35.62 -2.75 38.36
CA SER D 48 -34.21 -2.40 38.26
C SER D 48 -33.84 -1.76 36.93
N PHE D 49 -34.81 -1.28 36.16
CA PHE D 49 -34.52 -0.50 34.96
C PHE D 49 -34.02 0.89 35.38
N GLU D 50 -32.91 1.32 34.78
CA GLU D 50 -32.20 2.51 35.22
C GLU D 50 -32.55 3.71 34.34
N VAL D 51 -32.83 4.84 34.98
CA VAL D 51 -33.09 6.10 34.30
C VAL D 51 -32.06 7.11 34.79
N ILE D 52 -31.34 7.72 33.86
CA ILE D 52 -30.17 8.55 34.17
C ILE D 52 -30.54 10.02 33.99
N GLY D 53 -30.24 10.82 34.99
CA GLY D 53 -30.38 12.26 34.89
C GLY D 53 -29.11 12.96 35.32
N THR D 54 -28.80 14.07 34.64
CA THR D 54 -27.55 14.77 34.87
C THR D 54 -27.81 16.25 35.12
N SER D 55 -26.80 16.91 35.68
CA SER D 55 -26.81 18.36 35.87
C SER D 55 -25.38 18.85 35.74
N SER D 56 -25.23 20.13 35.40
CA SER D 56 -23.91 20.72 35.24
C SER D 56 -23.98 22.21 35.55
N VAL D 57 -23.26 22.64 36.58
CA VAL D 57 -23.20 24.05 36.94
C VAL D 57 -22.25 24.75 35.98
N TYR D 58 -22.62 25.98 35.59
CA TYR D 58 -21.82 26.72 34.62
C TYR D 58 -20.47 27.12 35.21
N LYS D 59 -20.49 27.72 36.41
CA LYS D 59 -19.27 28.08 37.13
C LYS D 59 -18.94 26.97 38.11
N VAL D 60 -17.74 26.39 37.97
CA VAL D 60 -17.35 25.27 38.82
C VAL D 60 -17.23 25.72 40.28
N GLU D 61 -16.83 26.97 40.51
CA GLU D 61 -16.70 27.48 41.87
C GLU D 61 -18.04 27.62 42.59
N ASN D 62 -19.16 27.47 41.89
CA ASN D 62 -20.48 27.52 42.49
C ASN D 62 -21.03 26.13 42.81
N PHE D 63 -20.20 25.09 42.72
CA PHE D 63 -20.70 23.73 42.88
C PHE D 63 -21.23 23.49 44.29
N ASN D 64 -22.48 23.06 44.37
CA ASN D 64 -23.13 22.70 45.63
C ASN D 64 -23.69 21.28 45.48
N ASP D 65 -23.31 20.39 46.39
CA ASP D 65 -23.72 19.00 46.29
C ASP D 65 -25.23 18.86 46.27
N GLU D 66 -25.93 19.61 47.13
CA GLU D 66 -27.37 19.44 47.26
C GLU D 66 -28.11 19.91 46.01
N ILE D 67 -27.70 21.05 45.44
CA ILE D 67 -28.36 21.56 44.25
C ILE D 67 -28.12 20.64 43.06
N GLY D 68 -26.90 20.09 42.95
CA GLY D 68 -26.61 19.17 41.86
C GLY D 68 -27.47 17.92 41.90
N ARG D 69 -27.72 17.38 43.10
CA ARG D 69 -28.55 16.19 43.23
C ARG D 69 -30.00 16.49 42.88
N ASP D 70 -30.52 17.62 43.36
CA ASP D 70 -31.91 17.99 43.08
C ASP D 70 -32.13 18.24 41.60
N THR D 71 -31.16 18.84 40.92
CA THR D 71 -31.32 19.10 39.49
C THR D 71 -31.23 17.83 38.67
N ALA D 72 -30.28 16.95 39.00
CA ALA D 72 -30.15 15.69 38.26
C ALA D 72 -31.31 14.75 38.54
N LEU D 73 -31.86 14.79 39.75
CA LEU D 73 -33.05 13.98 40.05
C LEU D 73 -34.26 14.49 39.27
N SER D 74 -34.43 15.81 39.21
CA SER D 74 -35.56 16.36 38.46
C SER D 74 -35.46 16.02 36.98
N GLN D 75 -34.25 16.05 36.43
CA GLN D 75 -34.05 15.64 35.03
C GLN D 75 -34.27 14.14 34.87
N ALA D 76 -33.85 13.35 35.87
CA ALA D 76 -34.05 11.90 35.79
C ALA D 76 -35.53 11.54 35.85
N LEU D 77 -36.31 12.25 36.67
CA LEU D 77 -37.74 11.97 36.77
C LEU D 77 -38.48 12.45 35.52
N ASP D 78 -37.97 13.48 34.85
CA ASP D 78 -38.53 13.87 33.56
C ASP D 78 -38.45 12.73 32.56
N SER D 79 -37.31 12.03 32.53
CA SER D 79 -37.15 10.91 31.61
C SER D 79 -37.98 9.71 32.05
N PHE D 80 -38.05 9.45 33.36
CA PHE D 80 -38.85 8.34 33.85
C PHE D 80 -40.33 8.52 33.50
N ILE D 81 -40.81 9.76 33.51
CA ILE D 81 -42.19 10.03 33.12
C ILE D 81 -42.43 9.61 31.67
N LYS D 82 -41.43 9.77 30.81
CA LYS D 82 -41.57 9.31 29.43
C LYS D 82 -41.78 7.80 29.38
N PHE D 83 -41.02 7.04 30.17
CA PHE D 83 -41.22 5.60 30.23
C PHE D 83 -42.58 5.26 30.81
N LEU D 84 -43.03 6.00 31.82
CA LEU D 84 -44.35 5.77 32.39
C LEU D 84 -45.45 6.06 31.38
N ALA D 85 -45.23 7.03 30.48
CA ALA D 85 -46.19 7.29 29.42
C ALA D 85 -46.21 6.17 28.39
N TYR D 86 -45.06 5.54 28.15
CA TYR D 86 -44.99 4.45 27.20
C TYR D 86 -45.79 3.24 27.65
N SER D 87 -45.61 2.84 28.91
CA SER D 87 -46.30 1.67 29.44
C SER D 87 -47.74 1.96 29.84
N GLY D 88 -48.14 3.22 29.92
CA GLY D 88 -49.47 3.58 30.36
C GLY D 88 -49.62 3.72 31.86
N GLU D 89 -48.60 3.39 32.64
CA GLU D 89 -48.66 3.56 34.08
C GLU D 89 -48.64 5.02 34.50
N LEU D 90 -48.38 5.95 33.58
CA LEU D 90 -48.42 7.37 33.91
C LEU D 90 -49.82 7.80 34.31
N SER D 91 -50.85 7.26 33.62
CA SER D 91 -52.22 7.60 33.96
C SER D 91 -52.64 7.03 35.31
N ASP D 92 -51.96 5.98 35.79
CA ASP D 92 -52.16 5.53 37.17
C ASP D 92 -51.68 6.58 38.16
N VAL D 93 -50.56 7.23 37.86
CA VAL D 93 -50.06 8.31 38.71
C VAL D 93 -50.99 9.51 38.64
N LEU D 94 -51.38 9.91 37.43
CA LEU D 94 -52.30 11.01 37.26
C LEU D 94 -53.68 10.71 37.84
N GLU D 95 -54.03 9.43 37.98
CA GLU D 95 -55.26 9.07 38.66
C GLU D 95 -55.20 9.40 40.14
N ASN D 96 -54.07 9.11 40.78
CA ASN D 96 -53.87 9.38 42.20
C ASN D 96 -53.28 10.77 42.45
N ILE D 97 -53.53 11.72 41.55
CA ILE D 97 -53.06 13.10 41.69
C ILE D 97 -51.55 13.17 41.85
N ILE E 4 -47.60 41.09 14.79
CA ILE E 4 -48.06 41.00 13.41
C ILE E 4 -48.54 42.38 12.93
N ASN E 5 -47.73 43.40 13.17
CA ASN E 5 -48.11 44.77 12.83
C ASN E 5 -48.33 44.90 11.34
N ALA E 6 -49.34 45.69 10.97
CA ALA E 6 -49.74 45.83 9.57
C ALA E 6 -48.72 46.57 8.73
N GLU E 7 -47.82 47.33 9.36
CA GLU E 7 -46.85 48.11 8.60
C GLU E 7 -45.82 47.24 7.89
N ASN E 8 -45.68 45.98 8.29
CA ASN E 8 -44.70 45.09 7.68
C ASN E 8 -45.12 44.60 6.30
N PHE E 9 -46.41 44.57 6.01
CA PHE E 9 -46.93 43.98 4.79
C PHE E 9 -47.23 45.07 3.77
N GLU E 10 -46.58 44.98 2.60
CA GLU E 10 -46.81 45.96 1.54
C GLU E 10 -48.26 45.92 1.04
N CYS E 11 -48.86 44.74 1.00
CA CYS E 11 -50.25 44.63 0.57
C CYS E 11 -51.20 45.34 1.53
N LEU E 12 -50.81 45.51 2.79
CA LEU E 12 -51.63 46.27 3.73
C LEU E 12 -51.36 47.76 3.63
N ARG E 13 -50.14 48.15 3.24
CA ARG E 13 -49.83 49.57 3.10
C ARG E 13 -50.46 50.16 1.84
N GLU E 14 -50.60 49.36 0.79
CA GLU E 14 -51.14 49.84 -0.48
C GLU E 14 -52.64 49.58 -0.64
N SER E 15 -53.29 49.00 0.38
CA SER E 15 -54.72 48.73 0.32
C SER E 15 -55.35 49.12 1.65
N LYS E 16 -56.18 50.16 1.61
CA LYS E 16 -56.90 50.58 2.82
C LYS E 16 -57.93 49.55 3.24
N LEU E 17 -58.50 48.82 2.29
CA LEU E 17 -59.52 47.82 2.63
C LEU E 17 -58.91 46.60 3.31
N LYS E 18 -57.82 46.08 2.73
CA LYS E 18 -57.16 44.91 3.33
C LYS E 18 -56.60 45.22 4.71
N ARG E 19 -56.12 46.45 4.91
CA ARG E 19 -55.62 46.84 6.22
C ARG E 19 -56.74 46.85 7.26
N LYS E 20 -57.91 47.38 6.90
CA LYS E 20 -59.03 47.42 7.85
C LYS E 20 -59.51 46.02 8.21
N VAL E 21 -59.59 45.14 7.21
CA VAL E 21 -59.98 43.75 7.48
C VAL E 21 -58.93 43.07 8.36
N TYR E 22 -57.66 43.41 8.15
CA TYR E 22 -56.58 42.74 8.87
C TYR E 22 -56.59 43.08 10.35
N GLU E 23 -56.66 44.38 10.68
CA GLU E 23 -56.56 44.80 12.07
C GLU E 23 -57.87 44.64 12.84
N ASP E 24 -59.01 44.60 12.15
CA ASP E 24 -60.30 44.55 12.82
C ASP E 24 -60.95 43.16 12.81
N LEU E 25 -60.77 42.38 11.74
CA LEU E 25 -61.48 41.13 11.59
C LEU E 25 -60.61 39.89 11.61
N VAL E 26 -59.29 40.03 11.47
CA VAL E 26 -58.38 38.89 11.53
C VAL E 26 -57.98 38.66 12.98
N LYS E 27 -58.27 37.46 13.49
CA LYS E 27 -57.91 37.14 14.87
C LYS E 27 -56.45 36.71 14.97
N GLU E 28 -56.05 35.74 14.14
CA GLU E 28 -54.68 35.27 14.12
C GLU E 28 -54.22 35.13 12.68
N ALA E 29 -52.90 35.13 12.50
CA ALA E 29 -52.27 34.94 11.20
C ALA E 29 -51.13 33.96 11.34
N THR E 30 -51.10 32.95 10.47
CA THR E 30 -50.07 31.92 10.49
C THR E 30 -49.42 31.85 9.13
N PHE E 31 -48.09 31.78 9.11
CA PHE E 31 -47.31 31.65 7.88
C PHE E 31 -46.43 30.42 7.98
N VAL E 32 -46.45 29.59 6.95
CA VAL E 32 -45.66 28.36 6.90
C VAL E 32 -45.01 28.26 5.53
N ARG E 33 -43.69 28.07 5.50
CA ARG E 33 -42.99 27.74 4.26
C ARG E 33 -43.14 26.24 4.05
N VAL E 34 -44.08 25.86 3.18
CA VAL E 34 -44.41 24.45 3.00
C VAL E 34 -43.52 23.74 2.00
N SER E 35 -42.64 24.46 1.32
CA SER E 35 -41.87 23.89 0.22
C SER E 35 -40.74 24.85 -0.11
N PRO E 36 -39.81 24.45 -0.98
CA PRO E 36 -38.74 25.38 -1.40
C PRO E 36 -39.25 26.67 -2.02
N LYS E 37 -40.45 26.67 -2.61
CA LYS E 37 -40.94 27.83 -3.35
C LYS E 37 -42.22 28.44 -2.83
N SER E 38 -42.98 27.75 -1.98
CA SER E 38 -44.33 28.17 -1.64
C SER E 38 -44.45 28.53 -0.17
N THR E 39 -45.18 29.61 0.10
CA THR E 39 -45.55 30.04 1.44
C THR E 39 -47.06 30.01 1.57
N VAL E 40 -47.55 29.52 2.70
CA VAL E 40 -48.98 29.42 2.98
C VAL E 40 -49.31 30.36 4.13
N CYS E 41 -50.34 31.18 3.94
CA CYS E 41 -50.88 32.04 4.99
C CYS E 41 -52.25 31.53 5.39
N VAL E 42 -52.45 31.33 6.69
CA VAL E 42 -53.74 30.92 7.24
C VAL E 42 -54.25 32.06 8.11
N VAL E 43 -55.31 32.71 7.65
CA VAL E 43 -55.95 33.79 8.38
C VAL E 43 -57.21 33.23 9.05
N THR E 44 -57.38 33.53 10.33
CA THR E 44 -58.55 33.08 11.07
C THR E 44 -59.33 34.29 11.57
N ASP E 45 -60.64 34.12 11.68
CA ASP E 45 -61.52 35.18 12.17
C ASP E 45 -61.85 34.93 13.63
N HIS E 46 -62.73 35.78 14.17
CA HIS E 46 -63.09 35.65 15.59
C HIS E 46 -63.86 34.37 15.89
N ASN E 47 -64.42 33.72 14.86
CA ASN E 47 -65.10 32.44 15.02
C ASN E 47 -64.19 31.27 14.65
N SER E 48 -62.88 31.50 14.52
CA SER E 48 -61.89 30.48 14.20
C SER E 48 -62.10 29.87 12.81
N PHE E 49 -62.80 30.57 11.92
CA PHE E 49 -62.91 30.14 10.53
C PHE E 49 -61.63 30.50 9.79
N GLU E 50 -61.11 29.58 8.99
CA GLU E 50 -59.78 29.72 8.41
C GLU E 50 -59.87 30.14 6.95
N VAL E 51 -59.05 31.13 6.57
CA VAL E 51 -58.93 31.60 5.20
C VAL E 51 -57.47 31.42 4.79
N ILE E 52 -57.25 30.79 3.64
CA ILE E 52 -55.92 30.36 3.21
C ILE E 52 -55.52 31.13 1.96
N GLY E 53 -54.28 31.62 1.95
CA GLY E 53 -53.68 32.16 0.74
C GLY E 53 -52.28 31.63 0.59
N THR E 54 -51.83 31.55 -0.66
CA THR E 54 -50.52 30.99 -0.97
C THR E 54 -49.78 31.89 -1.95
N SER E 55 -48.47 31.67 -2.01
CA SER E 55 -47.60 32.30 -3.01
C SER E 55 -46.56 31.28 -3.44
N SER E 56 -46.04 31.43 -4.65
CA SER E 56 -45.05 30.51 -5.18
C SER E 56 -44.06 31.29 -6.04
N VAL E 57 -42.82 31.41 -5.58
CA VAL E 57 -41.81 32.13 -6.35
C VAL E 57 -41.40 31.31 -7.56
N TYR E 58 -41.21 32.00 -8.69
CA TYR E 58 -40.84 31.31 -9.93
C TYR E 58 -39.42 30.76 -9.86
N LYS E 59 -38.48 31.56 -9.37
CA LYS E 59 -37.10 31.15 -9.19
C LYS E 59 -36.86 30.86 -7.71
N VAL E 60 -36.54 29.60 -7.40
CA VAL E 60 -36.38 29.20 -6.01
C VAL E 60 -35.17 29.90 -5.38
N GLU E 61 -34.17 30.26 -6.19
CA GLU E 61 -32.99 30.91 -5.65
C GLU E 61 -33.27 32.34 -5.18
N ASN E 62 -34.39 32.92 -5.58
CA ASN E 62 -34.77 34.27 -5.17
C ASN E 62 -35.78 34.26 -4.02
N PHE E 63 -35.87 33.16 -3.27
CA PHE E 63 -36.86 33.06 -2.22
C PHE E 63 -36.59 34.06 -1.11
N ASN E 64 -37.64 34.75 -0.68
CA ASN E 64 -37.56 35.75 0.38
C ASN E 64 -38.76 35.57 1.29
N ASP E 65 -38.50 35.31 2.58
CA ASP E 65 -39.58 35.00 3.52
C ASP E 65 -40.58 36.14 3.59
N GLU E 66 -40.11 37.39 3.58
CA GLU E 66 -41.01 38.53 3.74
C GLU E 66 -41.94 38.68 2.54
N ILE E 67 -41.39 38.56 1.33
CA ILE E 67 -42.21 38.72 0.14
C ILE E 67 -43.18 37.55 -0.01
N GLY E 68 -42.75 36.35 0.39
CA GLY E 68 -43.64 35.21 0.33
C GLY E 68 -44.81 35.33 1.28
N ARG E 69 -44.56 35.80 2.50
CA ARG E 69 -45.64 36.03 3.45
C ARG E 69 -46.55 37.14 2.97
N ASP E 70 -45.98 38.23 2.46
CA ASP E 70 -46.78 39.37 2.01
C ASP E 70 -47.69 38.98 0.86
N THR E 71 -47.17 38.20 -0.10
CA THR E 71 -47.99 37.78 -1.23
C THR E 71 -49.05 36.76 -0.81
N ALA E 72 -48.69 35.86 0.10
CA ALA E 72 -49.67 34.90 0.60
C ALA E 72 -50.77 35.58 1.40
N LEU E 73 -50.41 36.57 2.21
CA LEU E 73 -51.42 37.30 2.97
C LEU E 73 -52.37 38.04 2.04
N SER E 74 -51.85 38.61 0.95
CA SER E 74 -52.69 39.36 0.02
C SER E 74 -53.75 38.46 -0.60
N GLN E 75 -53.36 37.25 -1.02
CA GLN E 75 -54.34 36.32 -1.57
C GLN E 75 -55.34 35.86 -0.52
N ALA E 76 -54.87 35.60 0.70
CA ALA E 76 -55.78 35.17 1.76
C ALA E 76 -56.80 36.25 2.08
N LEU E 77 -56.40 37.52 2.02
CA LEU E 77 -57.35 38.59 2.26
C LEU E 77 -58.28 38.81 1.09
N ASP E 78 -57.86 38.46 -0.13
CA ASP E 78 -58.78 38.49 -1.26
C ASP E 78 -59.95 37.53 -1.04
N SER E 79 -59.66 36.35 -0.49
CA SER E 79 -60.72 35.38 -0.21
C SER E 79 -61.57 35.82 0.96
N PHE E 80 -60.95 36.37 2.00
CA PHE E 80 -61.70 36.86 3.16
C PHE E 80 -62.70 37.93 2.75
N ILE E 81 -62.30 38.85 1.86
CA ILE E 81 -63.22 39.88 1.39
C ILE E 81 -64.42 39.24 0.69
N LYS E 82 -64.22 38.13 -0.01
CA LYS E 82 -65.34 37.42 -0.62
C LYS E 82 -66.31 36.91 0.44
N PHE E 83 -65.78 36.35 1.54
CA PHE E 83 -66.64 35.90 2.62
C PHE E 83 -67.35 37.07 3.29
N LEU E 84 -66.67 38.21 3.40
CA LEU E 84 -67.32 39.39 3.95
C LEU E 84 -68.41 39.92 3.04
N ALA E 85 -68.24 39.77 1.72
CA ALA E 85 -69.30 40.17 0.81
C ALA E 85 -70.50 39.24 0.90
N TYR E 86 -70.26 37.96 1.22
CA TYR E 86 -71.36 37.02 1.34
C TYR E 86 -72.20 37.29 2.58
N SER E 87 -71.55 37.57 3.71
CA SER E 87 -72.28 37.86 4.94
C SER E 87 -72.79 39.29 5.00
N GLY E 88 -72.27 40.19 4.17
CA GLY E 88 -72.65 41.58 4.20
C GLY E 88 -71.84 42.44 5.15
N GLU E 89 -70.95 41.84 5.95
CA GLU E 89 -70.10 42.62 6.83
C GLU E 89 -69.08 43.46 6.08
N LEU E 90 -68.89 43.21 4.79
CA LEU E 90 -68.04 44.08 3.98
C LEU E 90 -68.55 45.51 4.00
N SER E 91 -69.87 45.71 4.10
CA SER E 91 -70.41 47.05 4.24
C SER E 91 -69.95 47.69 5.53
N ASP E 92 -69.86 46.91 6.61
CA ASP E 92 -69.36 47.44 7.86
C ASP E 92 -67.90 47.88 7.74
N VAL E 93 -67.10 47.12 6.98
CA VAL E 93 -65.71 47.49 6.78
C VAL E 93 -65.59 48.73 5.91
N LEU E 94 -66.43 48.82 4.87
CA LEU E 94 -66.37 49.97 3.98
C LEU E 94 -66.87 51.24 4.67
N GLU E 95 -67.82 51.11 5.60
CA GLU E 95 -68.33 52.28 6.31
C GLU E 95 -67.31 52.83 7.30
N ASN E 96 -66.60 51.95 7.99
CA ASN E 96 -65.58 52.38 8.96
C ASN E 96 -64.43 53.12 8.28
N ILE F 4 -45.10 8.65 -1.02
CA ILE F 4 -46.08 7.80 -0.36
C ILE F 4 -46.80 6.94 -1.38
N ASN F 5 -46.95 5.65 -1.06
CA ASN F 5 -47.58 4.72 -1.98
C ASN F 5 -49.01 5.14 -2.28
N ALA F 6 -49.45 4.92 -3.52
CA ALA F 6 -50.74 5.40 -3.98
C ALA F 6 -51.91 4.66 -3.33
N GLU F 7 -51.68 3.46 -2.80
CA GLU F 7 -52.76 2.71 -2.17
C GLU F 7 -53.28 3.39 -0.91
N ASN F 8 -52.48 4.28 -0.31
CA ASN F 8 -52.89 4.97 0.91
C ASN F 8 -53.90 6.08 0.66
N PHE F 9 -54.17 6.43 -0.58
CA PHE F 9 -55.05 7.56 -0.92
C PHE F 9 -56.31 7.04 -1.60
N GLU F 10 -57.47 7.35 -1.01
CA GLU F 10 -58.73 6.90 -1.58
C GLU F 10 -59.01 7.56 -2.93
N CYS F 11 -58.63 8.83 -3.09
CA CYS F 11 -58.85 9.51 -4.36
C CYS F 11 -58.09 8.87 -5.50
N LEU F 12 -56.98 8.17 -5.21
CA LEU F 12 -56.25 7.45 -6.23
C LEU F 12 -56.83 6.06 -6.48
N ARG F 13 -57.37 5.42 -5.45
CA ARG F 13 -58.02 4.12 -5.63
C ARG F 13 -59.34 4.25 -6.39
N GLU F 14 -59.94 5.44 -6.40
CA GLU F 14 -61.22 5.65 -7.07
C GLU F 14 -61.09 6.37 -8.40
N SER F 15 -59.93 6.91 -8.73
CA SER F 15 -59.72 7.63 -9.98
C SER F 15 -58.55 6.99 -10.72
N LYS F 16 -58.85 6.40 -11.88
CA LYS F 16 -57.80 5.83 -12.71
C LYS F 16 -56.89 6.92 -13.27
N LEU F 17 -57.46 8.07 -13.64
CA LEU F 17 -56.67 9.16 -14.18
C LEU F 17 -55.76 9.76 -13.11
N LYS F 18 -56.31 10.08 -11.94
CA LYS F 18 -55.52 10.69 -10.88
C LYS F 18 -54.39 9.77 -10.44
N ARG F 19 -54.66 8.47 -10.30
CA ARG F 19 -53.61 7.54 -9.89
C ARG F 19 -52.53 7.44 -10.95
N LYS F 20 -52.91 7.51 -12.22
CA LYS F 20 -51.92 7.46 -13.29
C LYS F 20 -51.04 8.70 -13.27
N VAL F 21 -51.62 9.87 -13.01
CA VAL F 21 -50.82 11.10 -12.89
C VAL F 21 -49.87 11.00 -11.70
N TYR F 22 -50.34 10.41 -10.59
CA TYR F 22 -49.56 10.38 -9.37
C TYR F 22 -48.30 9.53 -9.53
N GLU F 23 -48.40 8.41 -10.25
CA GLU F 23 -47.25 7.50 -10.34
C GLU F 23 -46.26 7.92 -11.42
N ASP F 24 -46.73 8.53 -12.51
CA ASP F 24 -45.88 8.84 -13.65
C ASP F 24 -45.37 10.27 -13.64
N LEU F 25 -46.16 11.24 -13.19
CA LEU F 25 -45.83 12.64 -13.34
C LEU F 25 -45.59 13.38 -12.03
N VAL F 26 -45.94 12.77 -10.90
CA VAL F 26 -45.71 13.37 -9.59
C VAL F 26 -44.39 12.82 -9.05
N LYS F 27 -43.43 13.72 -8.82
CA LYS F 27 -42.15 13.29 -8.24
C LYS F 27 -42.26 13.15 -6.72
N GLU F 28 -43.00 14.04 -6.08
CA GLU F 28 -43.11 14.02 -4.62
C GLU F 28 -44.41 14.70 -4.21
N ALA F 29 -44.98 14.23 -3.11
CA ALA F 29 -46.20 14.81 -2.55
C ALA F 29 -46.03 14.86 -1.03
N THR F 30 -45.87 16.07 -0.50
CA THR F 30 -45.70 16.28 0.94
C THR F 30 -46.94 16.93 1.52
N PHE F 31 -47.18 16.67 2.80
CA PHE F 31 -48.38 17.14 3.48
C PHE F 31 -47.99 17.84 4.78
N VAL F 32 -48.61 18.99 5.03
CA VAL F 32 -48.37 19.78 6.23
C VAL F 32 -49.70 20.21 6.81
N ARG F 33 -49.88 20.00 8.12
CA ARG F 33 -51.05 20.51 8.82
C ARG F 33 -50.72 21.92 9.29
N VAL F 34 -51.16 22.91 8.53
CA VAL F 34 -50.79 24.30 8.78
C VAL F 34 -51.65 24.98 9.84
N SER F 35 -52.77 24.38 10.22
CA SER F 35 -53.73 25.01 11.11
C SER F 35 -54.57 23.92 11.75
N PRO F 36 -55.39 24.25 12.76
CA PRO F 36 -56.24 23.21 13.37
C PRO F 36 -57.13 22.49 12.37
N LYS F 37 -57.62 23.17 11.34
CA LYS F 37 -58.61 22.59 10.45
C LYS F 37 -58.11 22.25 9.06
N SER F 38 -56.97 22.79 8.65
CA SER F 38 -56.54 22.71 7.26
C SER F 38 -55.29 21.86 7.09
N THR F 39 -55.23 21.16 5.96
CA THR F 39 -54.05 20.41 5.54
C THR F 39 -53.62 20.92 4.17
N VAL F 40 -52.31 21.09 3.99
CA VAL F 40 -51.74 21.57 2.73
C VAL F 40 -50.96 20.42 2.10
N CYS F 41 -51.24 20.16 0.83
CA CYS F 41 -50.48 19.19 0.05
C CYS F 41 -49.69 19.92 -1.02
N VAL F 42 -48.40 19.62 -1.10
CA VAL F 42 -47.51 20.22 -2.09
C VAL F 42 -47.08 19.11 -3.05
N VAL F 43 -47.63 19.15 -4.26
CA VAL F 43 -47.28 18.22 -5.32
C VAL F 43 -46.20 18.86 -6.19
N THR F 44 -45.14 18.12 -6.47
CA THR F 44 -44.08 18.57 -7.37
C THR F 44 -43.97 17.61 -8.54
N ASP F 45 -43.84 18.16 -9.74
CA ASP F 45 -43.55 17.35 -10.91
C ASP F 45 -42.04 17.14 -11.00
N HIS F 46 -41.58 16.51 -12.09
CA HIS F 46 -40.18 16.20 -12.23
C HIS F 46 -39.32 17.42 -12.56
N ASN F 47 -39.94 18.56 -12.82
CA ASN F 47 -39.22 19.83 -12.96
C ASN F 47 -39.29 20.68 -11.70
N SER F 48 -39.71 20.08 -10.58
CA SER F 48 -39.83 20.75 -9.29
C SER F 48 -40.85 21.90 -9.30
N PHE F 49 -41.72 21.94 -10.30
CA PHE F 49 -42.84 22.86 -10.27
C PHE F 49 -43.86 22.38 -9.23
N GLU F 50 -44.33 23.29 -8.40
CA GLU F 50 -45.19 22.94 -7.27
C GLU F 50 -46.65 23.24 -7.58
N VAL F 51 -47.52 22.31 -7.17
CA VAL F 51 -48.96 22.47 -7.27
C VAL F 51 -49.54 22.25 -5.88
N ILE F 52 -50.35 23.21 -5.42
CA ILE F 52 -50.82 23.24 -4.04
C ILE F 52 -52.29 22.87 -4.00
N GLY F 53 -52.63 21.96 -3.09
CA GLY F 53 -54.02 21.69 -2.77
C GLY F 53 -54.22 21.72 -1.27
N THR F 54 -55.43 22.10 -0.86
CA THR F 54 -55.75 22.24 0.54
C THR F 54 -57.09 21.57 0.84
N SER F 55 -57.25 21.19 2.11
CA SER F 55 -58.52 20.67 2.63
C SER F 55 -58.80 21.34 3.96
N SER F 56 -60.08 21.58 4.23
CA SER F 56 -60.49 22.25 5.47
C SER F 56 -61.74 21.54 6.01
N VAL F 57 -61.57 20.80 7.10
CA VAL F 57 -62.70 20.11 7.71
C VAL F 57 -63.58 21.12 8.43
N TYR F 58 -64.90 20.93 8.30
CA TYR F 58 -65.84 21.88 8.90
C TYR F 58 -65.80 21.80 10.42
N LYS F 59 -65.83 20.59 10.96
CA LYS F 59 -65.83 20.38 12.41
C LYS F 59 -64.41 20.01 12.84
N VAL F 60 -63.79 20.89 13.63
CA VAL F 60 -62.42 20.68 14.08
C VAL F 60 -62.29 19.41 14.91
N GLU F 61 -63.36 19.01 15.59
CA GLU F 61 -63.30 17.84 16.46
C GLU F 61 -63.20 16.53 15.67
N ASN F 62 -63.50 16.56 14.37
CA ASN F 62 -63.48 15.37 13.54
C ASN F 62 -62.26 15.31 12.62
N PHE F 63 -61.18 16.02 12.97
CA PHE F 63 -60.00 16.05 12.11
C PHE F 63 -59.37 14.67 12.02
N ASN F 64 -59.14 14.22 10.79
CA ASN F 64 -58.53 12.93 10.51
C ASN F 64 -57.36 13.15 9.56
N ASP F 65 -56.18 12.66 9.94
CA ASP F 65 -54.99 12.91 9.13
C ASP F 65 -55.11 12.28 7.75
N GLU F 66 -55.68 11.08 7.66
CA GLU F 66 -55.79 10.40 6.38
C GLU F 66 -56.77 11.12 5.45
N ILE F 67 -57.93 11.50 5.97
CA ILE F 67 -58.93 12.16 5.14
C ILE F 67 -58.44 13.55 4.72
N GLY F 68 -57.75 14.25 5.63
CA GLY F 68 -57.24 15.57 5.29
C GLY F 68 -56.19 15.52 4.20
N ARG F 69 -55.27 14.56 4.28
CA ARG F 69 -54.24 14.44 3.25
C ARG F 69 -54.84 13.99 1.93
N ASP F 70 -55.77 13.03 1.97
CA ASP F 70 -56.39 12.54 0.74
C ASP F 70 -57.19 13.63 0.03
N THR F 71 -57.90 14.45 0.81
CA THR F 71 -58.70 15.52 0.21
C THR F 71 -57.81 16.60 -0.37
N ALA F 72 -56.70 16.92 0.31
CA ALA F 72 -55.78 17.92 -0.21
C ALA F 72 -55.06 17.42 -1.45
N LEU F 73 -54.65 16.14 -1.46
CA LEU F 73 -54.01 15.58 -2.63
C LEU F 73 -54.96 15.57 -3.82
N SER F 74 -56.20 15.14 -3.61
CA SER F 74 -57.18 15.14 -4.69
C SER F 74 -57.38 16.53 -5.26
N GLN F 75 -57.43 17.55 -4.40
CA GLN F 75 -57.56 18.91 -4.88
C GLN F 75 -56.30 19.36 -5.63
N ALA F 76 -55.12 18.99 -5.13
CA ALA F 76 -53.88 19.34 -5.81
C ALA F 76 -53.78 18.66 -7.16
N LEU F 77 -54.27 17.44 -7.29
CA LEU F 77 -54.22 16.76 -8.57
C LEU F 77 -55.21 17.35 -9.57
N ASP F 78 -56.36 17.84 -9.08
CA ASP F 78 -57.28 18.56 -9.97
C ASP F 78 -56.59 19.75 -10.62
N SER F 79 -55.78 20.48 -9.84
CA SER F 79 -55.06 21.62 -10.40
C SER F 79 -53.91 21.17 -11.30
N PHE F 80 -53.24 20.08 -10.92
CA PHE F 80 -52.15 19.56 -11.75
C PHE F 80 -52.65 19.18 -13.14
N ILE F 81 -53.86 18.60 -13.22
CA ILE F 81 -54.41 18.20 -14.51
C ILE F 81 -54.64 19.41 -15.40
N LYS F 82 -54.94 20.57 -14.80
CA LYS F 82 -55.08 21.80 -15.59
C LYS F 82 -53.77 22.15 -16.29
N PHE F 83 -52.65 22.07 -15.56
CA PHE F 83 -51.35 22.32 -16.19
C PHE F 83 -51.04 21.27 -17.24
N LEU F 84 -51.43 20.01 -17.00
CA LEU F 84 -51.22 18.97 -18.00
C LEU F 84 -52.07 19.20 -19.23
N ALA F 85 -53.22 19.86 -19.08
CA ALA F 85 -54.05 20.19 -20.24
C ALA F 85 -53.44 21.35 -21.03
N TYR F 86 -52.72 22.25 -20.35
CA TYR F 86 -52.12 23.39 -21.04
C TYR F 86 -50.93 22.95 -21.89
N SER F 87 -50.07 22.09 -21.35
CA SER F 87 -48.92 21.59 -22.09
C SER F 87 -49.27 20.46 -23.04
N GLY F 88 -50.51 19.97 -23.02
CA GLY F 88 -50.90 18.85 -23.84
C GLY F 88 -50.43 17.50 -23.33
N GLU F 89 -49.75 17.45 -22.19
CA GLU F 89 -49.29 16.20 -21.63
C GLU F 89 -50.42 15.35 -21.08
N LEU F 90 -51.61 15.93 -20.88
CA LEU F 90 -52.77 15.15 -20.49
C LEU F 90 -53.10 14.09 -21.53
N SER F 91 -52.81 14.36 -22.81
CA SER F 91 -53.01 13.36 -23.85
C SER F 91 -52.11 12.14 -23.63
N ASP F 92 -50.91 12.36 -23.09
CA ASP F 92 -50.05 11.24 -22.76
C ASP F 92 -50.63 10.41 -21.62
N VAL F 93 -51.27 11.07 -20.65
CA VAL F 93 -51.91 10.34 -19.57
C VAL F 93 -53.18 9.65 -20.07
N LEU F 94 -53.96 10.35 -20.91
CA LEU F 94 -55.14 9.73 -21.49
C LEU F 94 -54.80 8.51 -22.33
N GLU F 95 -53.57 8.40 -22.82
CA GLU F 95 -53.10 7.20 -23.48
C GLU F 95 -52.86 6.05 -22.52
N ASN F 96 -53.04 6.28 -21.21
CA ASN F 96 -52.84 5.26 -20.18
C ASN F 96 -51.45 4.62 -20.27
N MET G 2 -86.40 29.08 -14.36
CA MET G 2 -85.93 29.15 -12.98
C MET G 2 -85.08 27.94 -12.61
N LYS G 3 -85.21 27.49 -11.37
CA LYS G 3 -84.44 26.35 -10.88
C LYS G 3 -85.12 25.06 -11.32
N ILE G 4 -84.50 24.35 -12.25
CA ILE G 4 -85.06 23.10 -12.76
C ILE G 4 -84.85 22.00 -11.73
N ASN G 5 -85.36 20.81 -12.03
CA ASN G 5 -85.28 19.70 -11.08
C ASN G 5 -83.86 19.17 -10.98
N ALA G 6 -83.49 18.77 -9.76
CA ALA G 6 -82.13 18.30 -9.49
C ALA G 6 -81.82 16.96 -10.16
N GLU G 7 -82.85 16.23 -10.59
CA GLU G 7 -82.64 14.94 -11.23
C GLU G 7 -81.90 15.08 -12.56
N ASN G 8 -81.93 16.26 -13.18
CA ASN G 8 -81.26 16.47 -14.46
C ASN G 8 -79.75 16.63 -14.31
N PHE G 9 -79.25 16.94 -13.11
CA PHE G 9 -77.84 17.12 -12.87
C PHE G 9 -77.26 15.89 -12.20
N GLU G 10 -76.21 15.32 -12.79
CA GLU G 10 -75.61 14.11 -12.26
C GLU G 10 -74.91 14.37 -10.93
N CYS G 11 -74.27 15.53 -10.78
CA CYS G 11 -73.59 15.84 -9.53
C CYS G 11 -74.56 15.90 -8.36
N LEU G 12 -75.82 16.23 -8.62
CA LEU G 12 -76.82 16.28 -7.57
C LEU G 12 -77.39 14.89 -7.27
N ARG G 13 -77.45 14.02 -8.27
CA ARG G 13 -77.86 12.65 -8.03
C ARG G 13 -76.80 11.85 -7.29
N GLU G 14 -75.53 12.24 -7.40
CA GLU G 14 -74.43 11.52 -6.77
C GLU G 14 -74.00 12.10 -5.43
N SER G 15 -74.49 13.28 -5.07
CA SER G 15 -74.10 13.94 -3.83
C SER G 15 -75.36 14.39 -3.09
N LYS G 16 -75.58 13.83 -1.90
CA LYS G 16 -76.71 14.24 -1.10
C LYS G 16 -76.51 15.66 -0.56
N LEU G 17 -75.27 16.03 -0.25
CA LEU G 17 -75.00 17.37 0.27
C LEU G 17 -75.30 18.43 -0.77
N LYS G 18 -74.79 18.25 -2.00
CA LYS G 18 -74.99 19.25 -3.04
C LYS G 18 -76.45 19.31 -3.48
N ARG G 19 -77.18 18.19 -3.42
CA ARG G 19 -78.59 18.22 -3.78
C ARG G 19 -79.40 18.97 -2.75
N LYS G 20 -79.06 18.83 -1.47
CA LYS G 20 -79.76 19.56 -0.41
C LYS G 20 -79.52 21.06 -0.53
N VAL G 21 -78.30 21.46 -0.84
CA VAL G 21 -77.99 22.88 -1.01
C VAL G 21 -78.70 23.43 -2.25
N TYR G 22 -78.81 22.63 -3.30
CA TYR G 22 -79.45 23.08 -4.53
C TYR G 22 -80.94 23.32 -4.32
N GLU G 23 -81.59 22.47 -3.53
CA GLU G 23 -83.05 22.55 -3.39
C GLU G 23 -83.47 23.65 -2.42
N ASP G 24 -82.69 23.88 -1.36
CA ASP G 24 -83.12 24.77 -0.28
C ASP G 24 -82.40 26.11 -0.25
N LEU G 25 -81.14 26.18 -0.67
CA LEU G 25 -80.36 27.40 -0.51
C LEU G 25 -80.00 28.07 -1.84
N VAL G 26 -80.18 27.39 -2.97
CA VAL G 26 -79.88 27.98 -4.27
C VAL G 26 -81.14 28.66 -4.80
N LYS G 27 -81.05 29.98 -5.01
CA LYS G 27 -82.18 30.72 -5.55
C LYS G 27 -82.31 30.52 -7.06
N GLU G 28 -81.19 30.58 -7.78
CA GLU G 28 -81.21 30.46 -9.23
C GLU G 28 -79.83 30.06 -9.70
N ALA G 29 -79.80 29.26 -10.78
CA ALA G 29 -78.55 28.79 -11.37
C ALA G 29 -78.66 28.88 -12.88
N THR G 30 -77.90 29.78 -13.49
CA THR G 30 -77.89 29.97 -14.93
C THR G 30 -76.55 29.51 -15.50
N PHE G 31 -76.57 29.15 -16.79
CA PHE G 31 -75.41 28.61 -17.47
C PHE G 31 -75.17 29.37 -18.76
N VAL G 32 -73.90 29.63 -19.06
CA VAL G 32 -73.50 30.35 -20.27
C VAL G 32 -72.32 29.63 -20.89
N ARG G 33 -72.36 29.42 -22.20
CA ARG G 33 -71.21 28.95 -22.95
C ARG G 33 -70.45 30.17 -23.46
N VAL G 34 -69.37 30.51 -22.76
CA VAL G 34 -68.63 31.74 -23.05
C VAL G 34 -67.51 31.54 -24.05
N SER G 35 -67.26 30.30 -24.48
CA SER G 35 -66.13 29.99 -25.34
C SER G 35 -66.34 28.61 -25.96
N PRO G 36 -65.51 28.20 -26.93
CA PRO G 36 -65.70 26.85 -27.52
C PRO G 36 -65.61 25.72 -26.52
N LYS G 37 -64.85 25.87 -25.44
CA LYS G 37 -64.58 24.76 -24.54
C LYS G 37 -65.13 24.93 -23.12
N SER G 38 -65.50 26.14 -22.72
CA SER G 38 -65.82 26.41 -21.33
C SER G 38 -67.29 26.74 -21.15
N THR G 39 -67.78 26.49 -19.93
CA THR G 39 -69.14 26.82 -19.52
C THR G 39 -69.09 27.47 -18.15
N VAL G 40 -69.86 28.55 -17.98
CA VAL G 40 -69.92 29.29 -16.72
C VAL G 40 -71.28 29.05 -16.08
N CYS G 41 -71.27 28.63 -14.82
CA CYS G 41 -72.48 28.51 -14.02
C CYS G 41 -72.47 29.59 -12.95
N VAL G 42 -73.58 30.32 -12.83
CA VAL G 42 -73.73 31.38 -11.84
C VAL G 42 -74.83 30.95 -10.88
N VAL G 43 -74.45 30.61 -9.66
CA VAL G 43 -75.38 30.24 -8.61
C VAL G 43 -75.63 31.47 -7.75
N THR G 44 -76.89 31.77 -7.46
CA THR G 44 -77.27 32.87 -6.60
C THR G 44 -78.05 32.35 -5.41
N ASP G 45 -77.73 32.86 -4.22
CA ASP G 45 -78.52 32.57 -3.03
C ASP G 45 -79.74 33.49 -3.00
N HIS G 46 -80.55 33.34 -1.95
CA HIS G 46 -81.74 34.18 -1.85
C HIS G 46 -81.43 35.63 -1.52
N ASN G 47 -80.16 35.97 -1.28
CA ASN G 47 -79.71 37.34 -1.14
C ASN G 47 -79.05 37.85 -2.41
N SER G 48 -79.17 37.12 -3.52
CA SER G 48 -78.61 37.48 -4.82
C SER G 48 -77.09 37.52 -4.84
N PHE G 49 -76.44 36.91 -3.84
CA PHE G 49 -75.00 36.77 -3.88
C PHE G 49 -74.62 35.69 -4.88
N GLU G 50 -73.68 36.01 -5.78
CA GLU G 50 -73.37 35.15 -6.91
C GLU G 50 -72.17 34.26 -6.60
N VAL G 51 -72.29 32.98 -6.92
CA VAL G 51 -71.21 32.01 -6.80
C VAL G 51 -70.97 31.41 -8.18
N ILE G 52 -69.73 31.49 -8.66
CA ILE G 52 -69.41 31.17 -10.03
C ILE G 52 -68.64 29.85 -10.08
N GLY G 53 -69.05 28.97 -10.97
CA GLY G 53 -68.30 27.76 -11.26
C GLY G 53 -68.16 27.57 -12.75
N THR G 54 -66.98 27.08 -13.16
CA THR G 54 -66.67 26.90 -14.57
C THR G 54 -66.20 25.48 -14.83
N SER G 55 -66.27 25.09 -16.10
CA SER G 55 -65.78 23.81 -16.57
C SER G 55 -65.13 24.03 -17.93
N SER G 56 -64.18 23.15 -18.27
CA SER G 56 -63.48 23.28 -19.55
C SER G 56 -63.16 21.89 -20.07
N VAL G 57 -63.77 21.51 -21.19
CA VAL G 57 -63.48 20.22 -21.80
C VAL G 57 -62.12 20.28 -22.49
N TYR G 58 -61.37 19.19 -22.41
CA TYR G 58 -60.01 19.17 -22.94
C TYR G 58 -60.02 19.29 -24.46
N LYS G 59 -60.82 18.46 -25.13
CA LYS G 59 -60.94 18.50 -26.58
C LYS G 59 -62.27 19.16 -26.94
N VAL G 60 -62.20 20.22 -27.75
CA VAL G 60 -63.40 21.01 -28.04
C VAL G 60 -64.43 20.18 -28.79
N GLU G 61 -63.99 19.24 -29.63
CA GLU G 61 -64.91 18.40 -30.39
C GLU G 61 -65.72 17.46 -29.51
N ASN G 62 -65.41 17.38 -28.21
CA ASN G 62 -66.16 16.57 -27.27
C ASN G 62 -67.17 17.38 -26.47
N PHE G 63 -67.41 18.63 -26.84
CA PHE G 63 -68.27 19.50 -26.04
C PHE G 63 -69.70 18.96 -26.00
N ASN G 64 -70.24 18.88 -24.80
CA ASN G 64 -71.62 18.46 -24.57
C ASN G 64 -72.26 19.44 -23.59
N ASP G 65 -73.40 20.01 -23.99
CA ASP G 65 -74.02 21.06 -23.18
C ASP G 65 -74.37 20.56 -21.78
N GLU G 66 -74.93 19.35 -21.69
CA GLU G 66 -75.38 18.85 -20.40
C GLU G 66 -74.21 18.55 -19.47
N ILE G 67 -73.13 17.97 -20.00
CA ILE G 67 -71.97 17.68 -19.18
C ILE G 67 -71.26 18.96 -18.76
N GLY G 68 -71.24 19.96 -19.64
CA GLY G 68 -70.62 21.22 -19.29
C GLY G 68 -71.35 21.94 -18.17
N ARG G 69 -72.68 21.92 -18.20
CA ARG G 69 -73.46 22.53 -17.13
C ARG G 69 -73.26 21.79 -15.81
N ASP G 70 -73.36 20.46 -15.85
CA ASP G 70 -73.28 19.68 -14.62
C ASP G 70 -71.93 19.84 -13.94
N THR G 71 -70.85 19.85 -14.72
CA THR G 71 -69.52 20.03 -14.14
C THR G 71 -69.34 21.44 -13.60
N ALA G 72 -69.91 22.44 -14.27
CA ALA G 72 -69.80 23.81 -13.80
C ALA G 72 -70.64 24.03 -12.55
N LEU G 73 -71.85 23.44 -12.51
CA LEU G 73 -72.67 23.55 -11.31
C LEU G 73 -72.01 22.86 -10.12
N SER G 74 -71.31 21.76 -10.37
CA SER G 74 -70.65 21.03 -9.30
C SER G 74 -69.56 21.88 -8.64
N GLN G 75 -68.76 22.58 -9.45
CA GLN G 75 -67.73 23.44 -8.88
C GLN G 75 -68.33 24.66 -8.20
N ALA G 76 -69.40 25.21 -8.76
CA ALA G 76 -70.07 26.35 -8.13
C ALA G 76 -70.63 25.96 -6.77
N LEU G 77 -71.15 24.75 -6.63
CA LEU G 77 -71.65 24.30 -5.35
C LEU G 77 -70.52 23.96 -4.38
N ASP G 78 -69.33 23.63 -4.89
CA ASP G 78 -68.17 23.48 -4.02
C ASP G 78 -67.83 24.80 -3.35
N SER G 79 -67.82 25.89 -4.12
CA SER G 79 -67.54 27.20 -3.56
C SER G 79 -68.66 27.67 -2.65
N PHE G 80 -69.91 27.38 -3.01
CA PHE G 80 -71.05 27.78 -2.18
C PHE G 80 -70.97 27.15 -0.80
N ILE G 81 -70.55 25.88 -0.73
CA ILE G 81 -70.44 25.20 0.56
C ILE G 81 -69.43 25.89 1.46
N LYS G 82 -68.36 26.44 0.87
CA LYS G 82 -67.39 27.20 1.66
C LYS G 82 -68.06 28.41 2.31
N PHE G 83 -68.89 29.14 1.56
CA PHE G 83 -69.61 30.26 2.13
C PHE G 83 -70.59 29.80 3.20
N LEU G 84 -71.20 28.63 3.01
CA LEU G 84 -72.11 28.10 4.01
C LEU G 84 -71.36 27.66 5.27
N ALA G 85 -70.09 27.27 5.12
CA ALA G 85 -69.27 26.97 6.29
C ALA G 85 -68.84 28.25 6.99
N TYR G 86 -68.73 29.36 6.25
CA TYR G 86 -68.36 30.63 6.86
C TYR G 86 -69.48 31.14 7.77
N SER G 87 -70.71 31.13 7.28
CA SER G 87 -71.84 31.62 8.05
C SER G 87 -72.35 30.63 9.08
N GLY G 88 -71.87 29.38 9.05
CA GLY G 88 -72.39 28.35 9.91
C GLY G 88 -73.68 27.72 9.42
N GLU G 89 -74.24 28.20 8.30
CA GLU G 89 -75.46 27.61 7.75
C GLU G 89 -75.23 26.21 7.20
N LEU G 90 -73.97 25.82 6.98
CA LEU G 90 -73.68 24.48 6.49
C LEU G 90 -74.13 23.42 7.48
N SER G 91 -74.01 23.71 8.78
CA SER G 91 -74.43 22.74 9.79
C SER G 91 -75.94 22.52 9.78
N ASP G 92 -76.71 23.53 9.35
CA ASP G 92 -78.14 23.34 9.19
C ASP G 92 -78.45 22.41 8.02
N VAL G 93 -77.61 22.45 6.97
CA VAL G 93 -77.77 21.50 5.87
C VAL G 93 -77.37 20.10 6.32
N LEU G 94 -76.27 19.99 7.04
CA LEU G 94 -75.82 18.70 7.56
C LEU G 94 -76.74 18.21 8.67
N ASN H 5 -55.47 47.19 -28.61
CA ASN H 5 -56.29 46.63 -27.54
C ASN H 5 -55.66 46.84 -26.17
N ALA H 6 -54.34 46.62 -26.08
CA ALA H 6 -53.68 46.57 -24.79
C ALA H 6 -53.76 47.90 -24.05
N GLU H 7 -53.70 49.01 -24.80
CA GLU H 7 -53.74 50.33 -24.17
C GLU H 7 -55.10 50.62 -23.52
N ASN H 8 -56.15 49.89 -23.89
CA ASN H 8 -57.47 50.15 -23.35
C ASN H 8 -57.66 49.65 -21.93
N PHE H 9 -56.80 48.76 -21.45
CA PHE H 9 -56.97 48.14 -20.14
C PHE H 9 -56.01 48.75 -19.13
N GLU H 10 -56.54 49.11 -17.96
CA GLU H 10 -55.71 49.72 -16.93
C GLU H 10 -54.71 48.72 -16.35
N CYS H 11 -55.13 47.46 -16.19
CA CYS H 11 -54.23 46.46 -15.63
C CYS H 11 -53.03 46.20 -16.53
N LEU H 12 -53.13 46.50 -17.82
CA LEU H 12 -51.99 46.34 -18.71
C LEU H 12 -51.08 47.56 -18.68
N ARG H 13 -51.65 48.75 -18.54
CA ARG H 13 -50.84 49.96 -18.44
C ARG H 13 -50.05 49.98 -17.13
N GLU H 14 -50.57 49.35 -16.09
CA GLU H 14 -49.92 49.34 -14.78
C GLU H 14 -49.00 48.13 -14.57
N SER H 15 -48.90 47.24 -15.55
CA SER H 15 -48.08 46.05 -15.40
C SER H 15 -47.51 45.68 -16.77
N LYS H 16 -46.20 45.90 -16.95
CA LYS H 16 -45.58 45.56 -18.22
C LYS H 16 -45.32 44.06 -18.38
N LEU H 17 -45.47 43.28 -17.29
CA LEU H 17 -45.43 41.83 -17.43
C LEU H 17 -46.71 41.31 -18.06
N LYS H 18 -47.87 41.72 -17.52
CA LYS H 18 -49.14 41.30 -18.10
C LYS H 18 -49.34 41.87 -19.50
N ARG H 19 -48.84 43.08 -19.75
CA ARG H 19 -48.99 43.66 -21.08
C ARG H 19 -48.19 42.89 -22.12
N LYS H 20 -46.97 42.48 -21.77
CA LYS H 20 -46.16 41.70 -22.69
C LYS H 20 -46.78 40.33 -22.95
N VAL H 21 -47.36 39.72 -21.92
CA VAL H 21 -48.08 38.46 -22.09
C VAL H 21 -49.28 38.66 -23.02
N TYR H 22 -50.01 39.76 -22.83
CA TYR H 22 -51.20 40.01 -23.63
C TYR H 22 -50.85 40.28 -25.08
N GLU H 23 -49.80 41.07 -25.33
CA GLU H 23 -49.45 41.46 -26.69
C GLU H 23 -48.91 40.27 -27.48
N ASP H 24 -48.10 39.43 -26.85
CA ASP H 24 -47.35 38.39 -27.56
C ASP H 24 -48.00 37.01 -27.49
N LEU H 25 -48.53 36.62 -26.33
CA LEU H 25 -48.95 35.24 -26.13
C LEU H 25 -50.46 35.04 -26.15
N VAL H 26 -51.26 36.11 -26.12
CA VAL H 26 -52.72 35.99 -26.10
C VAL H 26 -53.24 36.05 -27.53
N LYS H 27 -53.93 35.00 -27.96
CA LYS H 27 -54.54 34.98 -29.28
C LYS H 27 -55.83 35.80 -29.30
N GLU H 28 -56.74 35.52 -28.38
CA GLU H 28 -58.00 36.23 -28.29
C GLU H 28 -58.36 36.44 -26.82
N ALA H 29 -59.14 37.49 -26.58
CA ALA H 29 -59.62 37.83 -25.24
C ALA H 29 -61.04 38.34 -25.36
N THR H 30 -62.01 37.51 -24.98
CA THR H 30 -63.42 37.84 -25.06
C THR H 30 -63.99 38.06 -23.67
N PHE H 31 -65.04 38.86 -23.59
CA PHE H 31 -65.67 39.23 -22.32
C PHE H 31 -67.18 39.04 -22.42
N VAL H 32 -67.75 38.44 -21.38
CA VAL H 32 -69.19 38.17 -21.32
C VAL H 32 -69.69 38.60 -19.95
N ARG H 33 -70.76 39.38 -19.92
CA ARG H 33 -71.47 39.66 -18.67
C ARG H 33 -72.45 38.52 -18.43
N VAL H 34 -72.15 37.68 -17.44
CA VAL H 34 -72.94 36.48 -17.20
C VAL H 34 -74.02 36.67 -16.14
N SER H 35 -74.04 37.81 -15.45
CA SER H 35 -74.96 38.04 -14.35
C SER H 35 -75.00 39.53 -14.03
N PRO H 36 -75.95 40.00 -13.21
CA PRO H 36 -75.98 41.43 -12.88
C PRO H 36 -74.71 41.95 -12.23
N LYS H 37 -73.91 41.09 -11.60
CA LYS H 37 -72.74 41.54 -10.85
C LYS H 37 -71.41 41.04 -11.40
N SER H 38 -71.39 39.97 -12.19
CA SER H 38 -70.14 39.30 -12.54
C SER H 38 -69.85 39.41 -14.04
N THR H 39 -68.57 39.52 -14.36
CA THR H 39 -68.08 39.54 -15.73
C THR H 39 -67.03 38.46 -15.89
N VAL H 40 -67.11 37.72 -17.00
CA VAL H 40 -66.19 36.63 -17.29
C VAL H 40 -65.30 37.02 -18.46
N CYS H 41 -63.99 36.80 -18.31
CA CYS H 41 -63.03 37.00 -19.38
C CYS H 41 -62.39 35.67 -19.72
N VAL H 42 -62.38 35.34 -21.01
CA VAL H 42 -61.76 34.12 -21.51
C VAL H 42 -60.56 34.52 -22.35
N VAL H 43 -59.37 34.21 -21.86
CA VAL H 43 -58.12 34.49 -22.57
C VAL H 43 -57.69 33.23 -23.30
N THR H 44 -57.28 33.38 -24.56
CA THR H 44 -56.93 32.26 -25.41
C THR H 44 -55.49 32.43 -25.89
N ASP H 45 -54.68 31.39 -25.73
CA ASP H 45 -53.34 31.40 -26.28
C ASP H 45 -53.36 30.90 -27.73
N HIS H 46 -52.19 30.78 -28.33
CA HIS H 46 -52.11 30.41 -29.74
C HIS H 46 -52.35 28.93 -30.00
N ASN H 47 -52.52 28.13 -28.94
CA ASN H 47 -52.95 26.75 -29.08
C ASN H 47 -54.41 26.57 -28.68
N SER H 48 -55.17 27.65 -28.60
CA SER H 48 -56.59 27.68 -28.28
C SER H 48 -56.88 27.22 -26.85
N PHE H 49 -55.87 27.13 -26.00
CA PHE H 49 -56.11 26.85 -24.59
C PHE H 49 -56.73 28.07 -23.92
N GLU H 50 -57.74 27.82 -23.09
CA GLU H 50 -58.56 28.88 -22.52
C GLU H 50 -58.20 29.13 -21.07
N VAL H 51 -57.98 30.40 -20.72
CA VAL H 51 -57.72 30.82 -19.34
C VAL H 51 -58.83 31.79 -18.94
N ILE H 52 -59.48 31.51 -17.82
CA ILE H 52 -60.68 32.22 -17.40
C ILE H 52 -60.38 33.06 -16.18
N GLY H 53 -60.87 34.29 -16.18
CA GLY H 53 -60.85 35.13 -15.01
C GLY H 53 -62.18 35.84 -14.87
N THR H 54 -62.60 36.03 -13.61
CA THR H 54 -63.90 36.62 -13.32
C THR H 54 -63.72 37.80 -12.37
N SER H 55 -64.79 38.59 -12.26
CA SER H 55 -64.85 39.71 -11.32
C SER H 55 -66.31 39.92 -10.94
N SER H 56 -66.53 40.26 -9.67
CA SER H 56 -67.89 40.47 -9.16
C SER H 56 -67.88 41.73 -8.29
N VAL H 57 -68.60 42.76 -8.72
CA VAL H 57 -68.70 43.98 -7.93
C VAL H 57 -69.63 43.72 -6.74
N TYR H 58 -69.32 44.37 -5.62
CA TYR H 58 -70.12 44.18 -4.41
C TYR H 58 -71.51 44.80 -4.57
N LYS H 59 -71.57 46.07 -4.98
CA LYS H 59 -72.81 46.79 -5.16
C LYS H 59 -73.22 46.71 -6.63
N VAL H 60 -74.36 46.06 -6.90
CA VAL H 60 -74.78 45.82 -8.28
C VAL H 60 -75.11 47.13 -8.97
N GLU H 61 -75.56 48.14 -8.24
CA GLU H 61 -75.85 49.44 -8.85
C GLU H 61 -74.59 50.18 -9.27
N ASN H 62 -73.42 49.72 -8.85
CA ASN H 62 -72.14 50.31 -9.24
C ASN H 62 -71.47 49.56 -10.40
N PHE H 63 -72.23 48.72 -11.12
CA PHE H 63 -71.64 47.93 -12.19
C PHE H 63 -71.14 48.82 -13.32
N ASN H 64 -69.98 48.45 -13.86
CA ASN H 64 -69.37 49.16 -14.97
C ASN H 64 -68.74 48.16 -15.92
N ASP H 65 -69.05 48.28 -17.21
CA ASP H 65 -68.53 47.32 -18.18
C ASP H 65 -67.01 47.35 -18.25
N GLU H 66 -66.43 48.56 -18.29
CA GLU H 66 -64.98 48.68 -18.46
C GLU H 66 -64.23 48.13 -17.26
N ILE H 67 -64.67 48.49 -16.05
CA ILE H 67 -64.00 48.02 -14.84
C ILE H 67 -64.17 46.52 -14.68
N GLY H 68 -65.38 46.02 -14.97
CA GLY H 68 -65.61 44.58 -14.89
C GLY H 68 -64.73 43.80 -15.83
N ARG H 69 -64.53 44.30 -17.04
CA ARG H 69 -63.64 43.63 -17.99
C ARG H 69 -62.19 43.73 -17.54
N ASP H 70 -61.80 44.90 -17.00
CA ASP H 70 -60.41 45.09 -16.60
C ASP H 70 -60.04 44.19 -15.42
N THR H 71 -60.94 44.05 -14.45
CA THR H 71 -60.66 43.20 -13.30
C THR H 71 -60.66 41.72 -13.68
N ALA H 72 -61.55 41.33 -14.59
CA ALA H 72 -61.59 39.94 -15.04
C ALA H 72 -60.36 39.61 -15.88
N LEU H 73 -59.94 40.51 -16.76
CA LEU H 73 -58.74 40.28 -17.56
C LEU H 73 -57.52 40.16 -16.68
N SER H 74 -57.39 41.04 -15.68
CA SER H 74 -56.24 40.99 -14.78
C SER H 74 -56.20 39.66 -14.03
N GLN H 75 -57.36 39.19 -13.55
CA GLN H 75 -57.41 37.89 -12.88
C GLN H 75 -57.11 36.76 -13.85
N ALA H 76 -57.58 36.89 -15.10
CA ALA H 76 -57.29 35.88 -16.11
C ALA H 76 -55.80 35.81 -16.41
N LEU H 77 -55.13 36.96 -16.46
CA LEU H 77 -53.69 36.97 -16.73
C LEU H 77 -52.88 36.51 -15.52
N ASP H 78 -53.43 36.64 -14.31
CA ASP H 78 -52.78 36.03 -13.14
C ASP H 78 -52.71 34.52 -13.29
N SER H 79 -53.78 33.90 -13.78
CA SER H 79 -53.77 32.46 -13.99
C SER H 79 -52.89 32.08 -15.17
N PHE H 80 -52.91 32.89 -16.24
CA PHE H 80 -52.08 32.61 -17.41
C PHE H 80 -50.61 32.59 -17.04
N ILE H 81 -50.19 33.47 -16.14
CA ILE H 81 -48.80 33.50 -15.69
C ILE H 81 -48.41 32.20 -15.00
N LYS H 82 -49.36 31.57 -14.31
CA LYS H 82 -49.09 30.28 -13.68
C LYS H 82 -48.75 29.22 -14.72
N PHE H 83 -49.54 29.15 -15.80
CA PHE H 83 -49.26 28.20 -16.86
C PHE H 83 -47.93 28.49 -17.54
N LEU H 84 -47.62 29.77 -17.74
CA LEU H 84 -46.32 30.15 -18.31
C LEU H 84 -45.18 29.77 -17.37
N ALA H 85 -45.42 29.79 -16.06
CA ALA H 85 -44.41 29.32 -15.11
C ALA H 85 -44.27 27.81 -15.15
N TYR H 86 -45.38 27.09 -15.41
CA TYR H 86 -45.31 25.64 -15.53
C TYR H 86 -44.40 25.23 -16.68
N SER H 87 -44.62 25.79 -17.86
CA SER H 87 -43.68 25.62 -18.95
C SER H 87 -42.48 26.56 -18.74
N GLY H 88 -41.56 26.56 -19.70
CA GLY H 88 -40.49 27.52 -19.62
C GLY H 88 -40.80 28.88 -20.20
N GLU H 89 -42.06 29.13 -20.55
CA GLU H 89 -42.41 30.34 -21.29
C GLU H 89 -42.27 31.60 -20.45
N LEU H 90 -42.45 31.50 -19.12
CA LEU H 90 -42.37 32.70 -18.29
C LEU H 90 -40.99 33.33 -18.34
N SER H 91 -39.94 32.52 -18.50
CA SER H 91 -38.58 33.07 -18.57
C SER H 91 -38.41 33.95 -19.81
N ASP H 92 -39.01 33.55 -20.93
CA ASP H 92 -38.88 34.34 -22.15
C ASP H 92 -39.57 35.69 -22.02
N VAL H 93 -40.75 35.71 -21.41
CA VAL H 93 -41.49 36.96 -21.26
C VAL H 93 -40.73 37.91 -20.33
N LEU H 94 -40.09 37.38 -19.30
CA LEU H 94 -39.35 38.22 -18.36
C LEU H 94 -38.10 38.82 -18.99
N GLU H 95 -37.42 38.05 -19.84
CA GLU H 95 -36.19 38.52 -20.46
C GLU H 95 -36.44 39.49 -21.61
N ASN H 96 -37.65 39.51 -22.16
CA ASN H 96 -38.01 40.45 -23.22
C ASN H 96 -38.88 41.60 -22.70
N ILE H 97 -38.83 41.86 -21.40
CA ILE H 97 -39.66 42.90 -20.79
C ILE H 97 -39.15 44.29 -21.19
N LYS I 3 -22.29 9.81 -17.46
CA LYS I 3 -22.12 8.77 -16.46
C LYS I 3 -23.27 7.78 -16.50
N ILE I 4 -22.94 6.50 -16.58
CA ILE I 4 -23.94 5.43 -16.68
C ILE I 4 -24.20 4.86 -15.30
N ASN I 5 -25.44 4.39 -15.09
CA ASN I 5 -25.83 3.86 -13.79
C ASN I 5 -24.96 2.67 -13.41
N ALA I 6 -24.78 2.47 -12.10
CA ALA I 6 -23.85 1.48 -11.60
C ALA I 6 -24.32 0.05 -11.86
N GLU I 7 -25.65 -0.16 -11.94
CA GLU I 7 -26.17 -1.51 -12.13
C GLU I 7 -25.83 -2.11 -13.48
N ASN I 8 -25.34 -1.31 -14.43
CA ASN I 8 -24.98 -1.81 -15.75
C ASN I 8 -23.65 -2.54 -15.77
N PHE I 9 -22.85 -2.45 -14.71
CA PHE I 9 -21.52 -3.04 -14.66
C PHE I 9 -21.51 -4.17 -13.63
N GLU I 10 -21.02 -5.34 -14.05
CA GLU I 10 -20.99 -6.49 -13.17
C GLU I 10 -19.98 -6.31 -12.04
N CYS I 11 -18.87 -5.62 -12.30
CA CYS I 11 -17.88 -5.39 -11.24
C CYS I 11 -18.45 -4.53 -10.12
N LEU I 12 -19.40 -3.65 -10.44
CA LEU I 12 -20.03 -2.84 -9.42
C LEU I 12 -21.12 -3.60 -8.68
N ARG I 13 -21.78 -4.55 -9.33
CA ARG I 13 -22.79 -5.35 -8.67
C ARG I 13 -22.18 -6.39 -7.74
N GLU I 14 -20.90 -6.71 -7.91
CA GLU I 14 -20.23 -7.73 -7.11
C GLU I 14 -19.24 -7.14 -6.10
N SER I 15 -19.16 -5.81 -5.98
CA SER I 15 -18.22 -5.17 -5.07
C SER I 15 -18.89 -3.95 -4.47
N LYS I 16 -19.20 -4.02 -3.18
CA LYS I 16 -19.78 -2.86 -2.49
C LYS I 16 -18.80 -1.70 -2.48
N LEU I 17 -17.50 -1.98 -2.35
CA LEU I 17 -16.50 -0.92 -2.29
C LEU I 17 -16.44 -0.15 -3.60
N LYS I 18 -16.26 -0.85 -4.71
CA LYS I 18 -16.18 -0.18 -6.01
C LYS I 18 -17.50 0.49 -6.37
N ARG I 19 -18.62 -0.09 -5.97
CA ARG I 19 -19.92 0.52 -6.25
C ARG I 19 -20.08 1.83 -5.47
N LYS I 20 -19.63 1.85 -4.21
CA LYS I 20 -19.73 3.06 -3.42
C LYS I 20 -18.83 4.16 -3.98
N VAL I 21 -17.62 3.81 -4.41
CA VAL I 21 -16.73 4.78 -5.01
C VAL I 21 -17.29 5.31 -6.32
N TYR I 22 -17.88 4.43 -7.13
CA TYR I 22 -18.43 4.85 -8.42
C TYR I 22 -19.60 5.80 -8.25
N GLU I 23 -20.44 5.58 -7.23
CA GLU I 23 -21.62 6.41 -7.06
C GLU I 23 -21.26 7.78 -6.51
N ASP I 24 -20.42 7.82 -5.48
CA ASP I 24 -20.19 9.06 -4.74
C ASP I 24 -18.92 9.80 -5.16
N LEU I 25 -17.95 9.13 -5.78
CA LEU I 25 -16.66 9.75 -6.06
C LEU I 25 -16.29 9.78 -7.54
N VAL I 26 -17.06 9.16 -8.41
CA VAL I 26 -16.77 9.16 -9.84
C VAL I 26 -17.69 10.17 -10.51
N LYS I 27 -17.08 11.19 -11.13
CA LYS I 27 -17.85 12.19 -11.86
C LYS I 27 -18.35 11.64 -13.20
N GLU I 28 -17.44 11.11 -14.01
CA GLU I 28 -17.77 10.49 -15.28
C GLU I 28 -16.89 9.27 -15.48
N ALA I 29 -17.35 8.37 -16.36
CA ALA I 29 -16.61 7.15 -16.68
C ALA I 29 -16.89 6.82 -18.13
N THR I 30 -15.94 7.14 -19.00
CA THR I 30 -16.08 6.91 -20.43
C THR I 30 -15.28 5.68 -20.85
N PHE I 31 -15.66 5.11 -21.99
CA PHE I 31 -15.06 3.89 -22.51
C PHE I 31 -14.78 4.06 -23.99
N VAL I 32 -13.58 3.63 -24.40
CA VAL I 32 -13.15 3.73 -25.80
C VAL I 32 -12.47 2.43 -26.18
N ARG I 33 -12.93 1.81 -27.28
CA ARG I 33 -12.26 0.65 -27.85
C ARG I 33 -11.09 1.15 -28.70
N VAL I 34 -9.88 1.09 -28.14
CA VAL I 34 -8.71 1.68 -28.79
C VAL I 34 -8.05 0.73 -29.79
N SER I 35 -8.44 -0.54 -29.84
CA SER I 35 -7.75 -1.51 -30.66
C SER I 35 -8.69 -2.69 -30.88
N PRO I 36 -8.33 -3.63 -31.75
CA PRO I 36 -9.18 -4.82 -31.93
C PRO I 36 -9.39 -5.62 -30.65
N LYS I 37 -8.45 -5.57 -29.70
CA LYS I 37 -8.52 -6.42 -28.52
C LYS I 37 -8.72 -5.66 -27.22
N SER I 38 -8.36 -4.38 -27.16
CA SER I 38 -8.28 -3.67 -25.89
C SER I 38 -9.39 -2.63 -25.76
N THR I 39 -9.80 -2.41 -24.51
CA THR I 39 -10.75 -1.37 -24.14
C THR I 39 -10.12 -0.50 -23.06
N VAL I 40 -10.32 0.81 -23.18
CA VAL I 40 -9.78 1.78 -22.23
C VAL I 40 -10.94 2.47 -21.53
N CYS I 41 -10.89 2.49 -20.20
CA CYS I 41 -11.86 3.20 -19.38
C CYS I 41 -11.16 4.38 -18.70
N VAL I 42 -11.77 5.55 -18.79
CA VAL I 42 -11.22 6.77 -18.20
C VAL I 42 -12.17 7.20 -17.09
N VAL I 43 -11.77 6.96 -15.85
CA VAL I 43 -12.52 7.41 -14.69
C VAL I 43 -12.01 8.77 -14.26
N THR I 44 -12.91 9.71 -14.05
CA THR I 44 -12.56 11.04 -13.56
C THR I 44 -13.28 11.30 -12.25
N ASP I 45 -12.56 11.90 -11.30
CA ASP I 45 -13.16 12.31 -10.05
C ASP I 45 -13.79 13.69 -10.23
N HIS I 46 -14.34 14.24 -9.14
CA HIS I 46 -15.02 15.53 -9.25
C HIS I 46 -14.04 16.70 -9.41
N ASN I 47 -12.74 16.45 -9.26
CA ASN I 47 -11.72 17.45 -9.57
C ASN I 47 -11.17 17.31 -10.98
N SER I 48 -11.83 16.50 -11.82
CA SER I 48 -11.44 16.25 -13.21
C SER I 48 -10.08 15.55 -13.32
N PHE I 49 -9.61 14.92 -12.24
CA PHE I 49 -8.41 14.10 -12.31
C PHE I 49 -8.76 12.76 -12.94
N GLU I 50 -7.91 12.31 -13.86
CA GLU I 50 -8.21 11.15 -14.70
C GLU I 50 -7.50 9.90 -14.18
N VAL I 51 -8.23 8.80 -14.13
CA VAL I 51 -7.69 7.49 -13.78
C VAL I 51 -8.06 6.52 -14.89
N ILE I 52 -7.06 5.88 -15.49
CA ILE I 52 -7.24 5.07 -16.68
C ILE I 52 -7.14 3.59 -16.31
N GLY I 53 -8.11 2.81 -16.77
CA GLY I 53 -8.03 1.37 -16.66
C GLY I 53 -8.21 0.74 -18.03
N THR I 54 -7.59 -0.43 -18.21
CA THR I 54 -7.58 -1.10 -19.49
C THR I 54 -7.98 -2.56 -19.34
N SER I 55 -8.31 -3.17 -20.47
CA SER I 55 -8.57 -4.61 -20.56
C SER I 55 -8.14 -5.07 -21.94
N SER I 56 -7.86 -6.37 -22.05
CA SER I 56 -7.39 -6.94 -23.31
C SER I 56 -7.85 -8.39 -23.38
N VAL I 57 -8.73 -8.69 -24.33
CA VAL I 57 -9.20 -10.05 -24.53
C VAL I 57 -8.15 -10.84 -25.28
N TYR I 58 -7.95 -12.11 -24.88
CA TYR I 58 -6.93 -12.92 -25.52
C TYR I 58 -7.33 -13.30 -26.95
N LYS I 59 -8.53 -13.84 -27.12
CA LYS I 59 -9.03 -14.18 -28.45
C LYS I 59 -9.85 -13.02 -28.99
N VAL I 60 -9.36 -12.41 -30.08
CA VAL I 60 -10.02 -11.23 -30.64
C VAL I 60 -11.41 -11.58 -31.15
N GLU I 61 -11.63 -12.82 -31.59
CA GLU I 61 -12.95 -13.22 -32.09
C GLU I 61 -13.98 -13.33 -30.97
N ASN I 62 -13.55 -13.32 -29.70
CA ASN I 62 -14.46 -13.37 -28.57
C ASN I 62 -14.68 -11.99 -27.95
N PHE I 63 -14.43 -10.92 -28.70
CA PHE I 63 -14.56 -9.58 -28.16
C PHE I 63 -16.01 -9.28 -27.82
N ASN I 64 -16.21 -8.62 -26.69
CA ASN I 64 -17.54 -8.24 -26.22
C ASN I 64 -17.44 -6.85 -25.60
N ASP I 65 -18.29 -5.94 -26.06
CA ASP I 65 -18.22 -4.55 -25.58
C ASP I 65 -18.51 -4.45 -24.09
N GLU I 66 -19.52 -5.19 -23.62
CA GLU I 66 -19.89 -5.10 -22.20
C GLU I 66 -18.80 -5.67 -21.31
N ILE I 67 -18.26 -6.85 -21.67
CA ILE I 67 -17.22 -7.46 -20.84
C ILE I 67 -15.94 -6.62 -20.89
N GLY I 68 -15.63 -6.06 -22.06
CA GLY I 68 -14.44 -5.22 -22.15
C GLY I 68 -14.55 -3.96 -21.31
N ARG I 69 -15.72 -3.31 -21.33
CA ARG I 69 -15.92 -2.12 -20.52
C ARG I 69 -15.93 -2.47 -19.03
N ASP I 70 -16.58 -3.57 -18.67
CA ASP I 70 -16.66 -3.95 -17.26
C ASP I 70 -15.29 -4.27 -16.69
N THR I 71 -14.44 -4.95 -17.48
CA THR I 71 -13.10 -5.29 -17.01
C THR I 71 -12.22 -4.05 -16.95
N ALA I 72 -12.36 -3.14 -17.92
CA ALA I 72 -11.57 -1.92 -17.92
C ALA I 72 -11.98 -1.00 -16.77
N LEU I 73 -13.28 -0.91 -16.49
CA LEU I 73 -13.74 -0.10 -15.37
C LEU I 73 -13.26 -0.68 -14.04
N SER I 74 -13.21 -2.00 -13.93
CA SER I 74 -12.77 -2.64 -12.70
C SER I 74 -11.30 -2.32 -12.40
N GLN I 75 -10.46 -2.31 -13.44
CA GLN I 75 -9.06 -1.96 -13.23
C GLN I 75 -8.89 -0.46 -12.96
N ALA I 76 -9.72 0.37 -13.58
CA ALA I 76 -9.64 1.81 -13.31
C ALA I 76 -10.02 2.12 -11.87
N LEU I 77 -10.99 1.40 -11.31
CA LEU I 77 -11.37 1.62 -9.92
C LEU I 77 -10.32 1.06 -8.96
N ASP I 78 -9.57 0.03 -9.37
CA ASP I 78 -8.45 -0.43 -8.56
C ASP I 78 -7.40 0.67 -8.40
N SER I 79 -7.14 1.42 -9.46
CA SER I 79 -6.17 2.50 -9.38
C SER I 79 -6.72 3.69 -8.62
N PHE I 80 -8.01 3.99 -8.80
CA PHE I 80 -8.62 5.10 -8.06
C PHE I 80 -8.59 4.84 -6.56
N ILE I 81 -8.74 3.58 -6.15
CA ILE I 81 -8.68 3.25 -4.73
C ILE I 81 -7.30 3.57 -4.17
N LYS I 82 -6.25 3.37 -4.97
CA LYS I 82 -4.91 3.76 -4.54
C LYS I 82 -4.82 5.27 -4.30
N PHE I 83 -5.44 6.06 -5.18
CA PHE I 83 -5.48 7.50 -4.97
C PHE I 83 -6.34 7.87 -3.76
N LEU I 84 -7.42 7.11 -3.52
CA LEU I 84 -8.23 7.37 -2.34
C LEU I 84 -7.53 6.98 -1.05
N ALA I 85 -6.67 5.94 -1.11
CA ALA I 85 -5.86 5.62 0.06
C ALA I 85 -4.78 6.66 0.30
N TYR I 86 -4.32 7.32 -0.76
CA TYR I 86 -3.30 8.36 -0.61
C TYR I 86 -3.87 9.59 0.06
N SER I 87 -5.05 10.04 -0.38
CA SER I 87 -5.68 11.22 0.20
C SER I 87 -6.35 10.92 1.53
N GLY I 88 -6.62 9.66 1.84
CA GLY I 88 -7.31 9.30 3.05
C GLY I 88 -8.82 9.23 2.92
N GLU I 89 -9.37 9.63 1.78
CA GLU I 89 -10.81 9.56 1.57
C GLU I 89 -11.32 8.12 1.50
N LEU I 90 -10.43 7.13 1.37
CA LEU I 90 -10.85 5.74 1.38
C LEU I 90 -11.51 5.38 2.71
N SER I 91 -11.13 6.06 3.80
CA SER I 91 -11.78 5.83 5.08
C SER I 91 -13.24 6.27 5.04
N ASP I 92 -13.54 7.35 4.32
CA ASP I 92 -14.93 7.77 4.17
C ASP I 92 -15.77 6.68 3.50
N VAL I 93 -15.20 6.01 2.50
CA VAL I 93 -15.93 4.95 1.82
C VAL I 93 -16.03 3.72 2.72
N LEU I 94 -14.94 3.34 3.36
CA LEU I 94 -14.94 2.15 4.21
C LEU I 94 -15.87 2.31 5.40
N GLU I 95 -15.95 3.52 5.95
CA GLU I 95 -16.83 3.77 7.09
C GLU I 95 -18.28 3.99 6.69
N ASN I 96 -18.57 4.16 5.40
CA ASN I 96 -19.93 4.32 4.90
C ASN I 96 -20.45 3.06 4.22
N ILE I 97 -19.77 1.93 4.38
CA ILE I 97 -20.25 0.66 3.84
C ILE I 97 -20.26 -0.40 4.94
N ASN J 5 7.11 5.84 -39.95
CA ASN J 5 7.25 7.23 -39.55
C ASN J 5 7.96 7.34 -38.20
N ALA J 6 9.06 6.60 -38.05
CA ALA J 6 9.78 6.56 -36.78
C ALA J 6 10.46 7.89 -36.49
N GLU J 7 10.80 8.67 -37.51
CA GLU J 7 11.54 9.91 -37.32
C GLU J 7 10.68 11.00 -36.69
N ASN J 8 9.36 10.90 -36.79
CA ASN J 8 8.48 11.95 -36.31
C ASN J 8 8.36 12.00 -34.78
N PHE J 9 8.79 10.95 -34.08
CA PHE J 9 8.69 10.90 -32.63
C PHE J 9 10.02 11.29 -31.99
N GLU J 10 9.96 12.15 -30.99
CA GLU J 10 11.18 12.63 -30.35
C GLU J 10 11.83 11.54 -29.51
N CYS J 11 11.02 10.71 -28.84
CA CYS J 11 11.58 9.62 -28.05
C CYS J 11 12.33 8.60 -28.90
N LEU J 12 12.00 8.51 -30.19
CA LEU J 12 12.74 7.63 -31.08
C LEU J 12 14.00 8.29 -31.61
N ARG J 13 14.01 9.62 -31.73
CA ARG J 13 15.21 10.34 -32.11
C ARG J 13 16.22 10.46 -30.99
N GLU J 14 15.83 10.17 -29.75
CA GLU J 14 16.72 10.25 -28.61
C GLU J 14 17.11 8.90 -28.03
N SER J 15 16.46 7.82 -28.45
CA SER J 15 16.74 6.47 -27.93
C SER J 15 16.97 5.54 -29.11
N LYS J 16 18.21 5.06 -29.26
CA LYS J 16 18.50 4.09 -30.29
C LYS J 16 17.77 2.77 -30.05
N LEU J 17 17.61 2.38 -28.79
CA LEU J 17 16.93 1.12 -28.49
C LEU J 17 15.47 1.17 -28.89
N LYS J 18 14.75 2.24 -28.49
CA LYS J 18 13.34 2.34 -28.82
C LYS J 18 13.11 2.51 -30.31
N ARG J 19 14.04 3.15 -31.02
CA ARG J 19 13.88 3.30 -32.46
C ARG J 19 14.05 1.97 -33.18
N LYS J 20 15.06 1.17 -32.79
CA LYS J 20 15.23 -0.15 -33.39
C LYS J 20 14.06 -1.06 -33.04
N VAL J 21 13.50 -0.92 -31.84
CA VAL J 21 12.31 -1.69 -31.48
C VAL J 21 11.12 -1.25 -32.32
N TYR J 22 10.97 0.06 -32.53
CA TYR J 22 9.85 0.57 -33.31
C TYR J 22 9.96 0.18 -34.78
N GLU J 23 11.19 0.05 -35.30
CA GLU J 23 11.35 -0.22 -36.73
C GLU J 23 11.12 -1.68 -37.05
N ASP J 24 11.76 -2.60 -36.31
CA ASP J 24 11.76 -4.01 -36.67
C ASP J 24 10.70 -4.82 -35.94
N LEU J 25 10.31 -4.43 -34.72
CA LEU J 25 9.46 -5.25 -33.88
C LEU J 25 8.05 -4.71 -33.70
N VAL J 26 7.77 -3.49 -34.17
CA VAL J 26 6.45 -2.90 -34.04
C VAL J 26 5.75 -2.96 -35.40
N LYS J 27 4.60 -3.62 -35.44
CA LYS J 27 3.82 -3.70 -36.67
C LYS J 27 3.00 -2.43 -36.88
N GLU J 28 2.28 -2.00 -35.85
CA GLU J 28 1.47 -0.78 -35.92
C GLU J 28 1.52 -0.07 -34.58
N ALA J 29 1.17 1.22 -34.60
CA ALA J 29 1.15 2.04 -33.39
C ALA J 29 0.14 3.15 -33.61
N THR J 30 -1.08 2.95 -33.09
CA THR J 30 -2.15 3.92 -33.21
C THR J 30 -2.25 4.78 -31.96
N PHE J 31 -2.92 5.92 -32.10
CA PHE J 31 -3.04 6.89 -31.02
C PHE J 31 -4.47 7.36 -30.89
N VAL J 32 -4.91 7.52 -29.64
CA VAL J 32 -6.31 7.84 -29.30
C VAL J 32 -6.30 8.76 -28.10
N ARG J 33 -6.86 9.97 -28.26
CA ARG J 33 -6.98 10.92 -27.14
C ARG J 33 -8.28 10.63 -26.40
N VAL J 34 -8.19 9.73 -25.41
CA VAL J 34 -9.39 9.20 -24.76
C VAL J 34 -10.07 10.18 -23.81
N SER J 35 -9.46 11.32 -23.52
CA SER J 35 -9.98 12.23 -22.51
C SER J 35 -9.35 13.60 -22.73
N PRO J 36 -9.83 14.63 -22.03
CA PRO J 36 -9.21 15.97 -22.20
C PRO J 36 -7.71 15.99 -21.93
N LYS J 37 -7.21 15.16 -21.02
CA LYS J 37 -5.81 15.25 -20.60
C LYS J 37 -4.95 14.09 -21.07
N SER J 38 -5.52 12.96 -21.47
CA SER J 38 -4.76 11.74 -21.67
C SER J 38 -4.79 11.29 -23.12
N THR J 39 -3.72 10.61 -23.52
CA THR J 39 -3.59 9.99 -24.84
C THR J 39 -3.19 8.53 -24.64
N VAL J 40 -3.81 7.64 -25.43
CA VAL J 40 -3.55 6.21 -25.34
C VAL J 40 -2.83 5.77 -26.61
N CYS J 41 -1.69 5.10 -26.44
CA CYS J 41 -0.94 4.53 -27.54
C CYS J 41 -1.00 3.00 -27.45
N VAL J 42 -1.38 2.37 -28.55
CA VAL J 42 -1.48 0.91 -28.62
C VAL J 42 -0.42 0.43 -29.60
N VAL J 43 0.59 -0.27 -29.09
CA VAL J 43 1.66 -0.82 -29.90
C VAL J 43 1.39 -2.30 -30.10
N THR J 44 1.28 -2.70 -31.36
CA THR J 44 1.06 -4.10 -31.73
C THR J 44 2.31 -4.67 -32.37
N ASP J 45 2.66 -5.90 -31.99
CA ASP J 45 3.75 -6.61 -32.64
C ASP J 45 3.21 -7.38 -33.85
N HIS J 46 4.09 -8.11 -34.52
CA HIS J 46 3.68 -8.83 -35.72
C HIS J 46 2.83 -10.05 -35.44
N ASN J 47 2.59 -10.39 -34.17
CA ASN J 47 1.64 -11.41 -33.79
C ASN J 47 0.33 -10.83 -33.27
N SER J 48 0.10 -9.54 -33.48
CA SER J 48 -1.09 -8.80 -33.08
C SER J 48 -1.23 -8.67 -31.56
N PHE J 49 -0.18 -8.97 -30.80
CA PHE J 49 -0.22 -8.72 -29.36
C PHE J 49 -0.09 -7.23 -29.08
N GLU J 50 -0.97 -6.70 -28.24
CA GLU J 50 -1.10 -5.26 -28.04
C GLU J 50 -0.43 -4.83 -26.74
N VAL J 51 0.34 -3.75 -26.81
CA VAL J 51 0.95 -3.13 -25.65
C VAL J 51 0.44 -1.70 -25.56
N ILE J 52 -0.09 -1.32 -24.40
CA ILE J 52 -0.77 -0.05 -24.21
C ILE J 52 0.14 0.88 -23.40
N GLY J 53 0.29 2.11 -23.88
CA GLY J 53 0.96 3.15 -23.13
C GLY J 53 0.12 4.41 -23.12
N THR J 54 0.16 5.12 -22.00
CA THR J 54 -0.64 6.32 -21.84
C THR J 54 0.23 7.47 -21.32
N SER J 55 -0.30 8.68 -21.49
CA SER J 55 0.29 9.89 -20.91
C SER J 55 -0.85 10.78 -20.45
N SER J 56 -0.55 11.67 -19.51
CA SER J 56 -1.57 12.57 -18.97
C SER J 56 -0.91 13.89 -18.60
N VAL J 57 -1.23 14.95 -19.34
CA VAL J 57 -0.71 16.27 -19.02
C VAL J 57 -1.40 16.79 -17.76
N TYR J 58 -0.62 17.42 -16.88
CA TYR J 58 -1.16 17.90 -15.62
C TYR J 58 -2.14 19.05 -15.84
N LYS J 59 -1.75 20.02 -16.65
CA LYS J 59 -2.59 21.17 -16.99
C LYS J 59 -3.26 20.91 -18.33
N VAL J 60 -4.60 20.84 -18.31
CA VAL J 60 -5.34 20.43 -19.51
C VAL J 60 -5.21 21.47 -20.62
N GLU J 61 -5.04 22.75 -20.27
CA GLU J 61 -4.95 23.79 -21.29
C GLU J 61 -3.66 23.71 -22.10
N ASN J 62 -2.68 22.92 -21.68
CA ASN J 62 -1.43 22.77 -22.40
C ASN J 62 -1.38 21.47 -23.22
N PHE J 63 -2.53 20.89 -23.53
CA PHE J 63 -2.55 19.64 -24.27
C PHE J 63 -1.96 19.83 -25.66
N ASN J 64 -1.11 18.89 -26.07
CA ASN J 64 -0.45 18.94 -27.36
C ASN J 64 -0.49 17.54 -27.97
N ASP J 65 -1.07 17.43 -29.17
CA ASP J 65 -1.19 16.12 -29.81
C ASP J 65 0.18 15.48 -30.03
N GLU J 66 1.18 16.28 -30.41
CA GLU J 66 2.51 15.74 -30.65
C GLU J 66 3.14 15.20 -29.37
N ILE J 67 3.14 16.01 -28.31
CA ILE J 67 3.78 15.61 -27.06
C ILE J 67 3.00 14.47 -26.40
N GLY J 68 1.67 14.51 -26.48
CA GLY J 68 0.87 13.45 -25.90
C GLY J 68 1.12 12.10 -26.54
N ARG J 69 1.22 12.07 -27.88
CA ARG J 69 1.51 10.82 -28.56
C ARG J 69 2.95 10.37 -28.32
N ASP J 70 3.88 11.33 -28.26
CA ASP J 70 5.29 10.97 -28.05
C ASP J 70 5.51 10.41 -26.65
N THR J 71 4.87 11.00 -25.64
CA THR J 71 5.01 10.49 -24.28
C THR J 71 4.29 9.14 -24.12
N ALA J 72 3.13 8.99 -24.75
CA ALA J 72 2.42 7.72 -24.68
C ALA J 72 3.16 6.62 -25.41
N LEU J 73 3.78 6.94 -26.56
CA LEU J 73 4.56 5.95 -27.28
C LEU J 73 5.78 5.52 -26.50
N SER J 74 6.50 6.48 -25.90
CA SER J 74 7.65 6.13 -25.08
C SER J 74 7.26 5.26 -23.89
N GLN J 75 6.06 5.48 -23.35
CA GLN J 75 5.58 4.64 -22.25
C GLN J 75 5.26 3.23 -22.74
N ALA J 76 4.64 3.11 -23.92
CA ALA J 76 4.30 1.80 -24.45
C ALA J 76 5.54 1.00 -24.82
N LEU J 77 6.58 1.68 -25.31
CA LEU J 77 7.82 0.97 -25.67
C LEU J 77 8.56 0.50 -24.42
N ASP J 78 8.45 1.24 -23.32
CA ASP J 78 9.01 0.77 -22.06
C ASP J 78 8.39 -0.57 -21.64
N SER J 79 7.08 -0.72 -21.86
CA SER J 79 6.41 -1.97 -21.53
C SER J 79 6.69 -3.05 -22.57
N PHE J 80 6.78 -2.66 -23.84
CA PHE J 80 7.06 -3.64 -24.90
C PHE J 80 8.43 -4.26 -24.71
N ILE J 81 9.40 -3.50 -24.18
CA ILE J 81 10.73 -4.04 -23.95
C ILE J 81 10.69 -5.13 -22.89
N LYS J 82 9.81 -5.01 -21.89
CA LYS J 82 9.65 -6.07 -20.91
C LYS J 82 9.27 -7.38 -21.57
N PHE J 83 8.35 -7.34 -22.55
CA PHE J 83 7.97 -8.54 -23.27
C PHE J 83 9.12 -9.04 -24.15
N LEU J 84 9.93 -8.13 -24.69
CA LEU J 84 11.10 -8.56 -25.46
C LEU J 84 12.12 -9.26 -24.57
N ALA J 85 12.24 -8.84 -23.31
CA ALA J 85 13.15 -9.52 -22.38
C ALA J 85 12.62 -10.88 -21.97
N TYR J 86 11.30 -11.04 -21.95
CA TYR J 86 10.71 -12.33 -21.56
C TYR J 86 10.99 -13.40 -22.61
N SER J 87 10.78 -13.09 -23.88
CA SER J 87 11.03 -14.03 -24.95
C SER J 87 12.51 -14.10 -25.35
N GLY J 88 13.33 -13.19 -24.85
CA GLY J 88 14.72 -13.13 -25.23
C GLY J 88 15.01 -12.30 -26.46
N GLU J 89 13.97 -11.77 -27.13
CA GLU J 89 14.17 -10.95 -28.33
C GLU J 89 14.87 -9.64 -28.04
N LEU J 90 15.03 -9.27 -26.76
CA LEU J 90 15.69 -8.01 -26.43
C LEU J 90 17.17 -8.05 -26.78
N SER J 91 17.83 -9.19 -26.54
CA SER J 91 19.25 -9.32 -26.86
C SER J 91 19.52 -9.22 -28.35
N ASP J 92 18.55 -9.53 -29.19
CA ASP J 92 18.70 -9.38 -30.64
C ASP J 92 18.65 -7.91 -31.04
N LYS K 3 15.94 8.75 3.25
CA LYS K 3 17.12 8.39 4.03
C LYS K 3 18.36 9.13 3.56
N ILE K 4 19.10 8.53 2.63
CA ILE K 4 20.35 9.13 2.18
C ILE K 4 20.07 10.32 1.27
N ASN K 5 21.06 11.19 1.16
CA ASN K 5 20.89 12.47 0.47
C ASN K 5 20.64 12.26 -1.02
N ALA K 6 20.04 13.29 -1.64
CA ALA K 6 19.68 13.21 -3.04
C ALA K 6 20.87 13.22 -3.97
N GLU K 7 22.02 13.73 -3.50
CA GLU K 7 23.21 13.84 -4.35
C GLU K 7 23.79 12.48 -4.73
N ASN K 8 23.36 11.40 -4.10
CA ASN K 8 23.89 10.08 -4.39
C ASN K 8 23.24 9.42 -5.60
N PHE K 9 22.02 9.83 -5.95
CA PHE K 9 21.26 9.19 -7.02
C PHE K 9 21.40 9.99 -8.30
N GLU K 10 21.67 9.28 -9.40
CA GLU K 10 21.86 9.96 -10.69
C GLU K 10 20.55 10.54 -11.22
N CYS K 11 19.43 9.83 -11.01
CA CYS K 11 18.15 10.34 -11.47
C CYS K 11 17.75 11.62 -10.75
N LEU K 12 18.27 11.85 -9.56
CA LEU K 12 18.02 13.09 -8.83
C LEU K 12 18.96 14.21 -9.23
N ARG K 13 20.20 13.88 -9.62
CA ARG K 13 21.12 14.89 -10.10
C ARG K 13 20.76 15.40 -11.49
N GLU K 14 19.92 14.66 -12.22
CA GLU K 14 19.56 15.03 -13.59
C GLU K 14 18.17 15.63 -13.70
N SER K 15 17.31 15.45 -12.69
CA SER K 15 15.93 15.93 -12.73
C SER K 15 15.72 16.88 -11.56
N LYS K 16 15.50 18.17 -11.88
CA LYS K 16 15.17 19.14 -10.84
C LYS K 16 13.81 18.83 -10.22
N LEU K 17 12.87 18.31 -11.02
CA LEU K 17 11.56 17.97 -10.49
C LEU K 17 11.64 16.82 -9.49
N LYS K 18 12.32 15.74 -9.87
CA LYS K 18 12.40 14.58 -8.97
C LYS K 18 13.26 14.88 -7.75
N ARG K 19 14.30 15.72 -7.90
CA ARG K 19 15.11 16.07 -6.74
C ARG K 19 14.32 16.91 -5.75
N LYS K 20 13.48 17.82 -6.25
CA LYS K 20 12.66 18.65 -5.36
C LYS K 20 11.65 17.80 -4.60
N VAL K 21 11.05 16.83 -5.27
CA VAL K 21 10.11 15.94 -4.60
C VAL K 21 10.83 15.10 -3.55
N TYR K 22 12.05 14.64 -3.87
CA TYR K 22 12.79 13.80 -2.93
C TYR K 22 13.25 14.59 -1.71
N GLU K 23 13.66 15.85 -1.90
CA GLU K 23 14.18 16.63 -0.79
C GLU K 23 13.07 17.05 0.17
N ASP K 24 11.93 17.50 -0.36
CA ASP K 24 10.89 18.11 0.45
C ASP K 24 9.75 17.17 0.81
N LEU K 25 9.33 16.29 -0.11
CA LEU K 25 8.11 15.52 0.08
C LEU K 25 8.34 14.05 0.40
N VAL K 26 9.56 13.54 0.27
CA VAL K 26 9.86 12.14 0.54
C VAL K 26 10.36 12.03 1.98
N LYS K 27 9.57 11.38 2.83
CA LYS K 27 9.98 11.16 4.21
C LYS K 27 11.04 10.07 4.33
N GLU K 28 10.94 9.03 3.51
CA GLU K 28 11.88 7.93 3.58
C GLU K 28 11.85 7.17 2.26
N ALA K 29 12.98 6.55 1.93
CA ALA K 29 13.09 5.75 0.70
C ALA K 29 14.08 4.62 0.95
N THR K 30 13.56 3.40 1.06
CA THR K 30 14.37 2.22 1.31
C THR K 30 14.49 1.39 0.04
N PHE K 31 15.50 0.51 0.04
CA PHE K 31 15.80 -0.32 -1.12
C PHE K 31 16.02 -1.76 -0.68
N VAL K 32 15.48 -2.70 -1.44
CA VAL K 32 15.57 -4.13 -1.14
C VAL K 32 15.77 -4.88 -2.44
N ARG K 33 16.86 -5.65 -2.53
CA ARG K 33 17.08 -6.55 -3.67
C ARG K 33 16.29 -7.82 -3.42
N VAL K 34 15.17 -7.96 -4.13
CA VAL K 34 14.24 -9.06 -3.87
C VAL K 34 14.52 -10.30 -4.72
N SER K 35 15.46 -10.21 -5.66
CA SER K 35 15.70 -11.30 -6.60
C SER K 35 17.04 -11.04 -7.28
N PRO K 36 17.56 -12.03 -8.02
CA PRO K 36 18.85 -11.82 -8.71
C PRO K 36 18.84 -10.65 -9.69
N LYS K 37 17.69 -10.26 -10.22
CA LYS K 37 17.63 -9.22 -11.25
C LYS K 37 16.93 -7.94 -10.79
N SER K 38 16.05 -8.01 -9.80
CA SER K 38 15.17 -6.90 -9.49
C SER K 38 15.55 -6.22 -8.18
N THR K 39 15.38 -4.90 -8.15
CA THR K 39 15.52 -4.09 -6.95
C THR K 39 14.23 -3.32 -6.73
N VAL K 40 13.77 -3.27 -5.47
CA VAL K 40 12.51 -2.64 -5.12
C VAL K 40 12.81 -1.41 -4.25
N CYS K 41 12.23 -0.28 -4.64
CA CYS K 41 12.32 0.96 -3.86
C CYS K 41 10.94 1.31 -3.32
N VAL K 42 10.89 1.64 -2.03
CA VAL K 42 9.63 1.99 -1.36
C VAL K 42 9.77 3.42 -0.87
N VAL K 43 9.03 4.33 -1.50
CA VAL K 43 9.04 5.75 -1.15
C VAL K 43 7.83 6.05 -0.30
N THR K 44 8.05 6.70 0.84
CA THR K 44 6.99 7.09 1.75
C THR K 44 6.94 8.61 1.89
N ASP K 45 5.73 9.13 2.05
CA ASP K 45 5.53 10.55 2.28
C ASP K 45 5.40 10.81 3.77
N HIS K 46 4.99 12.04 4.14
CA HIS K 46 4.91 12.41 5.54
C HIS K 46 3.84 11.62 6.30
N ASN K 47 2.85 11.08 5.58
CA ASN K 47 1.82 10.25 6.19
C ASN K 47 2.11 8.76 6.08
N SER K 48 3.35 8.41 5.73
CA SER K 48 3.81 7.03 5.60
C SER K 48 3.07 6.26 4.51
N PHE K 49 2.45 6.96 3.56
CA PHE K 49 1.88 6.30 2.40
C PHE K 49 3.01 5.81 1.50
N GLU K 50 2.93 4.55 1.07
CA GLU K 50 4.03 3.88 0.41
C GLU K 50 3.85 3.90 -1.10
N VAL K 51 4.88 4.37 -1.80
CA VAL K 51 4.95 4.35 -3.26
C VAL K 51 6.09 3.43 -3.65
N ILE K 52 5.82 2.51 -4.57
CA ILE K 52 6.74 1.42 -4.90
C ILE K 52 7.21 1.57 -6.33
N GLY K 53 8.52 1.47 -6.53
CA GLY K 53 9.08 1.38 -7.86
C GLY K 53 10.11 0.26 -7.92
N THR K 54 10.21 -0.36 -9.09
CA THR K 54 11.11 -1.49 -9.28
C THR K 54 11.99 -1.27 -10.50
N SER K 55 13.01 -2.11 -10.61
CA SER K 55 13.89 -2.17 -11.78
C SER K 55 14.31 -3.61 -11.95
N SER K 56 14.64 -3.98 -13.20
CA SER K 56 15.02 -5.36 -13.48
C SER K 56 16.04 -5.36 -14.62
N VAL K 57 17.29 -5.71 -14.30
CA VAL K 57 18.32 -5.78 -15.31
C VAL K 57 18.08 -7.00 -16.20
N TYR K 58 18.32 -6.83 -17.50
CA TYR K 58 18.08 -7.92 -18.44
C TYR K 58 19.02 -9.09 -18.19
N LYS K 59 20.32 -8.83 -18.19
CA LYS K 59 21.33 -9.86 -17.93
C LYS K 59 21.74 -9.80 -16.46
N VAL K 60 21.54 -10.91 -15.75
CA VAL K 60 21.77 -10.92 -14.31
C VAL K 60 23.24 -10.71 -13.98
N GLU K 61 24.15 -11.15 -14.84
CA GLU K 61 25.57 -11.02 -14.55
C GLU K 61 26.03 -9.58 -14.53
N ASN K 62 25.30 -8.66 -15.15
CA ASN K 62 25.63 -7.24 -15.14
C ASN K 62 24.93 -6.48 -14.03
N PHE K 63 24.48 -7.18 -12.98
CA PHE K 63 23.75 -6.53 -11.90
C PHE K 63 24.65 -5.59 -11.11
N ASN K 64 24.13 -4.42 -10.77
CA ASN K 64 24.84 -3.43 -9.98
C ASN K 64 23.88 -2.84 -8.96
N ASP K 65 24.30 -2.82 -7.69
CA ASP K 65 23.43 -2.32 -6.62
C ASP K 65 23.11 -0.84 -6.81
N GLU K 66 24.10 -0.04 -7.22
CA GLU K 66 23.91 1.40 -7.31
C GLU K 66 22.94 1.76 -8.45
N ILE K 67 23.10 1.13 -9.62
CA ILE K 67 22.23 1.44 -10.74
C ILE K 67 20.82 0.92 -10.48
N GLY K 68 20.70 -0.23 -9.79
CA GLY K 68 19.38 -0.77 -9.50
C GLY K 68 18.58 0.12 -8.57
N ARG K 69 19.24 0.71 -7.57
CA ARG K 69 18.53 1.61 -6.66
C ARG K 69 18.14 2.90 -7.34
N ASP K 70 19.03 3.44 -8.18
CA ASP K 70 18.73 4.69 -8.88
C ASP K 70 17.57 4.51 -9.85
N THR K 71 17.59 3.44 -10.64
CA THR K 71 16.51 3.20 -11.61
C THR K 71 15.20 2.87 -10.91
N ALA K 72 15.25 2.17 -9.77
CA ALA K 72 14.03 1.85 -9.05
C ALA K 72 13.44 3.08 -8.38
N LEU K 73 14.29 3.96 -7.85
CA LEU K 73 13.80 5.19 -7.24
C LEU K 73 13.16 6.09 -8.28
N SER K 74 13.72 6.14 -9.49
CA SER K 74 13.19 7.01 -10.54
C SER K 74 11.77 6.63 -10.90
N GLN K 75 11.49 5.33 -11.03
CA GLN K 75 10.13 4.89 -11.29
C GLN K 75 9.23 5.14 -10.08
N ALA K 76 9.77 4.93 -8.87
CA ALA K 76 9.00 5.22 -7.67
C ALA K 76 8.62 6.68 -7.60
N LEU K 77 9.51 7.57 -8.05
CA LEU K 77 9.19 8.99 -8.07
C LEU K 77 8.19 9.32 -9.17
N ASP K 78 8.24 8.59 -10.30
CA ASP K 78 7.25 8.80 -11.35
C ASP K 78 5.85 8.48 -10.86
N SER K 79 5.71 7.48 -9.99
CA SER K 79 4.41 7.12 -9.43
C SER K 79 3.97 8.13 -8.38
N PHE K 80 4.91 8.59 -7.53
CA PHE K 80 4.58 9.59 -6.53
C PHE K 80 4.10 10.88 -7.18
N ILE K 81 4.69 11.26 -8.31
CA ILE K 81 4.26 12.45 -9.03
C ILE K 81 2.80 12.33 -9.45
N LYS K 82 2.35 11.12 -9.79
CA LYS K 82 0.94 10.91 -10.09
C LYS K 82 0.07 11.23 -8.89
N PHE K 83 0.46 10.76 -7.70
CA PHE K 83 -0.29 11.07 -6.49
C PHE K 83 -0.24 12.56 -6.17
N LEU K 84 0.90 13.20 -6.42
CA LEU K 84 1.01 14.65 -6.20
C LEU K 84 0.13 15.42 -7.16
N ALA K 85 -0.09 14.89 -8.37
CA ALA K 85 -1.02 15.53 -9.30
C ALA K 85 -2.46 15.30 -8.88
N TYR K 86 -2.75 14.20 -8.19
CA TYR K 86 -4.11 13.93 -7.75
C TYR K 86 -4.54 14.90 -6.66
N SER K 87 -3.67 15.18 -5.69
CA SER K 87 -3.99 16.11 -4.63
C SER K 87 -3.76 17.56 -5.02
N GLY K 88 -3.07 17.82 -6.14
CA GLY K 88 -2.76 19.16 -6.56
C GLY K 88 -1.47 19.72 -6.00
N GLU K 89 -0.79 18.99 -5.12
CA GLU K 89 0.47 19.44 -4.55
C GLU K 89 1.59 19.49 -5.58
N LEU K 90 1.41 18.86 -6.75
CA LEU K 90 2.42 18.95 -7.80
C LEU K 90 2.65 20.39 -8.25
N SER K 91 1.60 21.21 -8.22
CA SER K 91 1.76 22.61 -8.61
C SER K 91 2.66 23.36 -7.63
N ASP K 92 2.66 22.95 -6.36
CA ASP K 92 3.57 23.56 -5.39
C ASP K 92 5.02 23.28 -5.76
N VAL K 93 5.32 22.06 -6.21
CA VAL K 93 6.68 21.71 -6.59
C VAL K 93 7.07 22.42 -7.89
N LEU K 94 6.13 22.61 -8.80
CA LEU K 94 6.45 23.18 -10.10
C LEU K 94 6.80 24.65 -10.00
N GLU K 95 5.99 25.43 -9.28
CA GLU K 95 6.19 26.88 -9.22
C GLU K 95 7.22 27.25 -8.16
N ASN K 96 8.14 26.34 -7.85
CA ASN K 96 9.21 26.62 -6.91
C ASN K 96 10.58 26.45 -7.56
N LYS L 3 9.76 -21.85 -4.53
CA LYS L 3 9.70 -23.10 -3.78
C LYS L 3 8.59 -23.06 -2.73
N ILE L 4 7.35 -23.27 -3.17
CA ILE L 4 6.17 -23.28 -2.29
C ILE L 4 5.26 -24.44 -2.68
N ASN L 5 4.08 -24.49 -2.08
CA ASN L 5 3.06 -25.48 -2.40
C ASN L 5 1.79 -24.74 -2.79
N ALA L 6 1.30 -25.05 -3.99
CA ALA L 6 0.23 -24.25 -4.60
C ALA L 6 -1.07 -24.29 -3.81
N GLU L 7 -1.27 -25.32 -2.97
CA GLU L 7 -2.54 -25.47 -2.28
C GLU L 7 -2.75 -24.41 -1.21
N ASN L 8 -1.68 -23.79 -0.72
CA ASN L 8 -1.79 -22.86 0.41
C ASN L 8 -2.29 -21.48 0.01
N PHE L 9 -2.44 -21.20 -1.28
CA PHE L 9 -2.84 -19.88 -1.75
C PHE L 9 -4.33 -19.87 -2.09
N GLU L 10 -5.06 -18.94 -1.49
CA GLU L 10 -6.49 -18.83 -1.75
C GLU L 10 -6.76 -18.45 -3.21
N CYS L 11 -5.97 -17.52 -3.75
CA CYS L 11 -6.16 -17.12 -5.15
C CYS L 11 -5.89 -18.27 -6.11
N LEU L 12 -5.11 -19.26 -5.70
CA LEU L 12 -4.90 -20.45 -6.52
C LEU L 12 -6.03 -21.46 -6.37
N ARG L 13 -6.63 -21.54 -5.19
CA ARG L 13 -7.77 -22.42 -4.99
C ARG L 13 -9.03 -21.89 -5.66
N GLU L 14 -9.09 -20.60 -5.96
CA GLU L 14 -10.26 -19.98 -6.57
C GLU L 14 -10.09 -19.72 -8.07
N SER L 15 -8.90 -19.92 -8.62
CA SER L 15 -8.63 -19.68 -10.03
C SER L 15 -7.94 -20.89 -10.62
N LYS L 16 -8.64 -21.62 -11.49
CA LYS L 16 -8.03 -22.78 -12.14
C LYS L 16 -6.93 -22.34 -13.10
N LEU L 17 -7.10 -21.20 -13.76
CA LEU L 17 -6.09 -20.71 -14.69
C LEU L 17 -4.81 -20.35 -13.95
N LYS L 18 -4.92 -19.55 -12.89
CA LYS L 18 -3.72 -19.11 -12.17
C LYS L 18 -3.01 -20.30 -11.51
N ARG L 19 -3.77 -21.26 -10.98
CA ARG L 19 -3.15 -22.42 -10.37
C ARG L 19 -2.43 -23.28 -11.41
N LYS L 20 -3.05 -23.45 -12.58
CA LYS L 20 -2.40 -24.21 -13.65
C LYS L 20 -1.13 -23.52 -14.13
N VAL L 21 -1.18 -22.19 -14.28
CA VAL L 21 0.01 -21.43 -14.62
C VAL L 21 1.05 -21.57 -13.51
N TYR L 22 0.58 -21.65 -12.27
CA TYR L 22 1.51 -21.70 -11.14
C TYR L 22 2.19 -23.07 -11.04
N GLU L 23 1.43 -24.15 -11.24
CA GLU L 23 2.01 -25.48 -11.06
C GLU L 23 2.99 -25.82 -12.18
N ASP L 24 2.72 -25.37 -13.41
CA ASP L 24 3.50 -25.78 -14.57
C ASP L 24 4.54 -24.75 -14.99
N LEU L 25 4.20 -23.47 -15.04
CA LEU L 25 5.05 -22.46 -15.64
C LEU L 25 5.77 -21.57 -14.63
N VAL L 26 5.64 -21.84 -13.34
CA VAL L 26 6.29 -21.06 -12.31
C VAL L 26 7.38 -21.92 -11.67
N LYS L 27 8.64 -21.55 -11.90
CA LYS L 27 9.75 -22.28 -11.30
C LYS L 27 9.91 -21.90 -9.83
N GLU L 28 10.04 -20.61 -9.54
CA GLU L 28 10.20 -20.13 -8.17
C GLU L 28 9.24 -18.97 -7.93
N ALA L 29 8.82 -18.85 -6.67
CA ALA L 29 7.99 -17.73 -6.23
C ALA L 29 8.42 -17.38 -4.81
N THR L 30 8.93 -16.17 -4.62
CA THR L 30 9.43 -15.72 -3.33
C THR L 30 8.67 -14.47 -2.89
N PHE L 31 8.56 -14.31 -1.57
CA PHE L 31 7.85 -13.19 -0.99
C PHE L 31 8.77 -12.44 -0.03
N VAL L 32 8.75 -11.10 -0.13
CA VAL L 32 9.53 -10.24 0.73
C VAL L 32 8.63 -9.12 1.25
N ARG L 33 8.62 -8.93 2.56
CA ARG L 33 7.96 -7.77 3.15
C ARG L 33 8.94 -6.62 3.11
N VAL L 34 8.76 -5.73 2.12
CA VAL L 34 9.72 -4.65 1.89
C VAL L 34 9.45 -3.40 2.71
N SER L 35 8.31 -3.33 3.41
CA SER L 35 7.91 -2.13 4.12
C SER L 35 6.83 -2.51 5.12
N PRO L 36 6.48 -1.60 6.04
CA PRO L 36 5.41 -1.93 7.01
C PRO L 36 4.10 -2.34 6.39
N LYS L 37 3.79 -1.89 5.16
CA LYS L 37 2.49 -2.15 4.56
C LYS L 37 2.54 -3.00 3.30
N SER L 38 3.69 -3.18 2.67
CA SER L 38 3.76 -3.79 1.35
C SER L 38 4.48 -5.13 1.39
N THR L 39 4.01 -6.06 0.55
CA THR L 39 4.64 -7.35 0.34
C THR L 39 4.88 -7.52 -1.15
N VAL L 40 6.10 -7.95 -1.51
CA VAL L 40 6.49 -8.11 -2.90
C VAL L 40 6.63 -9.59 -3.21
N CYS L 41 6.02 -10.02 -4.31
CA CYS L 41 6.14 -11.39 -4.81
C CYS L 41 6.95 -11.38 -6.09
N VAL L 42 7.92 -12.30 -6.18
CA VAL L 42 8.78 -12.43 -7.36
C VAL L 42 8.52 -13.81 -7.94
N VAL L 43 7.74 -13.86 -9.00
CA VAL L 43 7.47 -15.09 -9.73
C VAL L 43 8.54 -15.26 -10.81
N THR L 44 9.06 -16.49 -10.93
CA THR L 44 10.12 -16.78 -11.88
C THR L 44 9.72 -17.99 -12.72
N ASP L 45 9.76 -17.84 -14.04
CA ASP L 45 9.49 -18.95 -14.93
C ASP L 45 10.74 -19.81 -15.06
N HIS L 46 10.74 -20.73 -16.03
CA HIS L 46 11.84 -21.68 -16.17
C HIS L 46 12.98 -21.15 -17.03
N ASN L 47 12.92 -19.89 -17.44
CA ASN L 47 14.04 -19.23 -18.11
C ASN L 47 14.57 -18.05 -17.29
N SER L 48 14.30 -18.04 -15.99
CA SER L 48 14.79 -17.06 -15.02
C SER L 48 14.26 -15.66 -15.24
N PHE L 49 13.23 -15.48 -16.08
CA PHE L 49 12.59 -14.18 -16.19
C PHE L 49 11.73 -13.92 -14.95
N GLU L 50 11.70 -12.67 -14.51
CA GLU L 50 11.07 -12.30 -13.25
C GLU L 50 9.81 -11.49 -13.50
N VAL L 51 8.73 -11.86 -12.80
CA VAL L 51 7.47 -11.14 -12.82
C VAL L 51 7.16 -10.72 -11.39
N ILE L 52 6.88 -9.45 -11.19
CA ILE L 52 6.72 -8.86 -9.85
C ILE L 52 5.26 -8.48 -9.64
N GLY L 53 4.72 -8.83 -8.49
CA GLY L 53 3.42 -8.38 -8.04
C GLY L 53 3.49 -7.94 -6.59
N THR L 54 2.83 -6.83 -6.26
CA THR L 54 2.90 -6.29 -4.91
C THR L 54 1.50 -6.08 -4.34
N SER L 55 1.42 -6.04 -3.02
CA SER L 55 0.21 -5.70 -2.31
C SER L 55 0.53 -4.64 -1.27
N SER L 56 -0.49 -3.92 -0.83
CA SER L 56 -0.31 -2.85 0.16
C SER L 56 -1.57 -2.75 1.00
N VAL L 57 -1.47 -3.11 2.28
CA VAL L 57 -2.61 -3.02 3.17
C VAL L 57 -2.85 -1.54 3.53
N TYR L 58 -4.13 -1.17 3.64
CA TYR L 58 -4.45 0.22 3.95
C TYR L 58 -4.16 0.54 5.42
N LYS L 59 -4.55 -0.36 6.32
CA LYS L 59 -4.28 -0.21 7.74
C LYS L 59 -3.10 -1.09 8.11
N VAL L 60 -1.99 -0.48 8.51
CA VAL L 60 -0.77 -1.24 8.79
C VAL L 60 -0.98 -2.17 9.98
N GLU L 61 -1.90 -1.84 10.89
CA GLU L 61 -2.14 -2.70 12.04
C GLU L 61 -2.89 -3.98 11.67
N ASN L 62 -3.48 -4.02 10.47
CA ASN L 62 -4.16 -5.20 9.98
C ASN L 62 -3.27 -6.09 9.13
N PHE L 63 -1.95 -5.88 9.17
CA PHE L 63 -1.04 -6.61 8.31
C PHE L 63 -1.07 -8.10 8.64
N ASN L 64 -1.18 -8.91 7.60
CA ASN L 64 -1.19 -10.36 7.72
C ASN L 64 -0.26 -10.94 6.65
N ASP L 65 0.63 -11.83 7.06
CA ASP L 65 1.63 -12.37 6.14
C ASP L 65 0.96 -13.19 5.04
N GLU L 66 0.01 -14.06 5.41
CA GLU L 66 -0.61 -14.93 4.43
C GLU L 66 -1.46 -14.14 3.43
N ILE L 67 -2.19 -13.14 3.92
CA ILE L 67 -3.01 -12.33 3.02
C ILE L 67 -2.13 -11.48 2.11
N GLY L 68 -1.04 -10.92 2.66
CA GLY L 68 -0.15 -10.12 1.84
C GLY L 68 0.53 -10.93 0.75
N ARG L 69 0.94 -12.17 1.07
CA ARG L 69 1.54 -13.02 0.06
C ARG L 69 0.52 -13.47 -0.98
N ASP L 70 -0.69 -13.81 -0.54
CA ASP L 70 -1.73 -14.25 -1.47
C ASP L 70 -2.11 -13.13 -2.43
N THR L 71 -2.17 -11.90 -1.93
CA THR L 71 -2.55 -10.77 -2.79
C THR L 71 -1.42 -10.41 -3.75
N ALA L 72 -0.18 -10.40 -3.26
CA ALA L 72 0.96 -10.07 -4.12
C ALA L 72 1.16 -11.14 -5.19
N LEU L 73 0.97 -12.41 -4.83
CA LEU L 73 1.09 -13.48 -5.82
C LEU L 73 -0.02 -13.40 -6.86
N SER L 74 -1.23 -13.03 -6.43
CA SER L 74 -2.35 -12.94 -7.37
C SER L 74 -2.10 -11.86 -8.42
N GLN L 75 -1.59 -10.70 -8.00
CA GLN L 75 -1.28 -9.64 -8.95
C GLN L 75 -0.08 -10.03 -9.82
N ALA L 76 0.90 -10.73 -9.23
CA ALA L 76 2.05 -11.17 -10.01
C ALA L 76 1.63 -12.15 -11.10
N LEU L 77 0.68 -13.04 -10.80
CA LEU L 77 0.19 -13.96 -11.82
C LEU L 77 -0.65 -13.25 -12.87
N ASP L 78 -1.30 -12.15 -12.50
CA ASP L 78 -1.99 -11.32 -13.49
C ASP L 78 -1.01 -10.78 -14.53
N SER L 79 0.17 -10.34 -14.07
CA SER L 79 1.19 -9.86 -15.01
C SER L 79 1.81 -11.01 -15.78
N PHE L 80 2.00 -12.17 -15.13
CA PHE L 80 2.58 -13.31 -15.80
C PHE L 80 1.71 -13.79 -16.96
N ILE L 81 0.38 -13.75 -16.78
CA ILE L 81 -0.52 -14.15 -17.86
C ILE L 81 -0.36 -13.23 -19.06
N LYS L 82 -0.07 -11.95 -18.83
CA LYS L 82 0.18 -11.04 -19.94
C LYS L 82 1.40 -11.49 -20.75
N PHE L 83 2.43 -11.99 -20.08
CA PHE L 83 3.59 -12.52 -20.80
C PHE L 83 3.24 -13.82 -21.51
N LEU L 84 2.39 -14.65 -20.89
CA LEU L 84 1.96 -15.88 -21.54
C LEU L 84 1.07 -15.59 -22.75
N ALA L 85 0.37 -14.45 -22.75
CA ALA L 85 -0.39 -14.05 -23.92
C ALA L 85 0.52 -13.48 -25.00
N TYR L 86 1.67 -12.92 -24.62
CA TYR L 86 2.64 -12.44 -25.60
C TYR L 86 3.13 -13.58 -26.48
N SER L 87 3.60 -14.65 -25.85
CA SER L 87 3.89 -15.89 -26.57
C SER L 87 2.58 -16.67 -26.74
N GLY L 88 2.66 -17.88 -27.28
CA GLY L 88 1.49 -18.72 -27.39
C GLY L 88 1.23 -19.61 -26.20
N GLU L 89 1.91 -19.37 -25.08
CA GLU L 89 1.81 -20.27 -23.94
C GLU L 89 0.44 -20.19 -23.26
N LEU L 90 -0.24 -19.05 -23.35
CA LEU L 90 -1.55 -18.94 -22.74
C LEU L 90 -2.55 -19.88 -23.39
N SER L 91 -2.43 -20.09 -24.70
CA SER L 91 -3.28 -21.08 -25.36
C SER L 91 -2.99 -22.49 -24.84
N ASP L 92 -1.71 -22.80 -24.59
CA ASP L 92 -1.35 -24.11 -24.08
C ASP L 92 -1.94 -24.36 -22.70
N VAL L 93 -1.99 -23.31 -21.87
CA VAL L 93 -2.52 -23.46 -20.51
C VAL L 93 -4.03 -23.67 -20.55
N LEU L 94 -4.73 -22.90 -21.39
CA LEU L 94 -6.18 -23.00 -21.46
C LEU L 94 -6.66 -24.32 -22.04
N GLU L 95 -5.79 -25.04 -22.74
CA GLU L 95 -6.15 -26.33 -23.33
C GLU L 95 -5.83 -27.51 -22.41
N ASN L 96 -5.28 -27.26 -21.24
CA ASN L 96 -4.92 -28.35 -20.32
C ASN L 96 -5.70 -28.26 -19.01
N ALA M 6 25.54 -12.54 42.73
CA ALA M 6 25.03 -11.90 41.53
C ALA M 6 25.35 -10.41 41.52
N GLU M 7 25.39 -9.82 42.72
CA GLU M 7 25.65 -8.38 42.82
C GLU M 7 27.11 -8.03 42.58
N ASN M 8 28.02 -9.01 42.61
CA ASN M 8 29.43 -8.71 42.38
C ASN M 8 29.68 -8.31 40.93
N PHE M 9 28.91 -8.85 40.00
CA PHE M 9 29.13 -8.64 38.58
C PHE M 9 28.46 -7.36 38.11
N GLU M 10 29.12 -6.64 37.21
CA GLU M 10 28.58 -5.40 36.69
C GLU M 10 27.53 -5.65 35.60
N CYS M 11 27.69 -6.71 34.81
CA CYS M 11 26.70 -7.02 33.78
C CYS M 11 25.38 -7.47 34.40
N LEU M 12 25.43 -8.06 35.60
CA LEU M 12 24.21 -8.44 36.30
C LEU M 12 23.53 -7.23 36.95
N ARG M 13 24.25 -6.12 37.12
CA ARG M 13 23.62 -4.90 37.60
C ARG M 13 22.81 -4.24 36.49
N GLU M 14 23.43 -4.01 35.33
CA GLU M 14 22.82 -3.28 34.23
C GLU M 14 21.95 -4.17 33.35
N SER M 15 21.42 -5.27 33.86
CA SER M 15 20.57 -6.15 33.07
C SER M 15 19.60 -6.87 33.99
N LYS M 16 18.34 -6.45 33.97
CA LYS M 16 17.32 -7.14 34.74
C LYS M 16 17.08 -8.56 34.21
N LEU M 17 17.29 -8.76 32.91
CA LEU M 17 17.09 -10.08 32.32
C LEU M 17 18.22 -11.03 32.71
N LYS M 18 19.47 -10.62 32.52
CA LYS M 18 20.60 -11.48 32.85
C LYS M 18 20.68 -11.76 34.35
N ARG M 19 20.30 -10.77 35.18
CA ARG M 19 20.30 -10.99 36.62
C ARG M 19 19.30 -12.08 37.01
N LYS M 20 18.14 -12.10 36.36
CA LYS M 20 17.14 -13.12 36.66
C LYS M 20 17.58 -14.49 36.17
N VAL M 21 18.22 -14.54 35.01
CA VAL M 21 18.66 -15.83 34.45
C VAL M 21 19.75 -16.44 35.32
N TYR M 22 20.63 -15.61 35.88
CA TYR M 22 21.74 -16.15 36.67
C TYR M 22 21.26 -16.71 38.00
N GLU M 23 20.38 -15.99 38.70
CA GLU M 23 19.98 -16.39 40.04
C GLU M 23 18.97 -17.54 40.04
N ASP M 24 18.27 -17.76 38.93
CA ASP M 24 17.21 -18.76 38.89
C ASP M 24 17.51 -19.96 38.00
N LEU M 25 18.24 -19.78 36.91
CA LEU M 25 18.46 -20.85 35.95
C LEU M 25 19.92 -21.27 35.81
N VAL M 26 20.85 -20.61 36.51
CA VAL M 26 22.26 -20.97 36.48
C VAL M 26 22.59 -21.72 37.75
N LYS M 27 23.05 -22.96 37.61
CA LYS M 27 23.42 -23.77 38.77
C LYS M 27 24.84 -23.45 39.24
N GLU M 28 25.79 -23.37 38.30
CA GLU M 28 27.17 -23.04 38.61
C GLU M 28 27.73 -22.17 37.50
N ALA M 29 28.80 -21.45 37.81
CA ALA M 29 29.46 -20.57 36.84
C ALA M 29 30.92 -20.43 37.25
N THR M 30 31.82 -21.08 36.52
CA THR M 30 33.23 -21.07 36.82
C THR M 30 33.98 -20.17 35.85
N PHE M 31 35.10 -19.63 36.30
CA PHE M 31 35.93 -18.72 35.51
C PHE M 31 37.36 -19.24 35.46
N VAL M 32 37.99 -19.11 34.30
CA VAL M 32 39.36 -19.57 34.08
C VAL M 32 40.06 -18.59 33.15
N ARG M 33 41.28 -18.21 33.51
CA ARG M 33 42.16 -17.43 32.64
C ARG M 33 42.96 -18.40 31.77
N VAL M 34 42.64 -18.44 30.48
CA VAL M 34 43.23 -19.44 29.59
C VAL M 34 44.43 -18.92 28.81
N SER M 35 44.76 -17.65 28.93
CA SER M 35 45.81 -17.04 28.12
C SER M 35 46.17 -15.70 28.74
N PRO M 36 47.22 -15.04 28.25
CA PRO M 36 47.54 -13.70 28.78
C PRO M 36 46.44 -12.68 28.58
N LYS M 37 45.52 -12.89 27.63
CA LYS M 37 44.52 -11.90 27.29
C LYS M 37 43.09 -12.36 27.45
N SER M 38 42.82 -13.68 27.47
CA SER M 38 41.46 -14.19 27.40
C SER M 38 41.04 -14.86 28.70
N THR M 39 39.79 -14.64 29.08
CA THR M 39 39.15 -15.31 30.20
C THR M 39 37.98 -16.13 29.66
N VAL M 40 37.75 -17.29 30.28
CA VAL M 40 36.68 -18.19 29.87
C VAL M 40 35.73 -18.37 31.04
N CYS M 41 34.44 -18.09 30.82
CA CYS M 41 33.39 -18.35 31.78
C CYS M 41 32.52 -19.49 31.28
N VAL M 42 32.28 -20.48 32.15
CA VAL M 42 31.48 -21.65 31.80
C VAL M 42 30.23 -21.62 32.68
N VAL M 43 29.09 -21.29 32.08
CA VAL M 43 27.81 -21.24 32.77
C VAL M 43 27.07 -22.55 32.51
N THR M 44 26.54 -23.15 33.57
CA THR M 44 25.78 -24.39 33.45
C THR M 44 24.38 -24.19 34.03
N ASP M 45 23.45 -25.00 33.55
CA ASP M 45 22.09 -25.01 34.07
C ASP M 45 21.91 -26.19 35.02
N HIS M 46 20.69 -26.38 35.49
CA HIS M 46 20.39 -27.45 36.44
C HIS M 46 20.36 -28.82 35.79
N ASN M 47 20.49 -28.91 34.47
CA ASN M 47 20.68 -30.17 33.77
C ASN M 47 22.13 -30.35 33.31
N SER M 48 23.06 -29.55 33.84
CA SER M 48 24.48 -29.63 33.55
C SER M 48 24.81 -29.33 32.10
N PHE M 49 23.96 -28.58 31.40
CA PHE M 49 24.28 -28.11 30.06
C PHE M 49 25.14 -26.86 30.15
N GLU M 50 26.29 -26.89 29.46
CA GLU M 50 27.30 -25.85 29.61
C GLU M 50 27.13 -24.76 28.56
N VAL M 51 27.25 -23.51 29.00
CA VAL M 51 27.19 -22.33 28.14
C VAL M 51 28.45 -21.52 28.36
N ILE M 52 29.22 -21.30 27.30
CA ILE M 52 30.55 -20.71 27.39
C ILE M 52 30.52 -19.27 26.92
N GLY M 53 31.25 -18.42 27.62
CA GLY M 53 31.48 -17.06 27.17
C GLY M 53 32.93 -16.69 27.40
N THR M 54 33.47 -15.88 26.50
CA THR M 54 34.88 -15.48 26.55
C THR M 54 35.00 -13.97 26.48
N SER M 55 36.20 -13.49 26.81
CA SER M 55 36.51 -12.07 26.76
C SER M 55 38.02 -11.93 26.58
N SER M 56 38.42 -11.00 25.71
CA SER M 56 39.84 -10.80 25.38
C SER M 56 40.16 -9.31 25.46
N VAL M 57 40.98 -8.93 26.43
CA VAL M 57 41.41 -7.54 26.55
C VAL M 57 42.44 -7.24 25.46
N TYR M 58 42.34 -6.05 24.88
CA TYR M 58 43.24 -5.67 23.79
C TYR M 58 44.67 -5.46 24.31
N LYS M 59 44.81 -4.68 25.37
CA LYS M 59 46.10 -4.43 25.99
C LYS M 59 46.30 -5.44 27.12
N VAL M 60 47.29 -6.34 26.94
CA VAL M 60 47.54 -7.36 27.94
C VAL M 60 48.01 -6.74 29.25
N GLU M 61 48.66 -5.58 29.18
CA GLU M 61 49.10 -4.88 30.39
C GLU M 61 47.93 -4.34 31.19
N ASN M 62 46.74 -4.25 30.61
CA ASN M 62 45.56 -3.78 31.30
C ASN M 62 44.65 -4.92 31.76
N PHE M 63 45.19 -6.13 31.88
CA PHE M 63 44.38 -7.28 32.28
C PHE M 63 43.91 -7.12 33.72
N ASN M 64 42.61 -7.33 33.94
CA ASN M 64 42.01 -7.27 35.27
C ASN M 64 41.07 -8.46 35.41
N ASP M 65 41.24 -9.22 36.50
CA ASP M 65 40.45 -10.43 36.68
C ASP M 65 38.96 -10.13 36.80
N GLU M 66 38.60 -9.07 37.53
CA GLU M 66 37.19 -8.74 37.72
C GLU M 66 36.53 -8.37 36.40
N ILE M 67 37.19 -7.51 35.61
CA ILE M 67 36.61 -7.08 34.34
C ILE M 67 36.57 -8.23 33.35
N GLY M 68 37.58 -9.09 33.37
CA GLY M 68 37.58 -10.25 32.48
C GLY M 68 36.48 -11.23 32.81
N ARG M 69 36.24 -11.49 34.10
CA ARG M 69 35.16 -12.38 34.49
C ARG M 69 33.80 -11.77 34.19
N ASP M 70 33.67 -10.44 34.31
CA ASP M 70 32.40 -9.79 34.05
C ASP M 70 32.06 -9.81 32.56
N THR M 71 33.04 -9.50 31.71
CA THR M 71 32.79 -9.52 30.27
C THR M 71 32.57 -10.93 29.76
N ALA M 72 33.26 -11.91 30.34
CA ALA M 72 33.06 -13.30 29.91
C ALA M 72 31.68 -13.81 30.33
N LEU M 73 31.23 -13.43 31.53
CA LEU M 73 29.91 -13.86 31.98
C LEU M 73 28.81 -13.21 31.13
N SER M 74 29.01 -11.96 30.72
CA SER M 74 28.00 -11.27 29.92
C SER M 74 27.80 -11.96 28.58
N GLN M 75 28.89 -12.34 27.90
CA GLN M 75 28.75 -13.04 26.63
C GLN M 75 28.18 -14.45 26.82
N ALA M 76 28.51 -15.10 27.93
CA ALA M 76 27.94 -16.41 28.21
C ALA M 76 26.44 -16.33 28.43
N LEU M 77 25.98 -15.25 29.07
CA LEU M 77 24.55 -15.11 29.31
C LEU M 77 23.80 -14.73 28.03
N ASP M 78 24.46 -14.03 27.11
CA ASP M 78 23.86 -13.78 25.80
C ASP M 78 23.57 -15.08 25.08
N SER M 79 24.47 -16.06 25.17
CA SER M 79 24.24 -17.35 24.54
C SER M 79 23.11 -18.10 25.24
N PHE M 80 23.06 -18.03 26.57
CA PHE M 80 22.04 -18.77 27.30
C PHE M 80 20.64 -18.24 27.02
N ILE M 81 20.51 -16.92 26.84
CA ILE M 81 19.22 -16.34 26.49
C ILE M 81 18.71 -16.91 25.18
N LYS M 82 19.62 -17.20 24.24
CA LYS M 82 19.22 -17.88 23.01
C LYS M 82 18.68 -19.27 23.29
N PHE M 83 19.32 -19.99 24.22
CA PHE M 83 18.84 -21.33 24.57
C PHE M 83 17.50 -21.28 25.26
N LEU M 84 17.31 -20.30 26.16
CA LEU M 84 16.01 -20.16 26.81
C LEU M 84 14.93 -19.76 25.81
N ALA M 85 15.29 -18.98 24.79
CA ALA M 85 14.32 -18.61 23.77
C ALA M 85 13.93 -19.80 22.91
N TYR M 86 14.82 -20.77 22.76
CA TYR M 86 14.55 -21.94 21.92
C TYR M 86 13.47 -22.82 22.55
N GLY M 88 11.37 -21.89 24.94
CA GLY M 88 10.16 -21.65 25.71
C GLY M 88 10.41 -21.01 27.06
N GLU M 89 11.58 -21.31 27.65
CA GLU M 89 11.83 -20.95 29.03
C GLU M 89 12.07 -19.45 29.24
N LEU M 90 12.42 -18.72 28.18
CA LEU M 90 12.60 -17.27 28.32
C LEU M 90 11.29 -16.57 28.63
N SER M 91 10.15 -17.16 28.28
CA SER M 91 8.86 -16.54 28.57
C SER M 91 8.55 -16.53 30.06
N ASP M 92 9.03 -17.53 30.80
CA ASP M 92 8.76 -17.63 32.23
C ASP M 92 9.67 -16.66 32.97
N VAL M 93 9.32 -15.39 32.90
CA VAL M 93 10.05 -14.34 33.60
C VAL M 93 9.16 -13.70 34.66
N ALA N 6 51.66 -31.42 15.89
CA ALA N 6 51.37 -31.07 14.50
C ALA N 6 50.82 -32.27 13.73
N GLU N 7 51.51 -33.40 13.86
CA GLU N 7 51.06 -34.62 13.21
C GLU N 7 49.92 -35.30 13.96
N ASN N 8 49.68 -34.93 15.21
CA ASN N 8 48.77 -35.64 16.09
C ASN N 8 47.34 -35.12 16.05
N PHE N 9 47.01 -34.26 15.10
CA PHE N 9 45.67 -33.67 15.02
C PHE N 9 44.96 -34.17 13.77
N GLU N 10 43.74 -34.69 13.96
CA GLU N 10 42.99 -35.25 12.85
C GLU N 10 42.58 -34.18 11.85
N CYS N 11 42.17 -33.01 12.34
CA CYS N 11 41.72 -31.95 11.44
C CYS N 11 42.88 -31.39 10.61
N LEU N 12 44.10 -31.41 11.15
CA LEU N 12 45.24 -30.93 10.39
C LEU N 12 45.69 -31.91 9.33
N ARG N 13 45.52 -33.22 9.56
CA ARG N 13 45.89 -34.21 8.57
C ARG N 13 44.87 -34.27 7.42
N GLU N 14 43.60 -33.95 7.70
CA GLU N 14 42.56 -33.99 6.68
C GLU N 14 42.38 -32.66 5.96
N SER N 15 43.02 -31.58 6.43
CA SER N 15 42.88 -30.26 5.82
C SER N 15 44.28 -29.73 5.53
N LYS N 16 44.58 -29.56 4.24
CA LYS N 16 45.88 -28.98 3.86
C LYS N 16 45.95 -27.50 4.19
N LEU N 17 44.82 -26.80 4.11
CA LEU N 17 44.81 -25.37 4.44
C LEU N 17 45.05 -25.16 5.93
N LYS N 18 44.37 -25.92 6.78
CA LYS N 18 44.55 -25.77 8.22
C LYS N 18 45.95 -26.17 8.66
N ARG N 19 46.56 -27.14 7.97
CA ARG N 19 47.88 -27.60 8.37
C ARG N 19 48.94 -26.54 8.12
N LYS N 20 48.90 -25.89 6.94
CA LYS N 20 49.90 -24.88 6.64
C LYS N 20 49.77 -23.67 7.54
N VAL N 21 48.53 -23.24 7.82
CA VAL N 21 48.33 -22.12 8.73
C VAL N 21 48.81 -22.47 10.13
N TYR N 22 48.64 -23.74 10.53
CA TYR N 22 49.12 -24.18 11.83
C TYR N 22 50.64 -24.21 11.90
N GLU N 23 51.31 -24.50 10.77
CA GLU N 23 52.76 -24.60 10.77
C GLU N 23 53.43 -23.24 10.59
N ASP N 24 52.89 -22.41 9.71
CA ASP N 24 53.52 -21.14 9.34
C ASP N 24 53.02 -19.96 10.14
N LEU N 25 51.71 -19.89 10.44
CA LEU N 25 51.14 -18.70 11.04
C LEU N 25 50.76 -18.86 12.51
N VAL N 26 50.71 -20.09 13.02
CA VAL N 26 50.36 -20.33 14.42
C VAL N 26 51.64 -20.39 15.24
N LYS N 27 51.76 -19.49 16.21
CA LYS N 27 52.93 -19.49 17.09
C LYS N 27 52.78 -20.49 18.23
N GLU N 28 51.57 -20.64 18.75
CA GLU N 28 51.32 -21.53 19.88
C GLU N 28 49.84 -21.86 19.94
N ALA N 29 49.54 -23.06 20.42
CA ALA N 29 48.15 -23.52 20.56
C ALA N 29 48.04 -24.32 21.85
N THR N 30 47.36 -23.76 22.84
CA THR N 30 47.16 -24.41 24.13
C THR N 30 45.77 -25.02 24.22
N PHE N 31 45.59 -25.89 25.21
CA PHE N 31 44.32 -26.57 25.44
C PHE N 31 44.06 -26.67 26.93
N VAL N 32 42.82 -26.38 27.32
CA VAL N 32 42.41 -26.42 28.72
C VAL N 32 41.04 -27.08 28.81
N ARG N 33 40.90 -28.06 29.69
CA ARG N 33 39.60 -28.63 30.01
C ARG N 33 38.94 -27.73 31.06
N VAL N 34 37.95 -26.95 30.65
CA VAL N 34 37.34 -25.96 31.53
C VAL N 34 36.11 -26.47 32.26
N SER N 35 35.61 -27.65 31.92
CA SER N 35 34.36 -28.16 32.47
C SER N 35 34.25 -29.66 32.19
N PRO N 36 33.25 -30.36 32.74
CA PRO N 36 33.12 -31.79 32.44
C PRO N 36 32.87 -32.11 30.97
N LYS N 37 32.44 -31.15 30.15
CA LYS N 37 32.08 -31.41 28.77
C LYS N 37 32.81 -30.57 27.74
N SER N 38 33.43 -29.46 28.13
CA SER N 38 33.97 -28.51 27.17
C SER N 38 35.49 -28.45 27.22
N THR N 39 36.09 -28.29 26.04
CA THR N 39 37.51 -28.04 25.88
C THR N 39 37.70 -26.71 25.17
N VAL N 40 38.71 -25.95 25.59
CA VAL N 40 38.99 -24.63 25.03
C VAL N 40 40.37 -24.64 24.40
N CYS N 41 40.45 -24.23 23.15
CA CYS N 41 41.70 -24.12 22.42
C CYS N 41 42.01 -22.64 22.18
N VAL N 42 43.24 -22.23 22.46
CA VAL N 42 43.67 -20.85 22.30
C VAL N 42 44.81 -20.84 21.28
N VAL N 43 44.55 -20.30 20.10
CA VAL N 43 45.54 -20.21 19.04
C VAL N 43 46.09 -18.79 19.00
N THR N 44 47.42 -18.67 19.02
CA THR N 44 48.09 -17.38 18.97
C THR N 44 48.97 -17.30 17.74
N ASP N 45 48.94 -16.16 17.06
CA ASP N 45 49.84 -15.90 15.96
C ASP N 45 51.13 -15.26 16.48
N HIS N 46 52.02 -14.89 15.56
CA HIS N 46 53.35 -14.44 15.96
C HIS N 46 53.36 -13.05 16.58
N ASN N 47 52.25 -12.30 16.52
CA ASN N 47 52.13 -11.04 17.24
C ASN N 47 51.26 -11.16 18.49
N SER N 48 51.07 -12.39 18.99
CA SER N 48 50.37 -12.67 20.23
C SER N 48 48.89 -12.28 20.19
N PHE N 49 48.27 -12.37 19.02
CA PHE N 49 46.82 -12.24 18.91
C PHE N 49 46.18 -13.60 19.09
N GLU N 50 45.18 -13.68 19.96
CA GLU N 50 44.62 -14.95 20.39
C GLU N 50 43.33 -15.27 19.65
N VAL N 51 43.19 -16.53 19.24
CA VAL N 51 41.99 -17.03 18.60
C VAL N 51 41.50 -18.23 19.40
N ILE N 52 40.22 -18.22 19.76
CA ILE N 52 39.65 -19.20 20.69
C ILE N 52 38.69 -20.11 19.93
N GLY N 53 38.83 -21.40 20.15
CA GLY N 53 37.87 -22.37 19.63
C GLY N 53 37.51 -23.38 20.70
N THR N 54 36.22 -23.69 20.78
CA THR N 54 35.70 -24.55 21.83
C THR N 54 34.98 -25.76 21.22
N SER N 55 34.78 -26.77 22.07
CA SER N 55 34.03 -27.96 21.70
C SER N 55 33.38 -28.52 22.95
N SER N 56 32.20 -29.11 22.78
CA SER N 56 31.43 -29.63 23.91
C SER N 56 30.77 -30.94 23.47
N VAL N 57 31.28 -32.06 23.96
CA VAL N 57 30.70 -33.36 23.62
C VAL N 57 29.29 -33.46 24.20
N TYR N 58 28.39 -34.11 23.47
CA TYR N 58 27.00 -34.19 23.93
C TYR N 58 26.87 -35.10 25.14
N LYS N 59 27.52 -36.26 25.12
CA LYS N 59 27.50 -37.18 26.25
C LYS N 59 28.79 -37.02 27.05
N VAL N 60 28.65 -36.73 28.34
CA VAL N 60 29.83 -36.45 29.17
C VAL N 60 30.64 -37.72 29.40
N GLU N 61 29.99 -38.89 29.42
CA GLU N 61 30.70 -40.14 29.65
C GLU N 61 31.52 -40.59 28.45
N ASN N 62 31.42 -39.87 27.32
CA ASN N 62 32.23 -40.16 26.14
C ASN N 62 33.35 -39.15 25.95
N PHE N 63 33.74 -38.44 27.01
CA PHE N 63 34.77 -37.41 26.90
C PHE N 63 36.10 -38.04 26.54
N ASN N 64 36.68 -37.61 25.42
CA ASN N 64 38.00 -38.04 24.99
C ASN N 64 38.88 -36.80 24.83
N ASP N 65 40.06 -36.85 25.45
CA ASP N 65 40.94 -35.68 25.44
C ASP N 65 41.45 -35.34 24.05
N GLU N 66 41.62 -36.36 23.20
CA GLU N 66 42.09 -36.09 21.84
C GLU N 66 40.99 -35.43 21.01
N ILE N 67 39.80 -36.01 21.00
CA ILE N 67 38.71 -35.48 20.19
C ILE N 67 38.30 -34.10 20.69
N GLY N 68 38.37 -33.87 22.00
CA GLY N 68 38.08 -32.54 22.52
C GLY N 68 39.08 -31.51 22.05
N ARG N 69 40.37 -31.85 22.09
CA ARG N 69 41.38 -30.93 21.58
C ARG N 69 41.33 -30.81 20.07
N ASP N 70 41.00 -31.89 19.36
CA ASP N 70 40.94 -31.84 17.91
C ASP N 70 39.77 -31.00 17.43
N THR N 71 38.61 -31.16 18.06
CA THR N 71 37.44 -30.39 17.65
C THR N 71 37.59 -28.92 18.01
N ALA N 72 38.21 -28.64 19.16
CA ALA N 72 38.41 -27.25 19.58
C ALA N 72 39.45 -26.58 18.69
N LEU N 73 40.50 -27.30 18.31
CA LEU N 73 41.51 -26.72 17.42
C LEU N 73 40.93 -26.43 16.04
N SER N 74 40.12 -27.35 15.51
CA SER N 74 39.50 -27.12 14.20
C SER N 74 38.58 -25.91 14.23
N GLN N 75 37.85 -25.72 15.34
CA GLN N 75 36.97 -24.57 15.46
C GLN N 75 37.78 -23.27 15.53
N ALA N 76 38.89 -23.28 16.29
CA ALA N 76 39.72 -22.09 16.40
C ALA N 76 40.36 -21.74 15.06
N LEU N 77 40.78 -22.75 14.30
CA LEU N 77 41.39 -22.48 13.00
C LEU N 77 40.38 -21.96 12.00
N ASP N 78 39.11 -22.35 12.12
CA ASP N 78 38.07 -21.75 11.30
C ASP N 78 37.96 -20.25 11.55
N SER N 79 38.07 -19.85 12.82
CA SER N 79 38.04 -18.42 13.14
C SER N 79 39.33 -17.72 12.72
N PHE N 80 40.46 -18.44 12.71
CA PHE N 80 41.72 -17.84 12.31
C PHE N 80 41.72 -17.49 10.82
N ILE N 81 41.13 -18.35 9.99
CA ILE N 81 41.09 -18.10 8.55
C ILE N 81 40.35 -16.80 8.26
N LYS N 82 39.33 -16.49 9.06
CA LYS N 82 38.60 -15.23 8.88
C LYS N 82 39.51 -14.03 9.12
N PHE N 83 40.41 -14.13 10.10
CA PHE N 83 41.36 -13.04 10.34
C PHE N 83 42.41 -12.97 9.24
N LEU N 84 42.73 -14.10 8.61
CA LEU N 84 43.69 -14.08 7.51
C LEU N 84 43.09 -13.45 6.26
N ALA N 85 41.76 -13.55 6.10
CA ALA N 85 41.12 -12.92 4.95
C ALA N 85 41.04 -11.41 5.12
N TYR N 86 40.86 -10.95 6.35
CA TYR N 86 40.82 -9.51 6.60
C TYR N 86 42.19 -8.87 6.37
N SER N 87 43.27 -9.59 6.69
CA SER N 87 44.61 -9.08 6.51
C SER N 87 45.15 -9.31 5.10
N GLY N 88 44.58 -10.26 4.36
CA GLY N 88 45.11 -10.63 3.06
C GLY N 88 46.14 -11.74 3.10
N GLU N 89 46.56 -12.18 4.29
CA GLU N 89 47.52 -13.26 4.41
C GLU N 89 46.96 -14.62 4.01
N LEU N 90 45.67 -14.70 3.71
CA LEU N 90 45.06 -15.98 3.34
C LEU N 90 45.73 -16.56 2.10
N SER N 91 46.12 -15.69 1.16
CA SER N 91 46.93 -16.07 0.00
C SER N 91 46.36 -17.28 -0.75
N ALA O 6 17.08 -30.38 -0.70
CA ALA O 6 17.33 -31.60 0.06
C ALA O 6 18.66 -32.24 -0.36
N GLU O 7 18.58 -33.17 -1.31
CA GLU O 7 19.78 -33.78 -1.85
C GLU O 7 20.57 -32.84 -2.75
N ASN O 8 20.01 -31.69 -3.10
CA ASN O 8 20.69 -30.72 -3.93
C ASN O 8 21.85 -30.07 -3.17
N GLU O 10 25.52 -29.99 -0.74
CA GLU O 10 26.49 -31.07 -0.69
C GLU O 10 26.75 -31.52 0.75
N CYS O 11 26.56 -30.59 1.68
CA CYS O 11 26.78 -30.91 3.09
C CYS O 11 25.77 -31.95 3.59
N LEU O 12 24.58 -32.00 2.99
CA LEU O 12 23.60 -33.00 3.38
C LEU O 12 23.88 -34.35 2.75
N ARG O 13 24.50 -34.37 1.56
CA ARG O 13 24.87 -35.64 0.95
C ARG O 13 26.07 -36.28 1.65
N GLU O 14 26.87 -35.50 2.36
CA GLU O 14 28.07 -35.98 3.01
C GLU O 14 27.93 -36.16 4.51
N SER O 15 26.78 -35.79 5.08
CA SER O 15 26.58 -35.86 6.52
C SER O 15 25.26 -36.58 6.80
N LYS O 16 25.34 -37.70 7.52
CA LYS O 16 24.13 -38.39 7.96
C LYS O 16 23.41 -37.62 9.05
N LEU O 17 24.16 -36.92 9.91
CA LEU O 17 23.56 -36.20 11.02
C LEU O 17 22.74 -35.00 10.52
N LYS O 18 23.35 -34.16 9.70
CA LYS O 18 22.67 -32.99 9.17
C LYS O 18 21.58 -33.38 8.17
N LYS O 20 19.42 -35.63 8.09
CA LYS O 20 18.40 -36.13 9.02
C LYS O 20 17.64 -34.98 9.65
N VAL O 21 18.36 -34.03 10.23
CA VAL O 21 17.74 -32.88 10.88
C VAL O 21 17.09 -31.97 9.84
N GLU O 23 15.68 -33.07 7.25
CA GLU O 23 14.43 -33.57 6.70
C GLU O 23 13.32 -33.53 7.74
N ASP O 24 13.66 -33.83 8.99
CA ASP O 24 12.66 -34.01 10.04
C ASP O 24 12.38 -32.73 10.83
N LEU O 25 13.41 -31.92 11.10
CA LEU O 25 13.27 -30.80 12.02
C LEU O 25 13.23 -29.43 11.34
N VAL O 26 13.76 -29.31 10.12
CA VAL O 26 13.78 -28.02 9.45
C VAL O 26 12.42 -27.77 8.81
N LYS O 27 11.75 -26.70 9.23
CA LYS O 27 10.48 -26.32 8.62
C LYS O 27 10.72 -25.73 7.23
N GLU O 28 11.47 -24.63 7.16
CA GLU O 28 11.92 -24.05 5.89
C GLU O 28 13.35 -23.55 6.07
N ALA O 29 14.04 -23.37 4.94
CA ALA O 29 15.43 -22.90 4.94
C ALA O 29 15.61 -21.99 3.73
N THR O 30 15.55 -20.69 3.98
CA THR O 30 15.69 -19.70 2.92
C THR O 30 17.15 -19.28 2.77
N PHE O 31 17.46 -18.68 1.62
CA PHE O 31 18.80 -18.21 1.30
C PHE O 31 18.72 -16.81 0.71
N VAL O 32 19.52 -15.89 1.26
CA VAL O 32 19.52 -14.50 0.83
C VAL O 32 20.97 -14.06 0.63
N ARG O 33 21.27 -13.55 -0.56
CA ARG O 33 22.58 -12.96 -0.84
C ARG O 33 22.54 -11.51 -0.38
N VAL O 34 23.17 -11.24 0.76
CA VAL O 34 23.07 -9.92 1.39
C VAL O 34 24.18 -8.97 0.97
N SER O 35 25.15 -9.42 0.18
CA SER O 35 26.33 -8.63 -0.12
C SER O 35 27.03 -9.25 -1.31
N PRO O 36 28.03 -8.58 -1.88
CA PRO O 36 28.80 -9.20 -2.97
C PRO O 36 29.46 -10.51 -2.61
N LYS O 37 29.76 -10.74 -1.33
CA LYS O 37 30.48 -11.94 -0.90
C LYS O 37 29.65 -12.89 -0.05
N SER O 38 28.79 -12.36 0.82
CA SER O 38 28.18 -13.17 1.87
C SER O 38 26.78 -13.64 1.45
N THR O 39 26.45 -14.86 1.86
CA THR O 39 25.12 -15.42 1.75
C THR O 39 24.58 -15.68 3.16
N VAL O 40 23.26 -15.67 3.31
CA VAL O 40 22.62 -15.88 4.60
C VAL O 40 21.57 -16.98 4.44
N CYS O 41 21.58 -17.94 5.35
CA CYS O 41 20.63 -19.06 5.34
C CYS O 41 19.91 -19.09 6.68
N VAL O 42 18.64 -18.69 6.67
CA VAL O 42 17.82 -18.72 7.87
C VAL O 42 17.11 -20.08 7.93
N VAL O 43 17.23 -20.74 9.08
CA VAL O 43 16.65 -22.06 9.29
C VAL O 43 15.68 -21.95 10.48
N THR O 44 14.42 -22.28 10.23
CA THR O 44 13.38 -22.19 11.24
C THR O 44 12.80 -23.59 11.48
N ASP O 45 12.55 -23.90 12.75
CA ASP O 45 12.00 -25.20 13.13
C ASP O 45 10.48 -25.15 13.03
N HIS O 46 9.82 -26.22 13.49
CA HIS O 46 8.36 -26.29 13.42
C HIS O 46 7.67 -25.34 14.40
N ASN O 47 8.44 -24.68 15.27
CA ASN O 47 7.93 -23.61 16.13
C ASN O 47 8.44 -22.28 15.57
N SER O 48 8.38 -21.23 16.40
CA SER O 48 8.80 -19.90 15.98
C SER O 48 10.18 -19.62 16.57
N PHE O 49 11.19 -20.21 15.95
CA PHE O 49 12.58 -20.00 16.36
C PHE O 49 13.47 -20.06 15.12
N GLU O 50 14.40 -19.11 15.03
CA GLU O 50 15.23 -18.94 13.85
C GLU O 50 16.70 -19.16 14.20
N VAL O 51 17.40 -19.90 13.35
CA VAL O 51 18.83 -20.16 13.49
C VAL O 51 19.53 -19.69 12.22
N ILE O 52 20.61 -18.93 12.39
CA ILE O 52 21.23 -18.19 11.30
C ILE O 52 22.64 -18.72 11.07
N GLY O 53 23.01 -18.90 9.80
CA GLY O 53 24.36 -19.32 9.43
C GLY O 53 24.84 -18.64 8.17
N THR O 54 26.08 -18.15 8.16
CA THR O 54 26.58 -17.35 7.05
C THR O 54 27.87 -17.94 6.49
N SER O 55 28.22 -17.48 5.28
CA SER O 55 29.44 -17.87 4.61
C SER O 55 29.89 -16.71 3.74
N SER O 56 31.19 -16.69 3.41
CA SER O 56 31.76 -15.60 2.62
C SER O 56 32.94 -16.12 1.83
N VAL O 57 32.92 -15.91 0.51
CA VAL O 57 34.03 -16.32 -0.35
C VAL O 57 35.14 -15.29 -0.24
N TYR O 58 36.39 -15.78 -0.19
CA TYR O 58 37.53 -14.87 -0.02
C TYR O 58 37.73 -13.99 -1.25
N LYS O 59 37.57 -14.55 -2.44
CA LYS O 59 37.68 -13.79 -3.68
C LYS O 59 36.28 -13.61 -4.26
N VAL O 60 35.85 -12.34 -4.38
CA VAL O 60 34.48 -12.06 -4.79
C VAL O 60 34.23 -12.47 -6.24
N GLU O 61 35.28 -12.45 -7.07
CA GLU O 61 35.11 -12.83 -8.48
C GLU O 61 34.82 -14.30 -8.66
N ASN O 62 35.02 -15.13 -7.63
CA ASN O 62 34.73 -16.57 -7.70
C ASN O 62 33.40 -16.92 -7.06
N PHE O 63 32.49 -15.94 -6.93
CA PHE O 63 31.24 -16.18 -6.21
C PHE O 63 30.38 -17.20 -6.94
N ASN O 64 29.88 -18.18 -6.20
CA ASN O 64 29.01 -19.23 -6.72
C ASN O 64 27.76 -19.27 -5.85
N ASP O 65 26.59 -19.22 -6.49
CA ASP O 65 25.34 -19.16 -5.75
C ASP O 65 25.09 -20.44 -4.96
N GLU O 66 25.29 -21.60 -5.59
CA GLU O 66 25.01 -22.86 -4.91
C GLU O 66 26.02 -23.13 -3.80
N ILE O 67 27.31 -22.92 -4.08
CA ILE O 67 28.33 -23.12 -3.05
C ILE O 67 28.13 -22.14 -1.91
N GLY O 68 27.64 -20.93 -2.22
CA GLY O 68 27.30 -20.00 -1.16
C GLY O 68 26.15 -20.51 -0.29
N ARG O 69 25.15 -21.13 -0.92
CA ARG O 69 24.05 -21.72 -0.16
C ARG O 69 24.45 -23.03 0.51
N ASP O 70 25.32 -23.80 -0.14
CA ASP O 70 25.79 -25.04 0.47
C ASP O 70 26.54 -24.75 1.77
N THR O 71 27.48 -23.80 1.72
CA THR O 71 28.29 -23.52 2.91
C THR O 71 27.47 -22.78 3.95
N ALA O 72 26.45 -22.03 3.54
CA ALA O 72 25.59 -21.33 4.50
C ALA O 72 24.76 -22.31 5.31
N LEU O 73 24.17 -23.32 4.65
CA LEU O 73 23.30 -24.26 5.34
C LEU O 73 24.08 -25.10 6.36
N SER O 74 25.34 -25.42 6.06
CA SER O 74 26.10 -26.29 6.94
C SER O 74 26.35 -25.64 8.29
N GLN O 75 26.78 -24.37 8.29
CA GLN O 75 27.01 -23.67 9.54
C GLN O 75 25.71 -23.39 10.29
N ALA O 76 24.63 -23.12 9.56
CA ALA O 76 23.34 -22.90 10.21
C ALA O 76 22.85 -24.15 10.91
N LEU O 77 23.12 -25.33 10.33
CA LEU O 77 22.73 -26.58 10.97
C LEU O 77 23.63 -26.94 12.13
N ASP O 78 24.91 -26.54 12.07
CA ASP O 78 25.80 -26.75 13.22
C ASP O 78 25.27 -26.03 14.45
N SER O 79 24.72 -24.82 14.28
CA SER O 79 24.15 -24.10 15.40
C SER O 79 22.83 -24.72 15.85
N PHE O 80 22.07 -25.31 14.92
CA PHE O 80 20.84 -25.99 15.30
C PHE O 80 21.12 -27.18 16.20
N ILE O 81 22.19 -27.92 15.92
CA ILE O 81 22.57 -29.06 16.75
C ILE O 81 22.87 -28.60 18.17
N LYS O 82 23.41 -27.40 18.33
CA LYS O 82 23.60 -26.85 19.68
C LYS O 82 22.27 -26.69 20.40
N PHE O 83 21.27 -26.13 19.70
CA PHE O 83 19.94 -26.02 20.28
C PHE O 83 19.32 -27.40 20.50
N LEU O 84 19.56 -28.34 19.57
CA LEU O 84 19.08 -29.70 19.75
C LEU O 84 19.74 -30.37 20.95
N ALA O 85 20.96 -29.95 21.29
CA ALA O 85 21.65 -30.51 22.44
C ALA O 85 21.12 -29.96 23.77
N TYR O 86 20.64 -28.72 23.76
CA TYR O 86 20.15 -28.11 25.00
C TYR O 86 18.79 -28.70 25.39
N SER O 87 17.92 -28.93 24.41
CA SER O 87 16.58 -29.42 24.70
C SER O 87 16.55 -30.92 24.95
N GLY O 88 17.44 -31.67 24.31
CA GLY O 88 17.46 -33.12 24.43
C GLY O 88 17.01 -33.87 23.21
N GLU O 89 16.56 -33.17 22.17
CA GLU O 89 16.04 -33.83 20.97
C GLU O 89 17.13 -34.45 20.10
N LEU O 90 18.40 -34.12 20.33
CA LEU O 90 19.46 -34.67 19.49
C LEU O 90 19.62 -36.17 19.69
N SER O 91 19.29 -36.67 20.88
CA SER O 91 19.43 -38.09 21.17
C SER O 91 18.54 -38.93 20.26
N ILE P 4 24.46 5.78 5.91
CA ILE P 4 23.62 6.55 6.82
C ILE P 4 24.46 7.09 7.97
N ASN P 5 24.26 8.36 8.29
CA ASN P 5 25.06 9.03 9.31
C ASN P 5 24.88 8.36 10.67
N ALA P 6 25.81 8.68 11.58
CA ALA P 6 25.94 7.93 12.83
C ALA P 6 24.85 8.25 13.84
N GLU P 7 24.38 9.50 13.89
CA GLU P 7 23.43 9.90 14.94
C GLU P 7 22.08 9.21 14.81
N ASN P 8 21.80 8.53 13.70
CA ASN P 8 20.54 7.80 13.59
C ASN P 8 20.57 6.51 14.41
N PHE P 9 21.75 5.96 14.66
CA PHE P 9 21.89 4.72 15.41
C PHE P 9 22.18 5.03 16.87
N GLU P 10 21.45 4.38 17.77
CA GLU P 10 21.62 4.64 19.20
C GLU P 10 22.94 4.06 19.71
N CYS P 11 23.34 2.89 19.19
CA CYS P 11 24.60 2.30 19.61
C CYS P 11 25.79 3.20 19.27
N LEU P 12 25.68 3.97 18.19
CA LEU P 12 26.74 4.90 17.82
C LEU P 12 26.68 6.17 18.67
N ARG P 13 25.52 6.53 19.19
CA ARG P 13 25.41 7.68 20.08
C ARG P 13 25.84 7.37 21.50
N GLU P 14 25.86 6.10 21.89
CA GLU P 14 26.25 5.70 23.23
C GLU P 14 27.64 5.07 23.30
N SER P 15 28.36 5.03 22.19
CA SER P 15 29.69 4.44 22.15
C SER P 15 30.57 5.27 21.23
N LYS P 16 31.47 6.07 21.80
CA LYS P 16 32.40 6.84 21.00
C LYS P 16 33.37 5.95 20.22
N LEU P 17 33.60 4.73 20.70
CA LEU P 17 34.44 3.80 19.96
C LEU P 17 33.73 3.30 18.71
N LYS P 18 32.50 2.83 18.86
CA LYS P 18 31.74 2.32 17.71
C LYS P 18 31.37 3.45 16.76
N ARG P 19 31.25 4.69 17.27
CA ARG P 19 30.97 5.81 16.39
C ARG P 19 32.20 6.18 15.57
N LYS P 20 33.37 6.24 16.22
CA LYS P 20 34.59 6.58 15.51
C LYS P 20 34.98 5.52 14.49
N VAL P 21 34.70 4.25 14.79
CA VAL P 21 34.96 3.18 13.83
C VAL P 21 33.99 3.28 12.66
N TYR P 22 32.73 3.63 12.94
CA TYR P 22 31.74 3.72 11.87
C TYR P 22 32.03 4.89 10.93
N GLU P 23 32.48 6.02 11.46
CA GLU P 23 32.67 7.20 10.64
C GLU P 23 33.90 7.05 9.73
N ASP P 24 35.02 6.59 10.30
CA ASP P 24 36.29 6.59 9.59
C ASP P 24 36.63 5.26 8.93
N LEU P 25 36.22 4.13 9.51
CA LEU P 25 36.66 2.82 9.05
C LEU P 25 35.59 2.00 8.36
N VAL P 26 34.34 2.48 8.33
CA VAL P 26 33.25 1.75 7.70
C VAL P 26 32.92 2.40 6.36
N LYS P 27 32.99 1.60 5.29
CA LYS P 27 32.65 2.10 3.97
C LYS P 27 31.14 2.10 3.74
N GLU P 28 30.49 0.95 3.95
CA GLU P 28 29.06 0.82 3.80
C GLU P 28 28.50 -0.03 4.92
N ALA P 29 27.19 0.12 5.17
CA ALA P 29 26.50 -0.66 6.21
C ALA P 29 25.05 -0.84 5.74
N THR P 30 24.79 -1.98 5.10
CA THR P 30 23.48 -2.30 4.57
C THR P 30 22.70 -3.17 5.55
N PHE P 31 21.38 -3.01 5.55
CA PHE P 31 20.49 -3.74 6.44
C PHE P 31 19.46 -4.50 5.61
N VAL P 32 19.19 -5.74 6.02
CA VAL P 32 18.22 -6.60 5.35
C VAL P 32 17.43 -7.35 6.40
N ARG P 33 16.10 -7.26 6.33
CA ARG P 33 15.23 -8.08 7.18
C ARG P 33 15.06 -9.42 6.47
N VAL P 34 15.77 -10.44 6.96
CA VAL P 34 15.81 -11.74 6.29
C VAL P 34 14.70 -12.69 6.74
N SER P 35 14.01 -12.37 7.83
CA SER P 35 13.05 -13.28 8.42
C SER P 35 12.09 -12.47 9.28
N PRO P 36 10.96 -13.05 9.70
CA PRO P 36 10.01 -12.29 10.53
C PRO P 36 10.61 -11.75 11.82
N LYS P 37 11.67 -12.36 12.34
CA LYS P 37 12.23 -11.96 13.63
C LYS P 37 13.64 -11.40 13.55
N SER P 38 14.39 -11.68 12.48
CA SER P 38 15.81 -11.36 12.42
C SER P 38 16.11 -10.35 11.32
N THR P 39 17.02 -9.44 11.61
CA THR P 39 17.59 -8.51 10.65
C THR P 39 19.09 -8.76 10.55
N VAL P 40 19.66 -8.52 9.38
CA VAL P 40 21.07 -8.75 9.12
C VAL P 40 21.71 -7.45 8.67
N CYS P 41 22.82 -7.09 9.31
CA CYS P 41 23.60 -5.92 8.94
C CYS P 41 24.96 -6.37 8.42
N VAL P 42 25.36 -5.81 7.27
CA VAL P 42 26.61 -6.16 6.62
C VAL P 42 27.49 -4.92 6.64
N VAL P 43 28.43 -4.86 7.58
CA VAL P 43 29.38 -3.77 7.65
C VAL P 43 30.52 -4.05 6.69
N THR P 44 30.84 -3.08 5.84
CA THR P 44 31.88 -3.21 4.84
C THR P 44 32.97 -2.18 5.10
N ASP P 45 34.22 -2.63 5.16
CA ASP P 45 35.35 -1.73 5.32
C ASP P 45 35.77 -1.20 3.94
N HIS P 46 36.89 -0.49 3.89
CA HIS P 46 37.34 0.09 2.63
C HIS P 46 38.03 -0.92 1.71
N ASN P 47 38.25 -2.14 2.18
CA ASN P 47 38.81 -3.21 1.35
C ASN P 47 37.74 -4.19 0.89
N SER P 48 36.47 -3.82 0.99
CA SER P 48 35.34 -4.67 0.59
C SER P 48 35.29 -5.96 1.40
N PHE P 49 35.86 -5.94 2.60
CA PHE P 49 35.75 -7.06 3.53
C PHE P 49 34.48 -6.87 4.36
N GLU P 50 33.72 -7.95 4.50
CA GLU P 50 32.37 -7.88 5.05
C GLU P 50 32.33 -8.46 6.45
N VAL P 51 31.71 -7.72 7.37
CA VAL P 51 31.48 -8.16 8.75
C VAL P 51 29.98 -8.14 8.99
N ILE P 52 29.45 -9.27 9.47
CA ILE P 52 28.01 -9.48 9.57
C ILE P 52 27.60 -9.50 11.03
N GLY P 53 26.44 -8.92 11.30
CA GLY P 53 25.83 -9.01 12.62
C GLY P 53 24.33 -9.19 12.48
N THR P 54 23.75 -9.91 13.44
CA THR P 54 22.33 -10.23 13.41
C THR P 54 21.68 -9.88 14.75
N SER P 55 20.36 -9.78 14.71
CA SER P 55 19.55 -9.55 15.89
C SER P 55 18.21 -10.23 15.70
N SER P 56 17.69 -10.84 16.77
CA SER P 56 16.44 -11.60 16.71
C SER P 56 15.55 -11.18 17.87
N VAL P 57 14.44 -10.52 17.55
CA VAL P 57 13.48 -10.15 18.59
C VAL P 57 12.73 -11.41 19.03
N TYR P 58 12.62 -11.58 20.35
CA TYR P 58 12.04 -12.82 20.89
C TYR P 58 10.57 -12.97 20.50
N LYS P 59 9.80 -11.89 20.63
CA LYS P 59 8.40 -11.88 20.24
C LYS P 59 8.28 -11.22 18.87
N VAL P 60 7.68 -11.93 17.92
CA VAL P 60 7.66 -11.44 16.53
C VAL P 60 6.74 -10.22 16.40
N GLU P 61 5.73 -10.10 17.26
CA GLU P 61 4.79 -8.99 17.16
C GLU P 61 5.39 -7.67 17.66
N ASN P 62 6.54 -7.71 18.33
CA ASN P 62 7.20 -6.51 18.80
C ASN P 62 8.32 -6.05 17.86
N PHE P 63 8.30 -6.50 16.61
CA PHE P 63 9.36 -6.17 15.68
C PHE P 63 9.37 -4.68 15.35
N ASN P 64 10.56 -4.10 15.30
CA ASN P 64 10.76 -2.70 14.94
C ASN P 64 11.97 -2.61 14.03
N ASP P 65 11.82 -1.88 12.92
CA ASP P 65 12.90 -1.80 11.94
C ASP P 65 14.13 -1.10 12.51
N GLU P 66 13.94 -0.05 13.31
CA GLU P 66 15.07 0.72 13.80
C GLU P 66 15.82 -0.05 14.90
N ILE P 67 15.09 -0.65 15.84
CA ILE P 67 15.76 -1.41 16.89
C ILE P 67 16.43 -2.64 16.32
N GLY P 68 15.85 -3.25 15.28
CA GLY P 68 16.49 -4.39 14.65
C GLY P 68 17.75 -4.01 13.90
N ARG P 69 17.75 -2.85 13.25
CA ARG P 69 18.95 -2.37 12.57
C ARG P 69 20.00 -1.92 13.57
N ASP P 70 19.58 -1.30 14.67
CA ASP P 70 20.54 -0.81 15.66
C ASP P 70 21.22 -1.97 16.40
N THR P 71 20.44 -2.96 16.82
CA THR P 71 21.00 -4.10 17.54
C THR P 71 21.91 -4.91 16.63
N ALA P 72 21.52 -5.09 15.36
CA ALA P 72 22.36 -5.85 14.43
C ALA P 72 23.64 -5.09 14.09
N LEU P 73 23.56 -3.76 13.99
CA LEU P 73 24.75 -2.97 13.73
C LEU P 73 25.69 -2.99 14.93
N SER P 74 25.13 -2.92 16.14
CA SER P 74 25.98 -2.99 17.34
C SER P 74 26.74 -4.30 17.41
N GLN P 75 26.07 -5.41 17.08
CA GLN P 75 26.76 -6.70 17.04
C GLN P 75 27.73 -6.78 15.88
N ALA P 76 27.37 -6.19 14.73
CA ALA P 76 28.26 -6.18 13.58
C ALA P 76 29.55 -5.43 13.89
N LEU P 77 29.46 -4.34 14.64
CA LEU P 77 30.66 -3.60 15.00
C LEU P 77 31.46 -4.31 16.08
N ASP P 78 30.79 -5.12 16.92
CA ASP P 78 31.51 -5.93 17.90
C ASP P 78 32.48 -6.88 17.23
N SER P 79 32.03 -7.54 16.14
CA SER P 79 32.92 -8.41 15.38
C SER P 79 33.94 -7.61 14.59
N PHE P 80 33.56 -6.41 14.13
CA PHE P 80 34.50 -5.58 13.38
C PHE P 80 35.67 -5.14 14.27
N ILE P 81 35.39 -4.82 15.53
CA ILE P 81 36.45 -4.41 16.45
C ILE P 81 37.46 -5.54 16.65
N LYS P 82 37.02 -6.79 16.55
CA LYS P 82 37.94 -7.91 16.66
C LYS P 82 38.95 -7.89 15.51
N PHE P 83 38.50 -7.61 14.30
CA PHE P 83 39.42 -7.50 13.16
C PHE P 83 40.34 -6.31 13.31
N LEU P 84 39.86 -5.21 13.89
CA LEU P 84 40.72 -4.07 14.16
C LEU P 84 41.75 -4.38 15.24
N ALA P 85 41.47 -5.35 16.11
CA ALA P 85 42.46 -5.77 17.10
C ALA P 85 43.47 -6.73 16.52
N TYR P 86 43.07 -7.56 15.55
CA TYR P 86 44.01 -8.43 14.87
C TYR P 86 45.08 -7.62 14.15
N SER P 87 44.67 -6.68 13.33
CA SER P 87 45.58 -5.69 12.78
C SER P 87 45.89 -4.63 13.84
N GLY P 88 46.70 -3.65 13.48
CA GLY P 88 46.99 -2.56 14.38
C GLY P 88 46.02 -1.40 14.31
N GLU P 89 44.87 -1.58 13.66
CA GLU P 89 43.93 -0.49 13.40
C GLU P 89 42.94 -0.26 14.53
N LEU P 90 43.22 -0.78 15.73
CA LEU P 90 42.42 -0.45 16.90
C LEU P 90 43.08 0.58 17.79
N SER P 91 44.41 0.68 17.76
CA SER P 91 45.10 1.65 18.60
C SER P 91 44.89 3.07 18.08
N ASP P 92 44.90 3.26 16.76
CA ASP P 92 44.71 4.60 16.21
C ASP P 92 43.33 5.15 16.53
N VAL P 93 42.32 4.28 16.60
CA VAL P 93 40.96 4.69 16.91
C VAL P 93 40.87 5.14 18.37
N ILE Q 4 63.79 -43.44 0.28
CA ILE Q 4 62.77 -42.76 1.07
C ILE Q 4 61.40 -43.31 0.72
N ASN Q 5 60.58 -43.58 1.74
CA ASN Q 5 59.22 -44.03 1.52
C ASN Q 5 58.42 -42.95 0.82
N ALA Q 6 57.40 -43.38 0.06
CA ALA Q 6 56.60 -42.46 -0.73
C ALA Q 6 55.80 -41.49 0.13
N GLU Q 7 55.48 -41.86 1.37
CA GLU Q 7 54.67 -41.00 2.22
C GLU Q 7 55.39 -39.71 2.61
N ASN Q 8 56.72 -39.70 2.58
CA ASN Q 8 57.47 -38.51 3.00
C ASN Q 8 57.33 -37.35 2.01
N PHE Q 9 56.88 -37.62 0.79
CA PHE Q 9 56.76 -36.60 -0.24
C PHE Q 9 55.29 -36.21 -0.41
N GLU Q 10 55.01 -34.91 -0.30
CA GLU Q 10 53.64 -34.42 -0.42
C GLU Q 10 53.10 -34.61 -1.83
N CYS Q 11 53.97 -34.50 -2.85
CA CYS Q 11 53.51 -34.68 -4.22
C CYS Q 11 53.06 -36.11 -4.47
N LEU Q 12 53.63 -37.08 -3.77
CA LEU Q 12 53.21 -38.48 -3.92
C LEU Q 12 51.92 -38.78 -3.17
N ARG Q 13 51.60 -38.01 -2.14
CA ARG Q 13 50.32 -38.21 -1.44
C ARG Q 13 49.15 -37.60 -2.20
N GLU Q 14 49.41 -36.57 -3.01
CA GLU Q 14 48.37 -35.91 -3.77
C GLU Q 14 48.19 -36.47 -5.17
N SER Q 15 49.11 -37.31 -5.63
CA SER Q 15 49.07 -37.87 -6.98
C SER Q 15 49.18 -39.38 -6.90
N LYS Q 16 48.11 -40.08 -7.32
CA LYS Q 16 48.16 -41.54 -7.37
C LYS Q 16 49.05 -42.03 -8.49
N LEU Q 17 49.13 -41.28 -9.59
CA LEU Q 17 49.97 -41.68 -10.72
C LEU Q 17 51.44 -41.60 -10.36
N LYS Q 18 51.86 -40.48 -9.74
CA LYS Q 18 53.26 -40.33 -9.36
C LYS Q 18 53.65 -41.28 -8.24
N ARG Q 19 52.70 -41.64 -7.37
CA ARG Q 19 53.00 -42.59 -6.31
C ARG Q 19 53.30 -43.97 -6.88
N LYS Q 20 52.49 -44.43 -7.83
CA LYS Q 20 52.69 -45.75 -8.42
C LYS Q 20 54.00 -45.82 -9.19
N VAL Q 21 54.33 -44.78 -9.95
CA VAL Q 21 55.56 -44.76 -10.71
C VAL Q 21 56.77 -44.74 -9.78
N TYR Q 22 56.67 -44.01 -8.66
CA TYR Q 22 57.79 -43.92 -7.73
C TYR Q 22 58.06 -45.27 -7.06
N GLU Q 23 57.01 -45.98 -6.65
CA GLU Q 23 57.22 -47.22 -5.90
C GLU Q 23 57.47 -48.43 -6.78
N ASP Q 24 57.08 -48.37 -8.06
CA ASP Q 24 57.22 -49.52 -8.96
C ASP Q 24 58.31 -49.36 -10.00
N LEU Q 25 58.52 -48.16 -10.53
CA LEU Q 25 59.41 -47.95 -11.66
C LEU Q 25 60.65 -47.13 -11.33
N VAL Q 26 60.75 -46.58 -10.13
CA VAL Q 26 61.89 -45.77 -9.73
C VAL Q 26 62.82 -46.63 -8.90
N LYS Q 27 64.06 -46.81 -9.37
CA LYS Q 27 65.02 -47.61 -8.63
C LYS Q 27 65.70 -46.79 -7.52
N GLU Q 28 66.12 -45.58 -7.84
CA GLU Q 28 66.75 -44.70 -6.87
C GLU Q 28 66.30 -43.26 -7.12
N ALA Q 29 66.40 -42.44 -6.08
CA ALA Q 29 66.03 -41.03 -6.18
C ALA Q 29 66.92 -40.25 -5.21
N THR Q 30 67.96 -39.63 -5.75
CA THR Q 30 68.91 -38.85 -4.96
C THR Q 30 68.59 -37.37 -5.07
N PHE Q 31 68.80 -36.65 -3.97
CA PHE Q 31 68.53 -35.22 -3.90
C PHE Q 31 69.79 -34.49 -3.48
N VAL Q 32 70.11 -33.41 -4.17
CA VAL Q 32 71.30 -32.61 -3.88
C VAL Q 32 70.92 -31.14 -3.90
N ARG Q 33 71.31 -30.42 -2.84
CA ARG Q 33 71.20 -28.96 -2.83
C ARG Q 33 72.43 -28.40 -3.53
N VAL Q 34 72.25 -27.95 -4.77
CA VAL Q 34 73.38 -27.54 -5.60
C VAL Q 34 73.71 -26.06 -5.49
N SER Q 35 72.90 -25.28 -4.80
CA SER Q 35 73.08 -23.83 -4.74
C SER Q 35 72.28 -23.31 -3.57
N PRO Q 36 72.45 -22.03 -3.21
CA PRO Q 36 71.63 -21.46 -2.12
C PRO Q 36 70.12 -21.57 -2.37
N LYS Q 37 69.68 -21.65 -3.61
CA LYS Q 37 68.26 -21.64 -3.93
C LYS Q 37 67.75 -22.90 -4.60
N SER Q 38 68.60 -23.68 -5.27
CA SER Q 38 68.14 -24.76 -6.12
C SER Q 38 68.41 -26.14 -5.50
N THR Q 39 67.54 -27.08 -5.85
CA THR Q 39 67.65 -28.47 -5.43
C THR Q 39 67.47 -29.36 -6.66
N VAL Q 40 68.40 -30.30 -6.85
CA VAL Q 40 68.39 -31.19 -8.01
C VAL Q 40 68.01 -32.59 -7.56
N CYS Q 41 66.97 -33.15 -8.18
CA CYS Q 41 66.55 -34.51 -7.96
C CYS Q 41 66.89 -35.35 -9.19
N VAL Q 42 67.47 -36.52 -8.96
CA VAL Q 42 67.83 -37.44 -10.03
C VAL Q 42 67.10 -38.75 -9.78
N VAL Q 43 66.14 -39.07 -10.66
CA VAL Q 43 65.36 -40.29 -10.58
C VAL Q 43 65.89 -41.26 -11.63
N THR Q 44 66.16 -42.49 -11.20
CA THR Q 44 66.65 -43.54 -12.09
C THR Q 44 65.66 -44.69 -12.13
N ASP Q 45 65.52 -45.30 -13.31
CA ASP Q 45 64.66 -46.45 -13.48
C ASP Q 45 65.48 -47.73 -13.25
N HIS Q 46 64.89 -48.89 -13.52
CA HIS Q 46 65.60 -50.14 -13.33
C HIS Q 46 66.75 -50.31 -14.32
N ASN Q 47 66.75 -49.56 -15.42
CA ASN Q 47 67.84 -49.58 -16.40
C ASN Q 47 68.88 -48.50 -16.14
N SER Q 48 68.85 -47.86 -14.97
CA SER Q 48 69.76 -46.79 -14.60
C SER Q 48 69.68 -45.59 -15.55
N PHE Q 49 68.54 -45.40 -16.21
CA PHE Q 49 68.32 -44.20 -17.01
C PHE Q 49 67.87 -43.07 -16.09
N GLU Q 50 68.55 -41.93 -16.18
CA GLU Q 50 68.37 -40.85 -15.23
C GLU Q 50 67.39 -39.80 -15.75
N VAL Q 51 66.52 -39.34 -14.86
CA VAL Q 51 65.59 -38.25 -15.13
C VAL Q 51 65.81 -37.18 -14.06
N ILE Q 52 66.06 -35.95 -14.50
CA ILE Q 52 66.47 -34.87 -13.61
C ILE Q 52 65.30 -33.92 -13.38
N GLY Q 53 65.09 -33.55 -12.12
CA GLY Q 53 64.12 -32.53 -11.78
C GLY Q 53 64.73 -31.51 -10.83
N THR Q 54 64.40 -30.24 -11.07
CA THR Q 54 64.97 -29.15 -10.28
C THR Q 54 63.86 -28.29 -9.70
N SER Q 55 64.25 -27.49 -8.72
CA SER Q 55 63.36 -26.51 -8.09
C SER Q 55 64.22 -25.35 -7.58
N SER Q 56 63.65 -24.15 -7.64
CA SER Q 56 64.38 -22.95 -7.23
C SER Q 56 63.44 -22.05 -6.45
N VAL Q 57 63.75 -21.83 -5.17
CA VAL Q 57 62.94 -20.94 -4.35
C VAL Q 57 63.24 -19.49 -4.75
N TYR Q 58 62.22 -18.64 -4.69
CA TYR Q 58 62.39 -17.25 -5.08
C TYR Q 58 63.08 -16.44 -3.98
N LYS Q 59 62.69 -16.66 -2.73
CA LYS Q 59 63.33 -16.00 -1.59
C LYS Q 59 64.25 -17.01 -0.91
N VAL Q 60 65.56 -16.76 -1.01
CA VAL Q 60 66.54 -17.71 -0.50
C VAL Q 60 66.43 -17.86 1.01
N GLU Q 61 65.98 -16.82 1.72
CA GLU Q 61 65.82 -16.91 3.16
C GLU Q 61 64.69 -17.84 3.57
N ASN Q 62 63.83 -18.24 2.64
CA ASN Q 62 62.75 -19.18 2.91
C ASN Q 62 63.07 -20.57 2.39
N PHE Q 63 64.36 -20.93 2.32
CA PHE Q 63 64.73 -22.24 1.81
C PHE Q 63 64.35 -23.34 2.80
N ASN Q 64 63.75 -24.40 2.28
CA ASN Q 64 63.36 -25.55 3.08
C ASN Q 64 63.75 -26.81 2.32
N ASP Q 65 64.53 -27.69 2.98
CA ASP Q 65 65.03 -28.88 2.31
C ASP Q 65 63.88 -29.81 1.89
N GLU Q 66 62.86 -29.94 2.73
CA GLU Q 66 61.76 -30.85 2.40
C GLU Q 66 60.93 -30.32 1.24
N ILE Q 67 60.66 -29.01 1.22
CA ILE Q 67 59.91 -28.44 0.11
C ILE Q 67 60.72 -28.48 -1.18
N GLY Q 68 62.02 -28.19 -1.08
CA GLY Q 68 62.87 -28.24 -2.26
C GLY Q 68 62.97 -29.64 -2.86
N ARG Q 69 63.06 -30.66 -2.00
CA ARG Q 69 63.10 -32.03 -2.50
C ARG Q 69 61.77 -32.45 -3.10
N ASP Q 70 60.66 -32.04 -2.47
CA ASP Q 70 59.35 -32.42 -2.99
C ASP Q 70 59.07 -31.77 -4.33
N THR Q 71 59.42 -30.48 -4.47
CA THR Q 71 59.19 -29.80 -5.74
C THR Q 71 60.10 -30.35 -6.84
N ALA Q 72 61.35 -30.66 -6.50
CA ALA Q 72 62.26 -31.20 -7.50
C ALA Q 72 61.87 -32.62 -7.90
N LEU Q 73 61.39 -33.42 -6.95
CA LEU Q 73 60.95 -34.77 -7.28
C LEU Q 73 59.70 -34.75 -8.15
N SER Q 74 58.80 -33.80 -7.91
CA SER Q 74 57.59 -33.69 -8.72
C SER Q 74 57.94 -33.35 -10.16
N GLN Q 75 58.93 -32.47 -10.36
CA GLN Q 75 59.38 -32.16 -11.71
C GLN Q 75 60.01 -33.38 -12.39
N ALA Q 76 60.80 -34.15 -11.64
CA ALA Q 76 61.44 -35.33 -12.21
C ALA Q 76 60.40 -36.37 -12.64
N LEU Q 77 59.33 -36.52 -11.86
CA LEU Q 77 58.28 -37.47 -12.22
C LEU Q 77 57.42 -36.96 -13.37
N ASP Q 78 57.33 -35.64 -13.55
CA ASP Q 78 56.66 -35.10 -14.73
C ASP Q 78 57.38 -35.52 -16.01
N SER Q 79 58.72 -35.47 -16.00
CA SER Q 79 59.47 -35.88 -17.17
C SER Q 79 59.51 -37.39 -17.32
N PHE Q 80 59.53 -38.12 -16.19
CA PHE Q 80 59.54 -39.58 -16.26
C PHE Q 80 58.26 -40.11 -16.91
N ILE Q 81 57.13 -39.45 -16.67
CA ILE Q 81 55.86 -39.86 -17.28
C ILE Q 81 55.93 -39.71 -18.80
N LYS Q 82 56.65 -38.71 -19.29
CA LYS Q 82 56.79 -38.54 -20.73
C LYS Q 82 57.52 -39.72 -21.36
N PHE Q 83 58.53 -40.25 -20.67
CA PHE Q 83 59.23 -41.42 -21.18
C PHE Q 83 58.36 -42.66 -21.12
N LEU Q 84 57.56 -42.80 -20.06
CA LEU Q 84 56.65 -43.94 -19.96
C LEU Q 84 55.55 -43.88 -21.01
N ALA Q 85 55.17 -42.66 -21.43
CA ALA Q 85 54.22 -42.55 -22.54
C ALA Q 85 54.88 -42.86 -23.87
N TYR Q 86 56.19 -42.62 -23.98
CA TYR Q 86 56.91 -42.94 -25.21
C TYR Q 86 57.05 -44.44 -25.38
N SER Q 87 57.33 -45.16 -24.29
CA SER Q 87 57.49 -46.60 -24.34
C SER Q 87 56.16 -47.35 -24.26
N GLY Q 88 55.08 -46.67 -23.86
CA GLY Q 88 53.80 -47.31 -23.66
C GLY Q 88 53.60 -47.87 -22.28
N GLU Q 89 54.62 -47.85 -21.43
CA GLU Q 89 54.49 -48.35 -20.06
C GLU Q 89 53.57 -47.50 -19.21
N LEU Q 90 53.19 -46.30 -19.68
CA LEU Q 90 52.24 -45.48 -18.94
C LEU Q 90 50.86 -46.15 -18.89
N SER Q 91 50.47 -46.83 -19.96
CA SER Q 91 49.20 -47.55 -19.96
C SER Q 91 49.25 -48.73 -18.99
N ASP Q 92 50.44 -49.30 -18.75
CA ASP Q 92 50.57 -50.32 -17.73
C ASP Q 92 50.32 -49.74 -16.34
N VAL Q 93 50.81 -48.53 -16.09
CA VAL Q 93 50.60 -47.87 -14.81
C VAL Q 93 49.19 -47.31 -14.74
N LYS R 3 83.98 -17.77 -12.26
CA LYS R 3 85.29 -17.90 -11.63
C LYS R 3 86.30 -18.54 -12.58
N ILE R 4 85.99 -19.76 -13.03
CA ILE R 4 86.88 -20.43 -13.99
C ILE R 4 86.95 -19.62 -15.27
N ASN R 5 88.16 -19.46 -15.79
CA ASN R 5 88.36 -18.63 -16.96
C ASN R 5 87.65 -19.23 -18.17
N ALA R 6 87.14 -18.35 -19.04
CA ALA R 6 86.38 -18.78 -20.20
C ALA R 6 87.23 -19.57 -21.19
N GLU R 7 88.56 -19.51 -21.07
CA GLU R 7 89.43 -20.24 -22.00
C GLU R 7 89.35 -21.74 -21.77
N ASN R 8 89.01 -22.17 -20.56
CA ASN R 8 88.95 -23.60 -20.23
C ASN R 8 87.69 -24.28 -20.71
N PHE R 9 86.80 -23.57 -21.41
CA PHE R 9 85.51 -24.10 -21.82
C PHE R 9 85.42 -24.07 -23.35
N GLU R 10 85.25 -25.25 -23.95
CA GLU R 10 85.19 -25.33 -25.41
C GLU R 10 83.98 -24.57 -25.96
N CYS R 11 82.83 -24.69 -25.30
CA CYS R 11 81.64 -24.00 -25.76
C CYS R 11 81.82 -22.48 -25.73
N LEU R 12 82.70 -21.99 -24.85
CA LEU R 12 82.99 -20.56 -24.82
C LEU R 12 84.05 -20.17 -25.85
N ARG R 13 84.96 -21.08 -26.18
CA ARG R 13 85.94 -20.79 -27.21
C ARG R 13 85.34 -20.82 -28.61
N GLU R 14 84.23 -21.53 -28.80
CA GLU R 14 83.61 -21.65 -30.12
C GLU R 14 82.43 -20.70 -30.32
N SER R 15 81.93 -20.09 -29.25
CA SER R 15 80.78 -19.19 -29.33
C SER R 15 81.16 -17.84 -28.76
N LYS R 16 81.25 -16.83 -29.63
CA LYS R 16 81.50 -15.47 -29.18
C LYS R 16 80.34 -14.93 -28.35
N LEU R 17 79.12 -15.38 -28.65
CA LEU R 17 77.96 -14.94 -27.89
C LEU R 17 77.99 -15.50 -26.46
N LYS R 18 78.21 -16.81 -26.33
CA LYS R 18 78.27 -17.41 -25.00
C LYS R 18 79.47 -16.90 -24.21
N ARG R 19 80.61 -16.67 -24.88
CA ARG R 19 81.79 -16.19 -24.20
C ARG R 19 81.59 -14.77 -23.67
N LYS R 20 80.88 -13.93 -24.43
CA LYS R 20 80.61 -12.57 -23.98
C LYS R 20 79.66 -12.56 -22.79
N VAL R 21 78.69 -13.47 -22.78
CA VAL R 21 77.76 -13.56 -21.65
C VAL R 21 78.48 -14.05 -20.40
N TYR R 22 79.43 -14.97 -20.56
CA TYR R 22 80.10 -15.56 -19.41
C TYR R 22 80.98 -14.54 -18.69
N GLU R 23 81.72 -13.73 -19.44
CA GLU R 23 82.67 -12.80 -18.83
C GLU R 23 82.01 -11.50 -18.39
N ASP R 24 80.88 -11.12 -18.96
CA ASP R 24 80.24 -9.85 -18.65
C ASP R 24 79.05 -9.97 -17.71
N LEU R 25 78.29 -11.08 -17.77
CA LEU R 25 77.05 -11.19 -17.03
C LEU R 25 76.97 -12.38 -16.08
N VAL R 26 77.90 -13.34 -16.18
CA VAL R 26 77.88 -14.51 -15.31
C VAL R 26 78.79 -14.25 -14.12
N LYS R 27 78.20 -14.29 -12.92
CA LYS R 27 78.97 -14.03 -11.71
C LYS R 27 79.71 -15.27 -11.23
N GLU R 28 79.09 -16.44 -11.33
CA GLU R 28 79.70 -17.67 -10.86
C GLU R 28 79.08 -18.84 -11.62
N ALA R 29 79.88 -19.89 -11.82
CA ALA R 29 79.42 -21.09 -12.52
C ALA R 29 79.99 -22.30 -11.78
N THR R 30 79.16 -22.95 -10.97
CA THR R 30 79.56 -24.13 -10.22
C THR R 30 79.10 -25.38 -10.95
N PHE R 31 79.81 -26.48 -10.70
CA PHE R 31 79.54 -27.76 -11.35
C PHE R 31 79.49 -28.87 -10.30
N VAL R 32 78.50 -29.75 -10.42
CA VAL R 32 78.30 -30.85 -9.48
C VAL R 32 77.97 -32.10 -10.28
N ARG R 33 78.70 -33.18 -10.04
CA ARG R 33 78.34 -34.49 -10.60
C ARG R 33 77.31 -35.12 -9.66
N VAL R 34 76.05 -35.06 -10.06
CA VAL R 34 74.96 -35.51 -9.19
C VAL R 34 74.66 -37.00 -9.34
N SER R 35 75.13 -37.64 -10.41
CA SER R 35 74.78 -39.03 -10.69
C SER R 35 75.89 -39.62 -11.54
N PRO R 36 75.87 -40.95 -11.76
CA PRO R 36 76.92 -41.55 -12.61
C PRO R 36 76.99 -40.98 -14.01
N LYS R 37 75.90 -40.41 -14.52
CA LYS R 37 75.86 -39.97 -15.91
C LYS R 37 75.62 -38.48 -16.10
N SER R 38 75.13 -37.76 -15.09
CA SER R 38 74.71 -36.39 -15.27
C SER R 38 75.62 -35.41 -14.53
N THR R 39 75.77 -34.22 -15.11
CA THR R 39 76.51 -33.12 -14.51
C THR R 39 75.60 -31.91 -14.47
N VAL R 40 75.54 -31.22 -13.34
CA VAL R 40 74.71 -30.04 -13.15
C VAL R 40 75.60 -28.80 -13.10
N CYS R 41 75.22 -27.77 -13.84
CA CYS R 41 75.95 -26.50 -13.88
C CYS R 41 75.00 -25.40 -13.42
N VAL R 42 75.31 -24.79 -12.28
CA VAL R 42 74.52 -23.68 -11.73
C VAL R 42 75.23 -22.38 -12.11
N VAL R 43 74.56 -21.56 -12.92
CA VAL R 43 75.08 -20.28 -13.35
C VAL R 43 74.29 -19.18 -12.63
N THR R 44 75.02 -18.27 -11.98
CA THR R 44 74.41 -17.16 -11.25
C THR R 44 74.84 -15.85 -11.88
N ASP R 45 73.87 -14.97 -12.13
CA ASP R 45 74.18 -13.63 -12.59
C ASP R 45 74.52 -12.75 -11.38
N HIS R 46 74.83 -11.48 -11.64
CA HIS R 46 75.25 -10.60 -10.56
C HIS R 46 74.12 -10.24 -9.60
N ASN R 47 72.89 -10.65 -9.90
CA ASN R 47 71.76 -10.48 -9.00
C ASN R 47 71.42 -11.76 -8.24
N SER R 48 72.32 -12.75 -8.24
CA SER R 48 72.19 -14.03 -7.56
C SER R 48 71.11 -14.93 -8.16
N PHE R 49 70.48 -14.53 -9.26
CA PHE R 49 69.53 -15.40 -9.93
C PHE R 49 70.27 -16.58 -10.55
N GLU R 50 69.71 -17.78 -10.39
CA GLU R 50 70.38 -19.01 -10.76
C GLU R 50 69.82 -19.57 -12.05
N VAL R 51 70.71 -19.99 -12.95
CA VAL R 51 70.35 -20.63 -14.21
C VAL R 51 71.03 -21.99 -14.23
N ILE R 52 70.23 -23.05 -14.45
CA ILE R 52 70.69 -24.43 -14.30
C ILE R 52 70.76 -25.07 -15.68
N GLY R 53 71.86 -25.76 -15.94
CA GLY R 53 71.97 -26.59 -17.12
C GLY R 53 72.58 -27.93 -16.75
N THR R 54 72.14 -28.97 -17.47
CA THR R 54 72.60 -30.33 -17.20
C THR R 54 73.08 -30.98 -18.49
N SER R 55 73.71 -32.14 -18.33
CA SER R 55 74.17 -32.93 -19.46
C SER R 55 74.26 -34.38 -18.99
N SER R 56 73.85 -35.31 -19.86
CA SER R 56 73.83 -36.74 -19.54
C SER R 56 74.50 -37.52 -20.66
N VAL R 57 75.62 -38.15 -20.36
CA VAL R 57 76.32 -38.98 -21.34
C VAL R 57 75.59 -40.31 -21.48
N TYR R 58 75.46 -40.79 -22.71
CA TYR R 58 74.70 -42.01 -22.96
C TYR R 58 75.39 -43.22 -22.35
N LYS R 59 76.65 -43.46 -22.71
CA LYS R 59 77.42 -44.56 -22.17
C LYS R 59 78.19 -44.09 -20.94
N VAL R 60 77.86 -44.64 -19.78
CA VAL R 60 78.47 -44.20 -18.52
C VAL R 60 79.97 -44.52 -18.50
N GLU R 61 80.40 -45.53 -19.24
CA GLU R 61 81.81 -45.90 -19.27
C GLU R 61 82.67 -44.85 -19.98
N ASN R 62 82.06 -43.88 -20.65
CA ASN R 62 82.79 -42.80 -21.32
C ASN R 62 82.61 -41.46 -20.61
N PHE R 63 82.30 -41.47 -19.31
CA PHE R 63 82.09 -40.23 -18.59
C PHE R 63 83.38 -39.43 -18.54
N ASN R 64 83.28 -38.15 -18.87
CA ASN R 64 84.42 -37.25 -18.95
C ASN R 64 84.04 -35.97 -18.22
N ASP R 65 84.84 -35.60 -17.21
CA ASP R 65 84.51 -34.43 -16.39
C ASP R 65 84.54 -33.14 -17.21
N GLU R 66 85.50 -33.02 -18.12
CA GLU R 66 85.59 -31.81 -18.94
C GLU R 66 84.41 -31.70 -19.89
N ILE R 67 84.10 -32.79 -20.60
CA ILE R 67 82.98 -32.76 -21.55
C ILE R 67 81.66 -32.60 -20.81
N GLY R 68 81.51 -33.27 -19.67
CA GLY R 68 80.27 -33.16 -18.90
C GLY R 68 80.05 -31.75 -18.38
N ARG R 69 81.12 -31.08 -17.94
CA ARG R 69 81.01 -29.69 -17.54
C ARG R 69 80.90 -28.77 -18.75
N ASP R 70 81.52 -29.14 -19.87
CA ASP R 70 81.43 -28.33 -21.08
C ASP R 70 80.00 -28.32 -21.62
N THR R 71 79.37 -29.49 -21.68
CA THR R 71 78.02 -29.56 -22.23
C THR R 71 77.00 -28.95 -21.27
N ALA R 72 77.22 -29.10 -19.97
CA ALA R 72 76.27 -28.56 -18.99
C ALA R 72 76.31 -27.04 -18.97
N LEU R 73 77.50 -26.45 -19.06
CA LEU R 73 77.59 -25.00 -19.12
C LEU R 73 76.94 -24.45 -20.38
N SER R 74 77.11 -25.14 -21.51
CA SER R 74 76.50 -24.69 -22.76
C SER R 74 74.99 -24.73 -22.68
N GLN R 75 74.44 -25.68 -21.92
CA GLN R 75 72.99 -25.72 -21.75
C GLN R 75 72.51 -24.58 -20.86
N ALA R 76 73.20 -24.34 -19.73
CA ALA R 76 72.81 -23.24 -18.85
C ALA R 76 72.90 -21.88 -19.54
N LEU R 77 73.86 -21.71 -20.44
CA LEU R 77 73.97 -20.44 -21.17
C LEU R 77 72.86 -20.27 -22.20
N ASP R 78 72.38 -21.37 -22.79
CA ASP R 78 71.24 -21.29 -23.69
C ASP R 78 70.00 -20.79 -22.96
N SER R 79 69.84 -21.19 -21.69
CA SER R 79 68.73 -20.71 -20.89
C SER R 79 68.95 -19.27 -20.44
N PHE R 80 70.20 -18.92 -20.10
CA PHE R 80 70.51 -17.55 -19.70
C PHE R 80 70.22 -16.58 -20.84
N ILE R 81 70.50 -16.98 -22.08
CA ILE R 81 70.21 -16.13 -23.23
C ILE R 81 68.71 -15.84 -23.32
N LYS R 82 67.88 -16.81 -22.93
CA LYS R 82 66.43 -16.58 -22.92
C LYS R 82 66.06 -15.48 -21.94
N PHE R 83 66.64 -15.51 -20.73
CA PHE R 83 66.39 -14.45 -19.76
C PHE R 83 66.94 -13.11 -20.24
N LEU R 84 68.05 -13.13 -20.98
CA LEU R 84 68.57 -11.88 -21.53
C LEU R 84 67.68 -11.35 -22.64
N ALA R 85 67.06 -12.24 -23.41
CA ALA R 85 66.11 -11.80 -24.43
C ALA R 85 64.83 -11.26 -23.81
N TYR R 86 64.49 -11.71 -22.60
CA TYR R 86 63.30 -11.23 -21.94
C TYR R 86 63.47 -9.78 -21.47
N SER R 87 64.56 -9.50 -20.75
CA SER R 87 64.83 -8.17 -20.25
C SER R 87 65.41 -7.24 -21.30
N GLY R 88 65.64 -7.72 -22.53
CA GLY R 88 66.27 -6.93 -23.56
C GLY R 88 67.76 -6.74 -23.38
N GLU R 89 68.36 -7.31 -22.34
CA GLU R 89 69.79 -7.18 -22.12
C GLU R 89 70.60 -7.93 -23.17
N LEU R 90 69.98 -8.88 -23.86
CA LEU R 90 70.67 -9.59 -24.94
C LEU R 90 71.05 -8.64 -26.07
N SER R 91 70.32 -7.53 -26.23
CA SER R 91 70.67 -6.55 -27.24
C SER R 91 72.05 -5.97 -26.99
N ASP R 92 72.38 -5.69 -25.72
CA ASP R 92 73.69 -5.16 -25.39
C ASP R 92 74.79 -6.17 -25.69
N VAL R 93 74.53 -7.45 -25.45
CA VAL R 93 75.52 -8.49 -25.76
C VAL R 93 75.68 -8.62 -27.27
N LEU R 94 74.56 -8.60 -28.01
CA LEU R 94 74.64 -8.72 -29.46
C LEU R 94 75.27 -7.50 -30.09
N GLU R 95 75.16 -6.33 -29.46
CA GLU R 95 75.78 -5.13 -29.99
C GLU R 95 77.30 -5.20 -29.97
N ASN R 96 77.89 -6.08 -29.16
CA ASN R 96 79.32 -6.29 -29.17
C ASN R 96 79.70 -7.43 -30.11
N LYS S 3 57.35 -36.13 -45.59
CA LYS S 3 58.67 -35.85 -45.06
C LYS S 3 59.58 -35.20 -46.07
N ILE S 4 60.02 -33.99 -45.74
CA ILE S 4 60.93 -33.23 -46.60
C ILE S 4 62.33 -33.81 -46.47
N ASN S 5 63.05 -33.85 -47.59
CA ASN S 5 64.40 -34.41 -47.62
C ASN S 5 65.28 -33.79 -46.55
N ALA S 6 66.14 -34.63 -45.95
CA ALA S 6 67.06 -34.15 -44.93
C ALA S 6 68.09 -33.18 -45.48
N GLU S 7 68.34 -33.23 -46.79
CA GLU S 7 69.30 -32.32 -47.40
C GLU S 7 68.90 -30.86 -47.23
N ASN S 8 67.59 -30.58 -47.15
CA ASN S 8 67.13 -29.20 -47.14
C ASN S 8 67.27 -28.54 -45.77
N PHE S 9 67.44 -29.31 -44.70
CA PHE S 9 67.60 -28.76 -43.35
C PHE S 9 69.07 -28.68 -43.01
N GLU S 10 69.51 -27.51 -42.53
CA GLU S 10 70.92 -27.31 -42.22
C GLU S 10 71.36 -28.16 -41.03
N CYS S 11 70.51 -28.26 -40.01
CA CYS S 11 70.87 -29.06 -38.84
C CYS S 11 71.04 -30.53 -39.18
N LEU S 12 70.42 -31.00 -40.27
CA LEU S 12 70.59 -32.37 -40.72
C LEU S 12 71.81 -32.55 -41.61
N ARG S 13 72.24 -31.49 -42.30
CA ARG S 13 73.46 -31.56 -43.09
C ARG S 13 74.71 -31.48 -42.22
N GLU S 14 74.62 -30.80 -41.08
CA GLU S 14 75.78 -30.59 -40.21
C GLU S 14 75.87 -31.61 -39.08
N SER S 15 74.88 -32.51 -38.96
CA SER S 15 74.87 -33.51 -37.90
C SER S 15 74.55 -34.86 -38.50
N LYS S 16 75.55 -35.74 -38.55
CA LYS S 16 75.32 -37.11 -39.01
C LYS S 16 74.35 -37.84 -38.10
N LEU S 17 74.35 -37.52 -36.81
CA LEU S 17 73.44 -38.17 -35.87
C LEU S 17 71.99 -37.78 -36.14
N LYS S 18 71.72 -36.47 -36.19
CA LYS S 18 70.35 -36.00 -36.38
C LYS S 18 69.79 -36.43 -37.73
N ARG S 19 70.64 -36.51 -38.76
CA ARG S 19 70.15 -36.90 -40.08
C ARG S 19 69.73 -38.36 -40.09
N LYS S 20 70.49 -39.24 -39.42
CA LYS S 20 70.12 -40.65 -39.38
C LYS S 20 68.90 -40.89 -38.52
N VAL S 21 68.71 -40.09 -37.47
CA VAL S 21 67.48 -40.17 -36.69
C VAL S 21 66.30 -39.67 -37.51
N TYR S 22 66.52 -38.63 -38.32
CA TYR S 22 65.44 -38.08 -39.13
C TYR S 22 65.06 -39.02 -40.27
N GLU S 23 66.04 -39.68 -40.89
CA GLU S 23 65.77 -40.51 -42.05
C GLU S 23 65.12 -41.83 -41.67
N ASP S 24 65.61 -42.48 -40.61
CA ASP S 24 65.19 -43.85 -40.29
C ASP S 24 64.10 -43.94 -39.24
N LEU S 25 64.02 -42.99 -38.31
CA LEU S 25 63.13 -43.11 -37.16
C LEU S 25 61.99 -42.10 -37.12
N VAL S 26 62.00 -41.09 -37.99
CA VAL S 26 60.98 -40.06 -37.97
C VAL S 26 59.88 -40.41 -38.97
N LYS S 27 58.63 -40.39 -38.50
CA LYS S 27 57.47 -40.68 -39.33
C LYS S 27 56.95 -39.43 -40.04
N GLU S 28 56.99 -38.28 -39.36
CA GLU S 28 56.52 -37.02 -39.94
C GLU S 28 57.18 -35.88 -39.18
N ALA S 29 57.31 -34.74 -39.86
CA ALA S 29 57.92 -33.55 -39.26
C ALA S 29 57.21 -32.33 -39.83
N THR S 30 56.22 -31.82 -39.10
CA THR S 30 55.42 -30.68 -39.54
C THR S 30 55.80 -29.43 -38.74
N PHE S 31 55.56 -28.28 -39.35
CA PHE S 31 55.92 -26.99 -38.77
C PHE S 31 54.71 -26.06 -38.78
N VAL S 32 54.58 -25.26 -37.72
CA VAL S 32 53.52 -24.26 -37.62
C VAL S 32 54.14 -22.97 -37.09
N ARG S 33 53.77 -21.85 -37.69
CA ARG S 33 54.11 -20.54 -37.14
C ARG S 33 53.02 -20.15 -36.15
N VAL S 34 53.34 -20.25 -34.86
CA VAL S 34 52.35 -20.02 -33.81
C VAL S 34 52.27 -18.57 -33.36
N SER S 35 53.21 -17.73 -33.78
CA SER S 35 53.29 -16.35 -33.32
C SER S 35 54.22 -15.56 -34.22
N PRO S 36 54.31 -14.23 -34.08
CA PRO S 36 55.23 -13.46 -34.93
C PRO S 36 56.69 -13.90 -34.81
N LYS S 37 57.10 -14.49 -33.69
CA LYS S 37 58.49 -14.81 -33.46
C LYS S 37 58.79 -16.29 -33.31
N SER S 38 57.79 -17.14 -33.08
CA SER S 38 58.04 -18.53 -32.76
C SER S 38 57.56 -19.47 -33.86
N THR S 39 58.29 -20.56 -34.03
CA THR S 39 57.95 -21.65 -34.94
C THR S 39 57.96 -22.96 -34.15
N VAL S 40 56.88 -23.74 -34.28
CA VAL S 40 56.75 -25.01 -33.58
C VAL S 40 56.95 -26.14 -34.58
N CYS S 41 57.87 -27.05 -34.27
CA CYS S 41 58.12 -28.23 -35.07
C CYS S 41 57.63 -29.46 -34.32
N VAL S 42 56.78 -30.26 -34.97
CA VAL S 42 56.20 -31.45 -34.37
C VAL S 42 56.78 -32.65 -35.10
N VAL S 43 57.63 -33.40 -34.41
CA VAL S 43 58.23 -34.62 -34.94
C VAL S 43 57.49 -35.82 -34.34
N THR S 44 57.10 -36.75 -35.19
CA THR S 44 56.38 -37.95 -34.76
C THR S 44 57.22 -39.18 -35.08
N ASP S 45 57.21 -40.15 -34.17
CA ASP S 45 57.81 -41.45 -34.44
C ASP S 45 56.80 -42.31 -35.20
N HIS S 46 57.22 -43.51 -35.59
CA HIS S 46 56.34 -44.39 -36.33
C HIS S 46 55.19 -44.93 -35.49
N ASN S 47 55.21 -44.68 -34.18
CA ASN S 47 54.08 -44.97 -33.31
C ASN S 47 53.27 -43.71 -32.98
N SER S 48 53.55 -42.60 -33.66
CA SER S 48 52.82 -41.34 -33.51
C SER S 48 52.93 -40.81 -32.08
N PHE S 49 54.14 -40.84 -31.51
CA PHE S 49 54.31 -40.37 -30.14
C PHE S 49 54.43 -38.85 -30.06
N GLU S 50 54.97 -38.20 -31.09
CA GLU S 50 55.13 -36.75 -31.15
C GLU S 50 56.20 -36.23 -30.19
N VAL S 51 57.14 -35.46 -30.72
CA VAL S 51 58.11 -34.71 -29.94
C VAL S 51 58.11 -33.29 -30.47
N ILE S 52 58.06 -32.31 -29.57
CA ILE S 52 57.84 -30.91 -29.92
C ILE S 52 59.13 -30.13 -29.71
N GLY S 53 59.50 -29.35 -30.71
CA GLY S 53 60.62 -28.42 -30.58
C GLY S 53 60.25 -27.06 -31.16
N THR S 54 60.66 -26.02 -30.44
CA THR S 54 60.29 -24.65 -30.80
C THR S 54 61.53 -23.80 -31.02
N SER S 55 61.35 -22.74 -31.81
CA SER S 55 62.38 -21.73 -32.04
C SER S 55 61.74 -20.36 -31.93
N SER S 56 62.51 -19.38 -31.45
CA SER S 56 62.01 -18.03 -31.24
C SER S 56 63.11 -17.04 -31.56
N VAL S 57 62.90 -16.23 -32.61
CA VAL S 57 63.87 -15.22 -32.99
C VAL S 57 63.77 -14.02 -32.07
N TYR S 58 64.92 -13.41 -31.78
CA TYR S 58 64.95 -12.28 -30.85
C TYR S 58 64.32 -11.03 -31.46
N LYS S 59 64.65 -10.73 -32.71
CA LYS S 59 64.11 -9.58 -33.41
C LYS S 59 63.10 -10.07 -34.44
N VAL S 60 61.86 -9.61 -34.31
CA VAL S 60 60.79 -10.07 -35.20
C VAL S 60 61.05 -9.61 -36.63
N GLU S 61 61.79 -8.52 -36.81
CA GLU S 61 62.10 -8.04 -38.16
C GLU S 61 63.02 -8.98 -38.92
N ASN S 62 63.60 -9.98 -38.26
CA ASN S 62 64.51 -10.92 -38.91
C ASN S 62 63.90 -12.30 -39.08
N PHE S 63 62.58 -12.43 -38.96
CA PHE S 63 61.95 -13.73 -39.05
C PHE S 63 62.18 -14.34 -40.43
N ASN S 64 62.67 -15.57 -40.45
CA ASN S 64 62.94 -16.30 -41.68
C ASN S 64 62.34 -17.69 -41.54
N ASP S 65 61.41 -18.04 -42.43
CA ASP S 65 60.74 -19.33 -42.35
C ASP S 65 61.74 -20.48 -42.40
N GLU S 66 62.76 -20.35 -43.24
CA GLU S 66 63.75 -21.42 -43.39
C GLU S 66 64.54 -21.63 -42.10
N ILE S 67 65.01 -20.54 -41.49
CA ILE S 67 65.78 -20.64 -40.27
C ILE S 67 64.89 -21.07 -39.10
N GLY S 68 63.64 -20.60 -39.09
CA GLY S 68 62.74 -20.98 -38.01
C GLY S 68 62.44 -22.46 -37.98
N ARG S 69 62.26 -23.08 -39.16
CA ARG S 69 62.01 -24.51 -39.22
C ARG S 69 63.26 -25.30 -38.82
N ASP S 70 64.43 -24.87 -39.30
CA ASP S 70 65.65 -25.62 -39.02
C ASP S 70 66.02 -25.57 -37.54
N THR S 71 65.90 -24.39 -36.92
CA THR S 71 66.21 -24.27 -35.50
C THR S 71 65.22 -25.06 -34.64
N ALA S 72 63.94 -24.99 -34.99
CA ALA S 72 62.92 -25.72 -34.22
C ALA S 72 63.05 -27.21 -34.41
N LEU S 73 63.35 -27.65 -35.64
CA LEU S 73 63.55 -29.08 -35.88
C LEU S 73 64.79 -29.60 -35.15
N SER S 74 65.84 -28.78 -35.08
CA SER S 74 67.04 -29.19 -34.34
C SER S 74 66.73 -29.36 -32.86
N GLN S 75 65.92 -28.45 -32.29
CA GLN S 75 65.53 -28.58 -30.90
C GLN S 75 64.63 -29.78 -30.68
N ALA S 76 63.74 -30.06 -31.63
CA ALA S 76 62.86 -31.22 -31.49
C ALA S 76 63.65 -32.53 -31.53
N LEU S 77 64.70 -32.58 -32.35
CA LEU S 77 65.50 -33.80 -32.43
C LEU S 77 66.36 -33.99 -31.19
N ASP S 78 66.75 -32.89 -30.52
CA ASP S 78 67.46 -33.01 -29.25
C ASP S 78 66.61 -33.74 -28.22
N SER S 79 65.31 -33.45 -28.18
CA SER S 79 64.43 -34.13 -27.25
C SER S 79 64.10 -35.55 -27.70
N PHE S 80 63.98 -35.75 -29.02
CA PHE S 80 63.73 -37.09 -29.55
C PHE S 80 64.87 -38.04 -29.17
N ILE S 81 66.11 -37.54 -29.19
CA ILE S 81 67.25 -38.37 -28.81
C ILE S 81 67.14 -38.81 -27.36
N LYS S 82 66.62 -37.94 -26.49
CA LYS S 82 66.42 -38.32 -25.09
C LYS S 82 65.49 -39.52 -24.97
N PHE S 83 64.42 -39.56 -25.78
CA PHE S 83 63.53 -40.71 -25.77
C PHE S 83 64.22 -41.94 -26.36
N LEU S 84 65.04 -41.75 -27.40
CA LEU S 84 65.77 -42.88 -27.96
C LEU S 84 66.79 -43.43 -26.97
N ALA S 85 67.39 -42.57 -26.15
CA ALA S 85 68.29 -43.05 -25.10
C ALA S 85 67.53 -43.78 -24.02
N TYR S 86 66.27 -43.41 -23.77
CA TYR S 86 65.49 -44.06 -22.73
C TYR S 86 65.15 -45.49 -23.12
N SER S 87 64.62 -45.69 -24.34
CA SER S 87 64.30 -47.03 -24.81
C SER S 87 65.52 -47.81 -25.26
N GLY S 88 66.71 -47.20 -25.26
CA GLY S 88 67.89 -47.84 -25.75
C GLY S 88 68.02 -47.88 -27.26
N GLU S 89 67.00 -47.40 -27.99
CA GLU S 89 67.04 -47.43 -29.45
C GLU S 89 68.12 -46.51 -30.01
N LEU S 90 68.63 -45.57 -29.20
CA LEU S 90 69.73 -44.72 -29.64
C LEU S 90 70.98 -45.54 -29.95
N SER S 91 71.12 -46.71 -29.31
CA SER S 91 72.27 -47.56 -29.59
C SER S 91 72.22 -48.10 -31.02
N ASP S 92 71.09 -48.67 -31.41
CA ASP S 92 70.93 -49.23 -32.76
C ASP S 92 70.96 -48.17 -33.84
N ASN T 5 38.51 -13.08 -20.19
CA ASN T 5 39.17 -14.29 -20.66
C ASN T 5 39.68 -15.12 -19.48
N ALA T 6 40.00 -14.43 -18.37
CA ALA T 6 40.67 -15.08 -17.26
C ALA T 6 39.76 -16.09 -16.56
N GLU T 7 38.49 -15.75 -16.37
CA GLU T 7 37.59 -16.60 -15.58
C GLU T 7 37.35 -17.96 -16.22
N ASN T 8 37.63 -18.11 -17.52
CA ASN T 8 37.31 -19.33 -18.24
C ASN T 8 38.39 -20.40 -18.14
N PHE T 9 39.45 -20.16 -17.37
CA PHE T 9 40.56 -21.10 -17.25
C PHE T 9 40.61 -21.67 -15.84
N GLU T 10 40.70 -23.00 -15.75
CA GLU T 10 40.73 -23.66 -14.45
C GLU T 10 42.01 -23.32 -13.70
N CYS T 11 43.15 -23.27 -14.40
CA CYS T 11 44.41 -22.92 -13.76
C CYS T 11 44.43 -21.47 -13.27
N LEU T 12 43.59 -20.61 -13.83
CA LEU T 12 43.50 -19.25 -13.32
C LEU T 12 42.52 -19.14 -12.16
N ARG T 13 41.54 -20.04 -12.10
CA ARG T 13 40.60 -20.04 -10.98
C ARG T 13 41.24 -20.58 -9.70
N GLU T 14 42.15 -21.54 -9.82
CA GLU T 14 42.74 -22.20 -8.66
C GLU T 14 44.04 -21.56 -8.20
N SER T 15 44.58 -20.62 -8.96
CA SER T 15 45.79 -19.91 -8.56
C SER T 15 45.55 -18.41 -8.70
N LYS T 16 45.62 -17.69 -7.58
CA LYS T 16 45.57 -16.23 -7.63
C LYS T 16 46.84 -15.63 -8.19
N LEU T 17 47.96 -16.36 -8.09
CA LEU T 17 49.22 -15.88 -8.63
C LEU T 17 49.21 -15.86 -10.16
N LYS T 18 48.84 -16.98 -10.77
CA LYS T 18 48.80 -17.04 -12.23
C LYS T 18 47.69 -16.16 -12.78
N ARG T 19 46.57 -16.04 -12.08
CA ARG T 19 45.50 -15.15 -12.54
C ARG T 19 45.95 -13.69 -12.53
N LYS T 20 46.61 -13.26 -11.46
CA LYS T 20 47.08 -11.88 -11.39
C LYS T 20 48.12 -11.60 -12.47
N VAL T 21 48.97 -12.58 -12.77
CA VAL T 21 49.93 -12.42 -13.86
C VAL T 21 49.21 -12.38 -15.20
N TYR T 22 48.18 -13.20 -15.37
CA TYR T 22 47.43 -13.23 -16.62
C TYR T 22 46.65 -11.95 -16.84
N GLU T 23 46.12 -11.37 -15.75
CA GLU T 23 45.31 -10.17 -15.88
C GLU T 23 46.16 -8.92 -16.15
N ASP T 24 47.30 -8.80 -15.46
CA ASP T 24 48.09 -7.57 -15.50
C ASP T 24 49.29 -7.65 -16.43
N LEU T 25 50.00 -8.77 -16.47
CA LEU T 25 51.27 -8.86 -17.17
C LEU T 25 51.19 -9.60 -18.49
N VAL T 26 50.05 -10.20 -18.82
CA VAL T 26 49.88 -10.93 -20.08
C VAL T 26 49.13 -10.03 -21.05
N LYS T 27 49.72 -9.79 -22.22
CA LYS T 27 49.11 -8.99 -23.26
C LYS T 27 48.20 -9.82 -24.17
N GLU T 28 48.70 -10.97 -24.63
CA GLU T 28 47.92 -11.87 -25.47
C GLU T 28 48.23 -13.30 -25.09
N ALA T 29 47.25 -14.18 -25.28
CA ALA T 29 47.40 -15.61 -25.00
C ALA T 29 46.64 -16.37 -26.09
N THR T 30 47.39 -16.95 -27.02
CA THR T 30 46.81 -17.68 -28.14
C THR T 30 47.08 -19.17 -27.99
N PHE T 31 46.21 -19.98 -28.60
CA PHE T 31 46.31 -21.44 -28.52
C PHE T 31 46.18 -22.01 -29.92
N VAL T 32 47.05 -22.97 -30.25
CA VAL T 32 47.07 -23.60 -31.56
C VAL T 32 47.21 -25.11 -31.35
N ARG T 33 46.30 -25.88 -31.96
CA ARG T 33 46.42 -27.33 -31.99
C ARG T 33 47.36 -27.69 -33.13
N VAL T 34 48.60 -28.07 -32.79
CA VAL T 34 49.63 -28.31 -33.79
C VAL T 34 49.73 -29.76 -34.21
N SER T 35 48.98 -30.66 -33.59
CA SER T 35 49.07 -32.09 -33.86
C SER T 35 47.83 -32.76 -33.32
N PRO T 36 47.59 -34.03 -33.68
CA PRO T 36 46.41 -34.73 -33.14
C PRO T 36 46.38 -34.83 -31.62
N LYS T 37 47.53 -34.71 -30.95
CA LYS T 37 47.60 -34.93 -29.51
C LYS T 37 48.05 -33.72 -28.70
N SER T 38 48.65 -32.71 -29.33
CA SER T 38 49.32 -31.65 -28.60
C SER T 38 48.66 -30.29 -28.86
N THR T 39 48.80 -29.41 -27.88
CA THR T 39 48.31 -28.04 -27.95
C THR T 39 49.43 -27.10 -27.53
N VAL T 40 49.59 -25.99 -28.25
CA VAL T 40 50.63 -25.01 -27.99
C VAL T 40 49.99 -23.70 -27.58
N CYS T 41 50.42 -23.18 -26.43
CA CYS T 41 49.98 -21.88 -25.94
C CYS T 41 51.14 -20.89 -26.01
N VAL T 42 50.90 -19.75 -26.64
CA VAL T 42 51.90 -18.69 -26.77
C VAL T 42 51.43 -17.51 -25.91
N VAL T 43 52.13 -17.28 -24.81
CA VAL T 43 51.86 -16.14 -23.93
C VAL T 43 52.78 -15.00 -24.32
N THR T 44 52.19 -13.82 -24.54
CA THR T 44 52.93 -12.63 -24.95
C THR T 44 52.75 -11.55 -23.89
N ASP T 45 53.87 -11.05 -23.36
CA ASP T 45 53.81 -9.98 -22.37
C ASP T 45 53.68 -8.64 -23.10
N HIS T 46 53.80 -7.54 -22.36
CA HIS T 46 53.60 -6.22 -22.92
C HIS T 46 54.79 -5.72 -23.73
N ASN T 47 55.89 -6.49 -23.80
CA ASN T 47 57.03 -6.15 -24.62
C ASN T 47 57.19 -7.10 -25.81
N SER T 48 56.11 -7.79 -26.19
CA SER T 48 56.08 -8.73 -27.31
C SER T 48 57.03 -9.91 -27.11
N PHE T 49 57.45 -10.18 -25.88
CA PHE T 49 58.22 -11.37 -25.58
C PHE T 49 57.27 -12.56 -25.43
N GLU T 50 57.62 -13.68 -26.06
CA GLU T 50 56.73 -14.82 -26.18
C GLU T 50 57.18 -15.96 -25.27
N VAL T 51 56.24 -16.51 -24.51
CA VAL T 51 56.48 -17.66 -23.65
C VAL T 51 55.58 -18.79 -24.14
N ILE T 52 56.16 -19.97 -24.33
CA ILE T 52 55.49 -21.10 -24.95
C ILE T 52 55.26 -22.19 -23.92
N GLY T 53 54.03 -22.68 -23.85
CA GLY T 53 53.71 -23.84 -23.04
C GLY T 53 52.93 -24.84 -23.86
N THR T 54 53.23 -26.12 -23.66
CA THR T 54 52.63 -27.18 -24.45
C THR T 54 51.98 -28.23 -23.54
N SER T 55 51.07 -29.00 -24.14
CA SER T 55 50.44 -30.13 -23.49
C SER T 55 50.24 -31.22 -24.52
N SER T 56 50.14 -32.46 -24.05
CA SER T 56 49.97 -33.60 -24.95
C SER T 56 49.19 -34.70 -24.22
N VAL T 57 48.00 -35.01 -24.72
CA VAL T 57 47.22 -36.10 -24.13
C VAL T 57 47.89 -37.43 -24.46
N TYR T 58 47.75 -38.39 -23.55
CA TYR T 58 48.31 -39.72 -23.79
C TYR T 58 47.49 -40.46 -24.85
N LYS T 59 46.17 -40.43 -24.71
CA LYS T 59 45.26 -41.09 -25.65
C LYS T 59 44.66 -40.02 -26.56
N VAL T 60 44.88 -40.17 -27.87
CA VAL T 60 44.40 -39.17 -28.82
C VAL T 60 42.87 -39.12 -28.84
N GLU T 61 42.22 -40.25 -28.58
CA GLU T 61 40.76 -40.28 -28.60
C GLU T 61 40.14 -39.53 -27.42
N ASN T 62 40.93 -39.18 -26.41
CA ASN T 62 40.45 -38.42 -25.26
C ASN T 62 40.73 -36.93 -25.39
N PHE T 63 40.98 -36.46 -26.61
CA PHE T 63 41.36 -35.06 -26.81
C PHE T 63 40.23 -34.12 -26.43
N ASN T 64 40.57 -33.03 -25.75
CA ASN T 64 39.60 -32.02 -25.34
C ASN T 64 40.24 -30.65 -25.53
N ASP T 65 39.56 -29.78 -26.27
CA ASP T 65 40.12 -28.46 -26.58
C ASP T 65 40.33 -27.63 -25.33
N GLU T 66 39.33 -27.60 -24.45
CA GLU T 66 39.41 -26.74 -23.27
C GLU T 66 40.48 -27.25 -22.30
N ILE T 67 40.65 -28.56 -22.19
CA ILE T 67 41.68 -29.10 -21.31
C ILE T 67 43.07 -28.83 -21.89
N GLY T 68 43.19 -28.85 -23.22
CA GLY T 68 44.48 -28.56 -23.83
C GLY T 68 44.92 -27.12 -23.63
N ARG T 69 44.00 -26.17 -23.82
CA ARG T 69 44.31 -24.77 -23.59
C ARG T 69 44.62 -24.50 -22.12
N ASP T 70 43.91 -25.17 -21.20
CA ASP T 70 44.18 -24.96 -19.79
C ASP T 70 45.53 -25.51 -19.38
N THR T 71 45.87 -26.72 -19.85
CA THR T 71 47.13 -27.35 -19.48
C THR T 71 48.31 -26.64 -20.13
N ALA T 72 48.17 -26.24 -21.40
CA ALA T 72 49.24 -25.52 -22.08
C ALA T 72 49.44 -24.13 -21.51
N LEU T 73 48.36 -23.47 -21.09
CA LEU T 73 48.49 -22.15 -20.47
C LEU T 73 49.16 -22.25 -19.11
N SER T 74 48.82 -23.28 -18.34
CA SER T 74 49.41 -23.43 -17.01
C SER T 74 50.92 -23.63 -17.09
N GLN T 75 51.38 -24.43 -18.05
CA GLN T 75 52.82 -24.62 -18.21
C GLN T 75 53.48 -23.35 -18.76
N ALA T 76 52.77 -22.63 -19.64
CA ALA T 76 53.32 -21.38 -20.16
C ALA T 76 53.46 -20.33 -19.06
N LEU T 77 52.47 -20.26 -18.16
CA LEU T 77 52.56 -19.33 -17.04
C LEU T 77 53.61 -19.77 -16.03
N ASP T 78 53.87 -21.07 -15.93
CA ASP T 78 54.96 -21.54 -15.08
C ASP T 78 56.31 -21.05 -15.60
N SER T 79 56.51 -21.09 -16.92
CA SER T 79 57.73 -20.56 -17.50
C SER T 79 57.77 -19.04 -17.42
N PHE T 80 56.60 -18.40 -17.51
CA PHE T 80 56.55 -16.93 -17.41
C PHE T 80 56.95 -16.47 -16.02
N ILE T 81 56.58 -17.23 -14.98
CA ILE T 81 56.94 -16.85 -13.61
C ILE T 81 58.45 -16.91 -13.41
N LYS T 82 59.14 -17.80 -14.13
CA LYS T 82 60.60 -17.80 -14.10
C LYS T 82 61.17 -16.48 -14.59
N PHE T 83 60.67 -15.98 -15.72
CA PHE T 83 61.13 -14.70 -16.23
C PHE T 83 60.78 -13.56 -15.28
N LEU T 84 59.62 -13.66 -14.62
CA LEU T 84 59.25 -12.65 -13.62
C LEU T 84 60.15 -12.72 -12.40
N ALA T 85 60.69 -13.91 -12.09
CA ALA T 85 61.66 -14.03 -11.02
C ALA T 85 63.03 -13.51 -11.42
N TYR T 86 63.38 -13.62 -12.71
CA TYR T 86 64.65 -13.06 -13.18
C TYR T 86 64.66 -11.55 -13.04
N SER T 87 63.58 -10.90 -13.45
CA SER T 87 63.40 -9.48 -13.17
C SER T 87 62.88 -9.33 -11.74
N GLY T 88 62.48 -8.13 -11.37
CA GLY T 88 61.95 -7.88 -10.05
C GLY T 88 60.44 -7.88 -9.95
N GLU T 89 59.74 -8.17 -11.05
CA GLU T 89 58.29 -8.02 -11.06
C GLU T 89 57.57 -9.10 -10.26
N LEU T 90 58.22 -10.25 -10.02
CA LEU T 90 57.55 -11.31 -9.26
C LEU T 90 57.23 -10.85 -7.85
N SER T 91 58.13 -10.07 -7.24
CA SER T 91 57.85 -9.52 -5.91
C SER T 91 56.67 -8.55 -5.96
N ASP T 92 56.53 -7.81 -7.06
CA ASP T 92 55.40 -6.90 -7.22
C ASP T 92 54.08 -7.66 -7.35
N VAL T 93 54.11 -8.83 -7.99
CA VAL T 93 52.90 -9.63 -8.14
C VAL T 93 52.53 -10.28 -6.81
N LEU T 94 53.54 -10.73 -6.05
CA LEU T 94 53.27 -11.36 -4.76
C LEU T 94 52.69 -10.34 -3.77
N GLU T 95 53.09 -9.08 -3.86
CA GLU T 95 52.52 -8.04 -3.02
C GLU T 95 51.16 -7.56 -3.53
N ASN T 96 50.75 -7.98 -4.73
CA ASN T 96 49.50 -7.56 -5.35
C ASN T 96 49.42 -6.05 -5.49
#